data_8X0E
#
_entry.id   8X0E
#
_cell.length_a   1.00
_cell.length_b   1.00
_cell.length_c   1.00
_cell.angle_alpha   90.00
_cell.angle_beta   90.00
_cell.angle_gamma   90.00
#
_symmetry.space_group_name_H-M   'P 1'
#
loop_
_entity.id
_entity.type
_entity.pdbx_description
1 polymer 'Metabotropic glutamate receptor 5'
2 non-polymer 2-acetamido-2-deoxy-beta-D-glucopyranose
3 non-polymer '(S)-2-AMINO-3-(3,5-DIOXO-[1,2,4]OXADIAZOLIDIN-2-YL)-PROPIONIC ACID'
#
_entity_poly.entity_id   1
_entity_poly.type   'polypeptide(L)'
_entity_poly.pdbx_seq_one_letter_code
;QSSERRVVAHMPGDIIIGALFSVHHQPTVDKVHERKCGAVREQYGIQRVEAMLHTLERINSDPTLLPNITLGCEIRDSCW
HSAVALEQSIEFIRDSLISSEEEEGLVRCVDGSSSSFRSKKPIVGVIGPGSSSVAIQVQNLLQLFNIPQIAYSATSMDLS
DKTLFKYFMRVVPSDAQQARAMVDIVKRYNWTYVSAVHTEGNYGESGMEAFKDMSAKEGICIAHSYKIYSNAGEQSFDKL
LKKLTSHLPKARVVACFCEGMTVRGLLMAMRRLGLAGEFLLLGSDGWADRYDVTDGYQREAVGGITIKLQSPDVKWFDDY
YLKLRPETNLRNPWFQEFWQHRFQCRLEGFPQENSKYNKTCNSSLTLKTHHVQDSKMGFVINAIYSMAYGLHNMQMSLCP
GYAGLCDAMKPIDGRKLLESLMKTNFTGVSGDTILFDENGDSPGRYEIMNFKEMGKDYFDYINVGSWDNGELKMDDDEVW
SKKSNIIRSVCSEPCEKGQIKVIRKGEVSCCWTCTPCKENEYVFDEYTCKACQLGSWPTDDLTGCDLIPVQYLRWGDPEP
IAAVVFACLGLLATLFVTVVFIIYRDTPVVKSSSRELCYIILAGICLGYLCTFCLIAKPKQIYCYLQRIGIGLSPAMSYS
ALVTKTNRIARILAGSKKKICTKKPRFMSACAQLVIAFILICIQLGIIVALFIMEPPDIMHDYPSIREVYLICNTTNLGV
VAPLGYNGLLILACTFYAFKTRNVPANFNEAKYIAFAMYTTCIIALAFVPIYFGSNYKAITMCFSVSLSATVLLGCMFVP
KVYIILAKPERNVRSAFTTSTVVRMHVGDGKSSSAA
;
_entity_poly.pdbx_strand_id   A,B
#
loop_
_chem_comp.id
_chem_comp.type
_chem_comp.name
_chem_comp.formula
NAG D-saccharide, beta linking 2-acetamido-2-deoxy-beta-D-glucopyranose 'C8 H15 N O6'
QUS non-polymer '(S)-2-AMINO-3-(3,5-DIOXO-[1,2,4]OXADIAZOLIDIN-2-YL)-PROPIONIC ACID' 'C5 H7 N3 O5'
#
# COMPACT_ATOMS: atom_id res chain seq x y z
N ARG A 5 33.19 23.79 45.16
CA ARG A 5 32.16 23.00 44.42
C ARG A 5 31.88 23.70 43.10
N ARG A 6 30.62 24.09 42.87
CA ARG A 6 30.25 24.89 41.72
C ARG A 6 30.04 26.34 42.16
N VAL A 7 30.65 27.27 41.42
CA VAL A 7 30.59 28.69 41.75
C VAL A 7 29.20 29.22 41.43
N VAL A 8 28.80 30.28 42.14
CA VAL A 8 27.44 30.80 42.09
C VAL A 8 27.50 32.32 42.17
N ALA A 9 27.18 33.01 41.07
CA ALA A 9 27.25 34.47 41.04
C ALA A 9 26.17 35.05 41.93
N HIS A 10 26.54 35.94 42.87
CA HIS A 10 25.60 36.56 43.77
C HIS A 10 25.39 38.02 43.38
N MET A 11 24.36 38.62 43.99
CA MET A 11 24.17 40.06 44.02
C MET A 11 23.20 40.37 45.15
N PRO A 12 23.66 41.01 46.26
CA PRO A 12 22.82 41.18 47.45
C PRO A 12 21.57 42.00 47.16
N GLY A 13 20.51 41.75 47.93
CA GLY A 13 19.23 42.41 47.74
C GLY A 13 18.24 42.06 48.86
N ASP A 14 16.98 42.50 48.69
CA ASP A 14 15.91 42.21 49.64
C ASP A 14 15.09 41.02 49.14
N ILE A 15 14.89 40.92 47.82
CA ILE A 15 14.11 39.84 47.23
C ILE A 15 14.94 39.21 46.11
N ILE A 16 15.33 37.93 46.27
CA ILE A 16 16.33 37.32 45.40
C ILE A 16 15.63 36.38 44.41
N ILE A 17 15.66 36.77 43.13
CA ILE A 17 15.31 35.89 42.01
C ILE A 17 16.53 35.02 41.72
N GLY A 18 16.31 33.76 41.33
CA GLY A 18 17.38 32.88 40.90
C GLY A 18 17.48 32.85 39.38
N ALA A 19 18.29 31.94 38.83
CA ALA A 19 18.30 31.73 37.40
C ALA A 19 19.28 30.62 37.06
N LEU A 20 18.99 29.90 35.97
CA LEU A 20 19.83 28.83 35.48
C LEU A 20 20.17 29.10 34.02
N PHE A 21 21.44 29.45 33.76
CA PHE A 21 21.93 29.72 32.43
C PHE A 21 23.00 28.71 32.08
N SER A 22 22.93 28.14 30.87
CA SER A 22 23.87 27.10 30.45
C SER A 22 25.22 27.72 30.11
N VAL A 23 25.99 28.04 31.15
CA VAL A 23 27.26 28.70 30.96
C VAL A 23 28.23 27.74 30.30
N HIS A 24 28.29 26.50 30.80
CA HIS A 24 29.22 25.50 30.29
C HIS A 24 28.53 24.56 29.34
N HIS A 25 29.32 23.89 28.49
CA HIS A 25 28.80 22.94 27.52
C HIS A 25 28.24 21.72 28.23
N GLN A 26 27.48 20.91 27.50
CA GLN A 26 26.93 19.69 28.04
C GLN A 26 28.08 18.72 28.33
N PRO A 27 28.07 18.01 29.47
CA PRO A 27 29.12 17.03 29.77
C PRO A 27 29.17 15.94 28.70
N THR A 28 30.39 15.53 28.34
CA THR A 28 30.59 14.51 27.34
C THR A 28 30.03 13.17 27.83
N VAL A 29 29.81 12.25 26.90
CA VAL A 29 29.21 10.97 27.18
C VAL A 29 30.03 10.18 28.20
N ASP A 30 31.36 10.32 28.14
CA ASP A 30 32.25 9.52 28.98
C ASP A 30 32.19 10.01 30.43
N LYS A 31 31.98 11.32 30.64
CA LYS A 31 32.07 11.88 31.97
C LYS A 31 30.72 12.41 32.46
N VAL A 32 29.63 11.75 32.04
CA VAL A 32 28.30 12.13 32.51
C VAL A 32 28.20 11.83 34.00
N HIS A 33 28.70 10.67 34.41
CA HIS A 33 28.56 10.21 35.79
C HIS A 33 29.33 11.14 36.73
N GLU A 34 30.51 11.61 36.31
CA GLU A 34 31.31 12.51 37.12
C GLU A 34 30.65 13.88 37.19
N ARG A 35 29.78 14.20 36.22
CA ARG A 35 29.05 15.46 36.17
C ARG A 35 30.03 16.63 36.14
N LYS A 36 30.92 16.61 35.13
CA LYS A 36 31.87 17.67 34.90
C LYS A 36 31.62 18.26 33.52
N CYS A 37 30.83 19.33 33.48
CA CYS A 37 30.52 19.99 32.22
C CYS A 37 31.75 20.73 31.70
N GLY A 38 31.88 20.77 30.37
CA GLY A 38 33.13 21.10 29.72
C GLY A 38 33.30 22.59 29.43
N ALA A 39 33.44 22.92 28.14
CA ALA A 39 33.86 24.24 27.70
C ALA A 39 32.80 25.28 28.01
N VAL A 40 33.22 26.55 28.01
CA VAL A 40 32.33 27.67 28.33
C VAL A 40 31.71 28.18 27.03
N ARG A 41 30.49 28.74 27.14
CA ARG A 41 29.76 29.25 26.01
C ARG A 41 29.57 30.76 26.18
N GLU A 42 29.69 31.50 25.07
CA GLU A 42 29.56 32.95 25.10
C GLU A 42 28.08 33.32 25.06
N GLN A 43 27.41 32.99 23.94
CA GLN A 43 26.08 33.50 23.64
C GLN A 43 25.08 33.03 24.71
N TYR A 44 24.95 31.70 24.85
CA TYR A 44 24.00 31.12 25.78
C TYR A 44 24.46 31.26 27.23
N GLY A 45 25.70 31.69 27.44
CA GLY A 45 26.27 31.76 28.78
C GLY A 45 26.49 33.19 29.25
N ILE A 46 27.68 33.73 28.97
CA ILE A 46 28.15 34.94 29.61
C ILE A 46 27.27 36.13 29.19
N GLN A 47 26.79 36.12 27.94
CA GLN A 47 25.93 37.20 27.49
C GLN A 47 24.68 37.25 28.36
N ARG A 48 24.02 36.11 28.56
CA ARG A 48 22.81 36.06 29.36
C ARG A 48 23.10 36.41 30.81
N VAL A 49 24.22 35.94 31.37
CA VAL A 49 24.56 36.24 32.75
C VAL A 49 24.72 37.75 32.92
N GLU A 50 25.48 38.37 32.01
CA GLU A 50 25.68 39.82 32.04
C GLU A 50 24.35 40.55 31.89
N ALA A 51 23.43 40.00 31.09
CA ALA A 51 22.11 40.56 30.93
C ALA A 51 21.39 40.63 32.27
N MET A 52 21.26 39.49 32.96
CA MET A 52 20.50 39.47 34.19
C MET A 52 21.21 40.35 35.23
N LEU A 53 22.54 40.28 35.34
CA LEU A 53 23.25 41.05 36.35
C LEU A 53 23.30 42.53 35.97
N HIS A 54 22.65 42.92 34.87
CA HIS A 54 22.46 44.33 34.54
C HIS A 54 20.99 44.69 34.72
N THR A 55 20.11 43.96 34.04
CA THR A 55 18.70 44.31 34.04
C THR A 55 18.23 44.47 35.49
N LEU A 56 18.76 43.64 36.40
CA LEU A 56 18.35 43.70 37.79
C LEU A 56 19.10 44.79 38.55
N GLU A 57 19.93 45.60 37.87
CA GLU A 57 20.54 46.76 38.48
C GLU A 57 20.07 48.02 37.76
N ARG A 58 19.48 47.83 36.57
CA ARG A 58 18.65 48.85 35.94
C ARG A 58 17.31 48.95 36.66
N ILE A 59 16.71 47.80 36.99
CA ILE A 59 15.44 47.77 37.70
C ILE A 59 15.61 48.41 39.08
N ASN A 60 16.71 48.09 39.77
CA ASN A 60 17.00 48.68 41.06
C ASN A 60 17.11 50.19 40.95
N SER A 61 17.79 50.69 39.90
CA SER A 61 17.96 52.12 39.72
C SER A 61 16.65 52.80 39.36
N ASP A 62 15.74 52.07 38.69
CA ASP A 62 14.51 52.66 38.19
C ASP A 62 13.54 52.88 39.36
N PRO A 63 13.11 54.12 39.65
CA PRO A 63 12.25 54.39 40.80
C PRO A 63 10.79 53.97 40.65
N THR A 64 10.32 53.81 39.40
CA THR A 64 8.92 53.53 39.15
C THR A 64 8.61 52.04 39.26
N LEU A 65 9.66 51.20 39.36
CA LEU A 65 9.49 49.75 39.45
C LEU A 65 10.11 49.25 40.74
N LEU A 66 9.28 48.60 41.56
CA LEU A 66 9.68 48.09 42.88
C LEU A 66 10.39 49.18 43.67
N PRO A 67 9.69 50.27 44.06
CA PRO A 67 10.33 51.34 44.82
C PRO A 67 10.72 50.88 46.22
N ASN A 68 11.85 51.41 46.70
CA ASN A 68 12.32 51.24 48.07
C ASN A 68 12.74 49.80 48.36
N ILE A 69 12.81 48.94 47.33
CA ILE A 69 13.24 47.56 47.50
C ILE A 69 14.22 47.20 46.38
N THR A 70 15.19 46.34 46.72
CA THR A 70 16.30 46.04 45.83
C THR A 70 16.29 44.56 45.43
N LEU A 71 15.97 44.25 44.17
CA LEU A 71 16.02 42.88 43.69
C LEU A 71 17.48 42.44 43.63
N GLY A 72 17.71 41.15 43.90
CA GLY A 72 19.04 40.55 43.91
C GLY A 72 19.13 39.46 42.83
N CYS A 73 20.00 38.47 43.05
CA CYS A 73 20.19 37.42 42.05
C CYS A 73 20.94 36.24 42.65
N GLU A 74 20.96 35.11 41.94
CA GLU A 74 21.79 33.96 42.29
C GLU A 74 21.97 33.04 41.08
N ILE A 75 22.49 33.59 39.98
CA ILE A 75 22.67 32.84 38.75
C ILE A 75 23.52 31.59 39.04
N ARG A 76 23.09 30.43 38.51
CA ARG A 76 23.83 29.18 38.55
C ARG A 76 23.87 28.59 37.15
N ASP A 77 24.82 27.69 36.87
CA ASP A 77 24.94 27.08 35.55
C ASP A 77 24.31 25.70 35.56
N SER A 78 23.45 25.45 34.56
CA SER A 78 22.79 24.16 34.40
C SER A 78 23.61 23.23 33.52
N CYS A 79 24.63 23.76 32.81
CA CYS A 79 25.47 22.99 31.91
C CYS A 79 24.64 22.17 30.91
N TRP A 80 23.42 22.62 30.63
CA TRP A 80 22.54 22.02 29.65
C TRP A 80 22.32 20.54 29.92
N HIS A 81 22.28 20.15 31.19
CA HIS A 81 22.11 18.75 31.56
C HIS A 81 21.05 18.63 32.64
N SER A 82 20.30 17.53 32.60
CA SER A 82 19.22 17.29 33.54
C SER A 82 19.77 17.08 34.95
N ALA A 83 20.92 16.42 35.06
CA ALA A 83 21.46 16.01 36.35
C ALA A 83 22.05 17.21 37.08
N VAL A 84 22.77 18.07 36.36
CA VAL A 84 23.45 19.20 36.96
C VAL A 84 22.42 20.23 37.43
N ALA A 85 21.39 20.47 36.59
CA ALA A 85 20.37 21.44 36.90
C ALA A 85 19.58 21.02 38.14
N LEU A 86 19.39 19.71 38.32
CA LEU A 86 18.63 19.21 39.45
C LEU A 86 19.40 19.51 40.74
N GLU A 87 20.72 19.31 40.73
CA GLU A 87 21.51 19.56 41.94
C GLU A 87 21.58 21.06 42.20
N GLN A 88 21.63 21.89 41.15
CA GLN A 88 21.61 23.33 41.33
C GLN A 88 20.27 23.77 41.94
N SER A 89 19.17 23.16 41.49
CA SER A 89 17.86 23.47 42.04
C SER A 89 17.78 23.05 43.51
N ILE A 90 18.39 21.91 43.84
CA ILE A 90 18.46 21.48 45.23
C ILE A 90 19.19 22.53 46.06
N GLU A 91 20.29 23.06 45.52
CA GLU A 91 21.01 24.14 46.17
C GLU A 91 20.12 25.36 46.34
N PHE A 92 19.22 25.60 45.38
CA PHE A 92 18.26 26.69 45.47
C PHE A 92 17.34 26.50 46.67
N ILE A 93 16.78 25.30 46.81
CA ILE A 93 15.72 25.07 47.79
C ILE A 93 16.30 24.70 49.15
N ARG A 94 17.64 24.62 49.27
CA ARG A 94 18.26 24.21 50.51
C ARG A 94 17.88 25.17 51.64
N ASP A 95 17.70 26.45 51.33
CA ASP A 95 17.37 27.45 52.33
C ASP A 95 15.96 27.19 52.88
N SER A 96 15.05 26.75 52.01
CA SER A 96 13.65 26.57 52.37
C SER A 96 13.43 25.30 53.20
N LEU A 97 14.47 24.45 53.34
CA LEU A 97 14.34 23.25 54.16
C LEU A 97 14.64 23.59 55.62
N LYS A 121 18.59 33.24 52.51
CA LYS A 121 17.26 33.85 52.25
C LYS A 121 16.51 33.01 51.21
N PRO A 122 15.16 32.92 51.30
CA PRO A 122 14.39 32.12 50.36
C PRO A 122 14.40 32.72 48.96
N ILE A 123 14.31 31.84 47.95
CA ILE A 123 14.27 32.25 46.56
C ILE A 123 12.81 32.33 46.15
N VAL A 124 12.37 33.51 45.69
CA VAL A 124 10.96 33.72 45.37
C VAL A 124 10.61 33.00 44.07
N GLY A 125 11.55 32.96 43.14
CA GLY A 125 11.35 32.29 41.86
C GLY A 125 12.65 32.21 41.07
N VAL A 126 12.61 31.49 39.94
CA VAL A 126 13.77 31.32 39.10
C VAL A 126 13.41 31.70 37.67
N ILE A 127 14.41 32.19 36.93
CA ILE A 127 14.30 32.35 35.49
C ILE A 127 14.80 31.06 34.86
N GLY A 128 13.84 30.14 34.67
CA GLY A 128 14.11 28.74 34.40
C GLY A 128 15.04 28.54 33.21
N PRO A 129 15.69 27.36 33.11
CA PRO A 129 16.63 27.07 32.04
C PRO A 129 15.89 26.97 30.71
N GLY A 130 16.56 27.36 29.63
CA GLY A 130 16.00 27.22 28.30
C GLY A 130 16.36 25.85 27.74
N SER A 131 15.58 24.83 28.10
CA SER A 131 15.71 23.49 27.57
C SER A 131 14.53 22.69 28.10
N SER A 132 13.80 22.00 27.21
CA SER A 132 12.52 21.44 27.57
C SER A 132 12.67 20.39 28.67
N SER A 133 13.57 19.43 28.45
CA SER A 133 13.78 18.33 29.37
C SER A 133 14.30 18.86 30.71
N VAL A 134 15.26 19.79 30.63
CA VAL A 134 15.82 20.38 31.83
C VAL A 134 14.74 21.17 32.56
N ALA A 135 13.88 21.86 31.80
CA ALA A 135 12.81 22.65 32.38
C ALA A 135 11.85 21.76 33.16
N ILE A 136 11.48 20.61 32.59
CA ILE A 136 10.51 19.76 33.27
C ILE A 136 11.18 19.14 34.50
N GLN A 137 12.47 18.79 34.41
CA GLN A 137 13.17 18.18 35.53
C GLN A 137 13.24 19.16 36.70
N VAL A 138 13.51 20.44 36.41
CA VAL A 138 13.61 21.44 37.47
C VAL A 138 12.22 21.77 38.01
N GLN A 139 11.21 21.76 37.12
CA GLN A 139 9.85 22.11 37.51
C GLN A 139 9.28 21.08 38.48
N ASN A 140 9.53 19.80 38.22
CA ASN A 140 9.01 18.72 39.06
C ASN A 140 9.51 18.88 40.49
N LEU A 141 10.65 19.55 40.67
CA LEU A 141 11.20 19.77 42.01
C LEU A 141 10.72 21.10 42.58
N LEU A 142 10.61 22.13 41.74
CA LEU A 142 10.29 23.46 42.24
C LEU A 142 8.83 23.56 42.67
N GLN A 143 7.92 22.91 41.95
CA GLN A 143 6.49 23.03 42.23
C GLN A 143 6.15 22.48 43.62
N LEU A 144 7.02 21.65 44.19
CA LEU A 144 6.80 21.11 45.52
C LEU A 144 7.03 22.18 46.59
N PHE A 145 7.64 23.32 46.24
CA PHE A 145 7.93 24.37 47.21
C PHE A 145 7.28 25.69 46.83
N ASN A 146 6.37 25.67 45.86
CA ASN A 146 5.62 26.85 45.44
C ASN A 146 6.61 27.94 44.98
N ILE A 147 7.42 27.60 43.98
CA ILE A 147 8.39 28.54 43.42
C ILE A 147 8.08 28.73 41.95
N PRO A 148 7.49 29.88 41.55
CA PRO A 148 7.18 30.14 40.15
C PRO A 148 8.46 30.15 39.31
N GLN A 149 8.37 29.61 38.10
CA GLN A 149 9.49 29.53 37.18
C GLN A 149 9.07 30.07 35.83
N ILE A 150 9.88 31.00 35.29
CA ILE A 150 9.64 31.57 33.97
C ILE A 150 10.78 31.12 33.05
N ALA A 151 10.41 30.47 31.94
CA ALA A 151 11.38 30.04 30.96
C ALA A 151 11.31 30.95 29.73
N TYR A 152 12.46 31.19 29.11
CA TYR A 152 12.57 32.11 27.99
C TYR A 152 12.79 31.35 26.68
N SER A 153 13.16 30.07 26.75
CA SER A 153 13.47 29.30 25.55
C SER A 153 12.92 27.87 25.58
N ALA A 154 12.17 27.49 26.63
CA ALA A 154 11.56 26.18 26.68
C ALA A 154 10.24 26.19 25.91
N THR A 155 10.21 25.61 24.72
CA THR A 155 9.08 25.77 23.82
C THR A 155 8.35 24.45 23.55
N SER A 156 8.57 23.41 24.37
CA SER A 156 7.89 22.14 24.17
C SER A 156 6.41 22.26 24.51
N MET A 157 5.59 21.40 23.90
CA MET A 157 4.15 21.46 24.08
C MET A 157 3.76 20.90 25.45
N ASP A 158 4.56 19.95 25.96
CA ASP A 158 4.21 19.22 27.17
C ASP A 158 4.14 20.16 28.37
N LEU A 159 4.82 21.31 28.31
CA LEU A 159 4.84 22.26 29.42
C LEU A 159 3.62 23.18 29.40
N SER A 160 2.72 23.02 28.42
CA SER A 160 1.51 23.83 28.36
C SER A 160 0.39 23.23 29.22
N ASP A 161 0.60 22.03 29.77
CA ASP A 161 -0.36 21.40 30.66
C ASP A 161 -0.19 21.95 32.07
N LYS A 162 -1.24 22.60 32.57
CA LYS A 162 -1.17 23.26 33.87
C LYS A 162 -1.60 22.31 34.99
N THR A 163 -2.01 21.08 34.66
CA THR A 163 -2.32 20.09 35.68
C THR A 163 -1.04 19.58 36.32
N LEU A 164 0.00 19.39 35.49
CA LEU A 164 1.27 18.83 35.95
C LEU A 164 2.30 19.93 36.22
N PHE A 165 2.15 21.09 35.56
CA PHE A 165 3.15 22.15 35.62
C PHE A 165 2.48 23.46 36.01
N LYS A 166 1.79 23.45 37.15
CA LYS A 166 1.03 24.62 37.59
C LYS A 166 1.94 25.83 37.76
N TYR A 167 3.21 25.61 38.10
CA TYR A 167 4.12 26.69 38.44
C TYR A 167 5.12 26.97 37.31
N PHE A 168 4.65 26.93 36.06
CA PHE A 168 5.53 27.13 34.93
C PHE A 168 4.88 28.11 33.94
N MET A 169 5.61 29.18 33.62
CA MET A 169 5.19 30.17 32.65
C MET A 169 6.35 30.45 31.70
N ARG A 170 6.03 30.88 30.48
CA ARG A 170 7.07 31.21 29.51
C ARG A 170 6.63 32.40 28.68
N VAL A 171 7.62 33.05 28.06
CA VAL A 171 7.41 34.27 27.30
C VAL A 171 7.62 33.99 25.82
N VAL A 172 7.53 32.71 25.42
CA VAL A 172 7.65 32.33 24.03
C VAL A 172 6.49 31.38 23.70
N PRO A 173 6.04 31.33 22.43
CA PRO A 173 4.97 30.41 22.06
C PRO A 173 5.40 28.95 22.12
N SER A 174 4.41 28.08 22.19
CA SER A 174 4.62 26.63 22.20
C SER A 174 5.18 26.17 20.86
N ASP A 175 5.43 24.86 20.75
CA ASP A 175 6.01 24.27 19.56
C ASP A 175 4.95 23.81 18.57
N ALA A 176 3.66 23.89 18.92
CA ALA A 176 2.61 23.55 17.98
C ALA A 176 2.67 24.49 16.77
N GLN A 177 2.87 25.78 17.05
CA GLN A 177 2.93 26.79 16.00
C GLN A 177 4.18 26.56 15.14
N GLN A 178 5.28 26.17 15.77
CA GLN A 178 6.52 25.94 15.03
C GLN A 178 6.38 24.73 14.11
N ALA A 179 5.75 23.67 14.60
CA ALA A 179 5.52 22.49 13.78
C ALA A 179 4.59 22.84 12.62
N ARG A 180 3.58 23.68 12.88
CA ARG A 180 2.67 24.13 11.84
C ARG A 180 3.44 24.92 10.78
N ALA A 181 4.38 25.77 11.22
CA ALA A 181 5.18 26.56 10.30
C ALA A 181 6.04 25.66 9.41
N MET A 182 6.65 24.64 10.01
CA MET A 182 7.48 23.71 9.24
C MET A 182 6.63 22.96 8.23
N VAL A 183 5.41 22.56 8.62
CA VAL A 183 4.52 21.85 7.72
C VAL A 183 4.12 22.77 6.56
N ASP A 184 3.86 24.05 6.86
CA ASP A 184 3.51 25.02 5.83
C ASP A 184 4.66 25.16 4.83
N ILE A 185 5.89 25.26 5.34
CA ILE A 185 7.06 25.39 4.47
C ILE A 185 7.18 24.15 3.58
N VAL A 186 6.99 22.97 4.17
CA VAL A 186 7.14 21.73 3.43
C VAL A 186 6.08 21.66 2.32
N LYS A 187 4.84 22.03 2.64
CA LYS A 187 3.76 21.90 1.67
C LYS A 187 3.86 22.98 0.59
N ARG A 188 4.52 24.10 0.89
CA ARG A 188 4.61 25.21 -0.06
C ARG A 188 5.44 24.81 -1.28
N TYR A 189 6.45 23.95 -1.09
CA TYR A 189 7.36 23.59 -2.17
C TYR A 189 7.14 22.15 -2.64
N ASN A 190 5.89 21.68 -2.55
CA ASN A 190 5.48 20.40 -3.11
C ASN A 190 6.21 19.22 -2.45
N TRP A 191 7.02 19.49 -1.42
CA TRP A 191 7.78 18.42 -0.77
C TRP A 191 6.82 17.45 -0.11
N THR A 192 6.91 16.17 -0.52
CA THR A 192 6.03 15.14 0.00
C THR A 192 6.83 14.03 0.66
N TYR A 193 7.85 13.51 -0.03
CA TYR A 193 8.65 12.43 0.53
C TYR A 193 9.82 13.01 1.32
N VAL A 194 9.60 13.21 2.62
CA VAL A 194 10.58 13.87 3.47
C VAL A 194 11.11 12.87 4.49
N SER A 195 12.28 13.16 5.04
CA SER A 195 12.85 12.38 6.12
C SER A 195 13.01 13.26 7.36
N ALA A 196 12.93 12.65 8.54
CA ALA A 196 12.89 13.40 9.78
C ALA A 196 13.91 12.85 10.77
N VAL A 197 14.59 13.77 11.47
CA VAL A 197 15.46 13.42 12.58
C VAL A 197 15.18 14.41 13.72
N HIS A 198 15.10 13.90 14.95
CA HIS A 198 14.83 14.72 16.11
C HIS A 198 15.75 14.33 17.26
N THR A 199 16.22 15.32 18.01
CA THR A 199 17.09 15.08 19.14
C THR A 199 16.30 14.41 20.25
N GLU A 200 16.92 13.43 20.92
CA GLU A 200 16.30 12.76 22.04
C GLU A 200 16.09 13.75 23.17
N GLY A 201 14.92 13.66 23.81
CA GLY A 201 14.49 14.62 24.81
C GLY A 201 13.04 15.04 24.61
N ASN A 202 12.58 15.95 25.46
CA ASN A 202 11.19 16.36 25.45
C ASN A 202 10.90 17.28 24.27
N TYR A 203 11.85 18.17 23.96
CA TYR A 203 11.70 19.13 22.88
C TYR A 203 11.56 18.39 21.54
N GLY A 204 12.55 17.54 21.22
CA GLY A 204 12.58 16.85 19.95
C GLY A 204 11.41 15.88 19.79
N GLU A 205 11.13 15.10 20.83
CA GLU A 205 10.09 14.09 20.78
C GLU A 205 8.72 14.74 20.53
N SER A 206 8.38 15.74 21.34
CA SER A 206 7.09 16.39 21.24
C SER A 206 6.97 17.12 19.90
N GLY A 207 8.04 17.81 19.50
CA GLY A 207 8.03 18.55 18.26
C GLY A 207 7.80 17.63 17.06
N MET A 208 8.50 16.50 17.04
CA MET A 208 8.41 15.57 15.93
C MET A 208 7.06 14.85 15.95
N GLU A 209 6.51 14.57 17.13
CA GLU A 209 5.19 13.95 17.22
C GLU A 209 4.15 14.89 16.58
N ALA A 210 4.20 16.17 16.95
CA ALA A 210 3.29 17.16 16.39
C ALA A 210 3.46 17.26 14.88
N PHE A 211 4.72 17.31 14.41
CA PHE A 211 5.02 17.43 13.00
C PHE A 211 4.47 16.23 12.23
N LYS A 212 4.72 15.01 12.75
CA LYS A 212 4.23 13.79 12.11
C LYS A 212 2.71 13.83 12.00
N ASP A 213 2.01 14.14 13.10
CA ASP A 213 0.56 14.15 13.08
C ASP A 213 0.06 15.15 12.04
N MET A 214 0.57 16.38 12.12
CA MET A 214 0.05 17.48 11.34
C MET A 214 0.43 17.37 9.87
N SER A 215 1.47 16.56 9.56
CA SER A 215 1.90 16.38 8.19
C SER A 215 1.16 15.19 7.55
N ALA A 216 1.23 14.03 8.21
CA ALA A 216 0.57 12.83 7.72
C ALA A 216 -0.94 13.06 7.58
N LYS A 217 -1.48 14.03 8.32
CA LYS A 217 -2.88 14.37 8.20
C LYS A 217 -3.14 15.02 6.84
N GLU A 218 -2.31 16.00 6.47
CA GLU A 218 -2.64 16.86 5.33
C GLU A 218 -2.24 16.18 4.01
N GLY A 219 -0.93 16.15 3.71
CA GLY A 219 -0.49 15.55 2.47
C GLY A 219 0.95 15.04 2.48
N ILE A 220 1.68 15.22 3.58
CA ILE A 220 3.11 14.94 3.58
C ILE A 220 3.32 13.47 3.90
N CYS A 221 4.54 12.98 3.68
CA CYS A 221 4.82 11.56 3.64
C CYS A 221 6.25 11.29 4.13
N ILE A 222 6.39 10.97 5.42
CA ILE A 222 7.69 10.81 6.04
C ILE A 222 8.27 9.44 5.70
N ALA A 223 9.48 9.43 5.15
CA ALA A 223 10.17 8.21 4.77
C ALA A 223 10.54 7.42 6.03
N HIS A 224 11.20 8.08 6.96
CA HIS A 224 11.61 7.46 8.21
C HIS A 224 11.91 8.53 9.25
N SER A 225 11.88 8.13 10.52
CA SER A 225 12.17 9.03 11.62
C SER A 225 13.32 8.46 12.45
N TYR A 226 14.34 9.29 12.70
CA TYR A 226 15.48 8.88 13.48
C TYR A 226 15.61 9.76 14.73
N LYS A 227 16.14 9.17 15.79
CA LYS A 227 16.37 9.88 17.04
C LYS A 227 17.85 9.71 17.40
N ILE A 228 18.45 10.78 17.90
CA ILE A 228 19.84 10.77 18.30
C ILE A 228 20.05 11.75 19.44
N TYR A 229 20.89 11.36 20.40
CA TYR A 229 21.27 12.23 21.49
C TYR A 229 22.26 13.28 20.98
N SER A 230 22.18 14.48 21.56
CA SER A 230 23.00 15.60 21.11
C SER A 230 24.46 15.39 21.46
N ASN A 231 24.77 14.53 22.44
CA ASN A 231 26.14 14.35 22.92
C ASN A 231 26.68 12.97 22.53
N ALA A 232 26.08 12.32 21.53
CA ALA A 232 26.54 11.01 21.08
C ALA A 232 27.87 11.17 20.34
N GLY A 233 28.63 10.08 20.29
CA GLY A 233 29.92 10.06 19.60
C GLY A 233 29.77 10.20 18.09
N GLU A 234 30.91 10.33 17.42
CA GLU A 234 30.94 10.55 15.98
C GLU A 234 30.44 9.31 15.24
N GLN A 235 30.60 8.13 15.85
CA GLN A 235 30.17 6.88 15.23
C GLN A 235 28.65 6.89 15.07
N SER A 236 27.94 7.36 16.11
CA SER A 236 26.49 7.40 16.07
C SER A 236 26.01 8.32 14.95
N PHE A 237 26.64 9.48 14.80
CA PHE A 237 26.28 10.43 13.76
C PHE A 237 26.58 9.86 12.37
N ASP A 238 27.69 9.12 12.25
CA ASP A 238 28.03 8.49 10.99
C ASP A 238 26.98 7.46 10.61
N LYS A 239 26.55 6.65 11.58
CA LYS A 239 25.53 5.64 11.32
C LYS A 239 24.21 6.31 10.93
N LEU A 240 23.85 7.41 11.62
CA LEU A 240 22.63 8.13 11.31
C LEU A 240 22.69 8.68 9.89
N LEU A 241 23.87 9.20 9.49
CA LEU A 241 24.00 9.76 8.15
C LEU A 241 23.95 8.65 7.10
N LYS A 242 24.46 7.46 7.42
CA LYS A 242 24.34 6.32 6.52
C LYS A 242 22.86 5.98 6.31
N LYS A 243 22.10 5.93 7.41
CA LYS A 243 20.67 5.63 7.33
C LYS A 243 19.96 6.71 6.52
N LEU A 244 20.40 7.97 6.65
CA LEU A 244 19.79 9.07 5.91
C LEU A 244 20.12 8.98 4.42
N THR A 245 21.36 8.61 4.10
CA THR A 245 21.78 8.46 2.71
C THR A 245 21.19 7.21 2.07
N SER A 246 20.57 6.34 2.88
CA SER A 246 19.85 5.20 2.32
C SER A 246 18.75 5.66 1.35
N HIS A 247 18.44 6.96 1.30
CA HIS A 247 17.38 7.46 0.44
C HIS A 247 17.78 8.77 -0.27
N LEU A 248 18.95 8.81 -0.93
CA LEU A 248 19.35 10.01 -1.68
C LEU A 248 18.34 10.30 -2.79
N PRO A 249 17.99 9.32 -3.67
CA PRO A 249 17.27 9.65 -4.90
C PRO A 249 15.96 10.39 -4.69
N LYS A 250 15.27 10.13 -3.57
CA LYS A 250 13.95 10.69 -3.35
C LYS A 250 13.96 11.63 -2.14
N ALA A 251 14.40 11.12 -0.99
CA ALA A 251 14.30 11.87 0.25
C ALA A 251 15.51 12.79 0.37
N ARG A 252 15.44 13.94 -0.31
CA ARG A 252 16.55 14.89 -0.34
C ARG A 252 16.36 15.98 0.71
N VAL A 253 15.13 16.15 1.23
CA VAL A 253 14.87 17.10 2.30
C VAL A 253 14.77 16.33 3.61
N VAL A 254 15.61 16.72 4.57
CA VAL A 254 15.54 16.18 5.92
C VAL A 254 15.13 17.32 6.85
N ALA A 255 14.03 17.09 7.58
CA ALA A 255 13.41 18.13 8.39
C ALA A 255 13.67 17.88 9.87
N CYS A 256 14.66 18.58 10.43
CA CYS A 256 15.16 18.32 11.77
C CYS A 256 14.04 18.40 12.81
N PHE A 257 13.87 19.54 13.48
CA PHE A 257 13.24 19.62 14.80
C PHE A 257 14.21 19.02 15.81
N CYS A 258 15.49 19.28 15.54
CA CYS A 258 16.59 18.80 16.36
C CYS A 258 17.34 20.01 16.92
N GLU A 259 18.27 19.77 17.83
CA GLU A 259 18.78 20.82 18.70
C GLU A 259 19.97 21.53 18.05
N GLY A 260 20.63 22.39 18.83
CA GLY A 260 21.80 23.11 18.36
C GLY A 260 22.95 22.17 18.01
N MET A 261 23.33 21.31 18.97
CA MET A 261 24.46 20.42 18.79
C MET A 261 23.97 19.06 18.33
N THR A 262 23.10 19.07 17.33
CA THR A 262 22.70 17.88 16.60
C THR A 262 22.82 18.15 15.09
N VAL A 263 22.39 19.33 14.64
CA VAL A 263 22.68 19.78 13.30
C VAL A 263 24.20 19.89 13.10
N ARG A 264 24.92 20.30 14.15
CA ARG A 264 26.38 20.37 14.07
C ARG A 264 26.97 18.98 13.90
N GLY A 265 26.42 18.00 14.61
CA GLY A 265 26.82 16.61 14.46
C GLY A 265 26.59 16.10 13.03
N LEU A 266 25.43 16.45 12.47
CA LEU A 266 25.10 16.10 11.10
C LEU A 266 26.10 16.73 10.14
N LEU A 267 26.47 17.99 10.37
CA LEU A 267 27.41 18.68 9.50
C LEU A 267 28.79 18.05 9.60
N MET A 268 29.21 17.66 10.81
CA MET A 268 30.51 17.02 11.00
C MET A 268 30.55 15.69 10.25
N ALA A 269 29.45 14.92 10.33
CA ALA A 269 29.38 13.66 9.62
C ALA A 269 29.41 13.88 8.11
N MET A 270 28.74 14.94 7.64
CA MET A 270 28.73 15.29 6.23
C MET A 270 30.16 15.60 5.77
N ARG A 271 30.91 16.35 6.57
CA ARG A 271 32.28 16.69 6.26
C ARG A 271 33.13 15.42 6.21
N ARG A 272 32.94 14.53 7.18
CA ARG A 272 33.74 13.33 7.29
C ARG A 272 33.54 12.44 6.06
N LEU A 273 32.28 12.19 5.67
CA LEU A 273 32.03 11.23 4.60
C LEU A 273 31.76 11.92 3.27
N GLY A 274 32.04 13.24 3.18
CA GLY A 274 32.19 13.92 1.91
C GLY A 274 30.88 14.16 1.16
N LEU A 275 29.86 14.68 1.87
CA LEU A 275 28.67 15.21 1.23
C LEU A 275 28.64 16.71 1.43
N ALA A 276 28.47 17.44 0.32
CA ALA A 276 28.43 18.89 0.33
C ALA A 276 27.27 19.38 -0.54
N GLY A 277 26.05 18.99 -0.15
CA GLY A 277 24.84 19.49 -0.80
C GLY A 277 23.91 18.39 -1.30
N GLU A 278 24.08 17.15 -0.83
CA GLU A 278 23.17 16.07 -1.18
C GLU A 278 21.86 16.19 -0.42
N PHE A 279 21.82 17.04 0.63
CA PHE A 279 20.65 17.18 1.48
C PHE A 279 20.22 18.63 1.56
N LEU A 280 18.97 18.84 2.00
CA LEU A 280 18.48 20.15 2.36
C LEU A 280 17.96 20.10 3.79
N LEU A 281 18.80 20.49 4.75
CA LEU A 281 18.38 20.54 6.15
C LEU A 281 17.30 21.60 6.32
N LEU A 282 16.20 21.20 7.00
CA LEU A 282 15.12 22.12 7.33
C LEU A 282 15.07 22.25 8.85
N GLY A 283 15.77 23.26 9.36
CA GLY A 283 16.03 23.39 10.78
C GLY A 283 14.81 23.84 11.57
N SER A 284 15.06 24.24 12.83
CA SER A 284 14.00 24.60 13.76
C SER A 284 14.54 25.69 14.68
N ASP A 285 13.79 26.00 15.74
CA ASP A 285 14.17 27.03 16.70
C ASP A 285 15.55 26.74 17.28
N GLY A 286 15.88 25.47 17.45
CA GLY A 286 17.18 25.06 17.96
C GLY A 286 18.33 25.63 17.12
N TRP A 287 18.24 25.43 15.81
CA TRP A 287 19.23 25.95 14.88
C TRP A 287 19.15 27.47 14.85
N ALA A 288 17.94 28.00 14.60
CA ALA A 288 17.71 29.44 14.51
C ALA A 288 18.72 30.03 13.53
N ASP A 289 19.46 31.08 13.93
CA ASP A 289 20.51 31.62 13.07
C ASP A 289 21.85 31.58 13.79
N ARG A 290 22.02 30.62 14.70
CA ARG A 290 23.22 30.57 15.52
C ARG A 290 24.45 30.35 14.64
N TYR A 291 25.51 31.13 14.90
CA TYR A 291 26.71 31.06 14.09
C TYR A 291 27.67 29.99 14.61
N ASP A 292 27.44 29.45 15.81
CA ASP A 292 28.35 28.50 16.41
C ASP A 292 27.98 27.07 16.04
N VAL A 293 26.95 26.88 15.21
CA VAL A 293 26.59 25.55 14.75
C VAL A 293 26.99 25.36 13.29
N THR A 294 27.58 26.37 12.64
CA THR A 294 28.05 26.24 11.28
C THR A 294 29.46 26.79 11.11
N ASP A 295 30.15 27.13 12.20
CA ASP A 295 31.51 27.63 12.11
C ASP A 295 32.43 26.50 11.64
N GLY A 296 33.04 26.69 10.48
CA GLY A 296 33.97 25.73 9.92
C GLY A 296 33.31 24.66 9.05
N TYR A 297 31.97 24.65 8.98
CA TYR A 297 31.25 23.66 8.18
C TYR A 297 30.21 24.35 7.30
N GLN A 298 30.53 25.55 6.80
CA GLN A 298 29.59 26.33 6.03
C GLN A 298 29.26 25.64 4.71
N ARG A 299 30.25 24.99 4.10
CA ARG A 299 30.07 24.38 2.79
C ARG A 299 29.05 23.25 2.86
N GLU A 300 28.91 22.61 4.02
CA GLU A 300 28.01 21.48 4.16
C GLU A 300 26.57 21.91 4.47
N ALA A 301 26.38 23.18 4.87
CA ALA A 301 25.08 23.63 5.37
C ALA A 301 24.45 24.67 4.44
N VAL A 302 25.06 24.94 3.29
CA VAL A 302 24.54 25.97 2.39
C VAL A 302 23.17 25.55 1.88
N GLY A 303 22.22 26.48 1.95
CA GLY A 303 20.90 26.29 1.38
C GLY A 303 19.83 25.93 2.42
N GLY A 304 20.25 25.56 3.63
CA GLY A 304 19.33 25.11 4.66
C GLY A 304 18.38 26.21 5.11
N ILE A 305 17.13 25.82 5.41
CA ILE A 305 16.11 26.75 5.87
C ILE A 305 15.84 26.49 7.35
N THR A 306 15.85 27.55 8.14
CA THR A 306 15.62 27.46 9.57
C THR A 306 14.44 28.33 9.96
N ILE A 307 13.97 28.16 11.20
CA ILE A 307 12.90 28.95 11.77
C ILE A 307 13.39 29.56 13.07
N LYS A 308 13.24 30.87 13.21
CA LYS A 308 13.77 31.62 14.33
C LYS A 308 12.66 32.47 14.94
N LEU A 309 12.55 32.42 16.28
CA LEU A 309 11.64 33.30 17.01
C LEU A 309 12.08 34.74 16.77
N GLN A 310 11.13 35.61 16.41
CA GLN A 310 11.45 37.00 16.12
C GLN A 310 11.66 37.76 17.43
N SER A 311 12.83 38.42 17.53
CA SER A 311 13.14 39.28 18.65
C SER A 311 14.15 40.34 18.22
N PRO A 312 13.75 41.62 18.09
CA PRO A 312 14.70 42.68 17.73
C PRO A 312 15.80 42.81 18.77
N ASP A 313 17.02 43.11 18.29
CA ASP A 313 18.20 43.16 19.13
C ASP A 313 18.10 44.35 20.08
N VAL A 314 18.29 44.08 21.37
CA VAL A 314 18.21 45.11 22.39
C VAL A 314 19.49 45.95 22.31
N LYS A 315 19.34 47.28 22.27
CA LYS A 315 20.45 48.16 21.96
C LYS A 315 21.20 48.57 23.23
N TRP A 316 20.46 48.88 24.30
CA TRP A 316 21.10 49.37 25.51
C TRP A 316 21.96 48.29 26.17
N PHE A 317 21.73 47.02 25.83
CA PHE A 317 22.53 45.94 26.36
C PHE A 317 23.95 45.95 25.77
N ASP A 318 24.04 46.26 24.46
CA ASP A 318 25.30 46.23 23.75
C ASP A 318 26.28 47.25 24.35
N ASP A 319 25.78 48.44 24.68
CA ASP A 319 26.61 49.50 25.22
C ASP A 319 27.24 49.06 26.54
N TYR A 320 26.47 48.37 27.38
CA TYR A 320 26.97 47.88 28.66
C TYR A 320 27.95 46.72 28.45
N TYR A 321 27.65 45.84 27.49
CA TYR A 321 28.40 44.60 27.32
C TYR A 321 29.77 44.83 26.70
N LEU A 322 29.84 45.69 25.68
CA LEU A 322 31.06 45.82 24.90
C LEU A 322 32.17 46.52 25.69
N LYS A 323 31.82 47.24 26.77
CA LYS A 323 32.79 48.00 27.53
C LYS A 323 33.37 47.19 28.69
N LEU A 324 32.95 45.92 28.85
CA LEU A 324 33.40 45.11 29.97
C LEU A 324 34.89 44.80 29.82
N ARG A 325 35.58 44.74 30.97
CA ARG A 325 36.99 44.36 31.01
C ARG A 325 37.21 43.30 32.07
N PRO A 326 38.08 42.29 31.83
CA PRO A 326 38.30 41.23 32.81
C PRO A 326 38.91 41.69 34.13
N GLU A 327 39.56 42.87 34.14
CA GLU A 327 40.21 43.35 35.36
C GLU A 327 39.16 43.86 36.35
N THR A 328 38.08 44.47 35.84
CA THR A 328 37.13 45.16 36.69
C THR A 328 35.93 44.27 37.00
N ASN A 329 35.50 43.47 36.02
CA ASN A 329 34.30 42.68 36.14
C ASN A 329 34.54 41.49 37.07
N LEU A 330 34.22 41.67 38.36
CA LEU A 330 34.46 40.64 39.35
C LEU A 330 33.16 40.13 39.97
N ARG A 331 32.01 40.60 39.46
CA ARG A 331 30.73 40.05 39.85
C ARG A 331 30.59 38.67 39.18
N ASN A 332 30.72 38.66 37.86
CA ASN A 332 30.62 37.43 37.07
C ASN A 332 31.87 36.59 37.31
N PRO A 333 31.75 35.44 38.01
CA PRO A 333 32.89 34.59 38.29
C PRO A 333 33.42 33.83 37.07
N TRP A 334 32.55 33.56 36.10
CA TRP A 334 32.94 32.85 34.90
C TRP A 334 33.60 33.78 33.87
N PHE A 335 33.62 35.09 34.12
CA PHE A 335 33.98 36.04 33.07
C PHE A 335 35.45 35.92 32.66
N GLN A 336 36.35 35.69 33.63
CA GLN A 336 37.77 35.62 33.34
C GLN A 336 38.07 34.40 32.48
N GLU A 337 37.45 33.27 32.80
CA GLU A 337 37.63 32.04 32.04
C GLU A 337 37.15 32.25 30.60
N PHE A 338 35.99 32.90 30.44
CA PHE A 338 35.45 33.19 29.13
C PHE A 338 36.38 34.11 28.35
N TRP A 339 36.95 35.11 29.04
CA TRP A 339 37.85 36.05 28.40
C TRP A 339 39.07 35.32 27.85
N GLN A 340 39.64 34.43 28.65
CA GLN A 340 40.83 33.68 28.24
C GLN A 340 40.46 32.64 27.18
N HIS A 341 39.19 32.24 27.10
CA HIS A 341 38.78 31.26 26.11
C HIS A 341 38.51 31.91 24.76
N ARG A 342 37.90 33.11 24.74
CA ARG A 342 37.56 33.77 23.50
C ARG A 342 38.83 34.20 22.77
N PHE A 343 39.68 34.97 23.46
CA PHE A 343 41.02 35.25 22.96
C PHE A 343 41.95 34.17 23.51
N GLN A 344 42.49 33.34 22.61
CA GLN A 344 43.26 32.17 23.03
C GLN A 344 44.58 32.63 23.65
N CYS A 345 44.50 33.28 24.81
CA CYS A 345 45.66 33.80 25.51
C CYS A 345 45.46 33.57 27.01
N ARG A 346 46.38 34.09 27.83
CA ARG A 346 46.29 33.92 29.27
C ARG A 346 46.51 35.26 29.96
N LEU A 347 45.88 35.42 31.13
CA LEU A 347 45.99 36.64 31.91
C LEU A 347 46.99 36.41 33.04
N GLU A 348 48.02 37.27 33.10
CA GLU A 348 49.14 37.06 34.00
C GLU A 348 48.78 37.41 35.44
N GLY A 349 48.05 38.51 35.62
CA GLY A 349 47.94 39.15 36.93
C GLY A 349 46.85 38.57 37.82
N PHE A 350 46.18 37.49 37.40
CA PHE A 350 45.07 36.96 38.17
C PHE A 350 45.23 35.44 38.36
N PRO A 351 44.66 34.86 39.44
CA PRO A 351 44.82 33.43 39.73
C PRO A 351 44.40 32.49 38.59
N GLN A 352 43.36 32.87 37.84
CA GLN A 352 42.90 32.04 36.73
C GLN A 352 43.82 32.21 35.52
N GLU A 353 45.09 31.82 35.69
CA GLU A 353 46.08 31.93 34.63
C GLU A 353 45.74 30.92 33.53
N ASN A 354 45.47 29.68 33.92
CA ASN A 354 45.13 28.61 32.97
C ASN A 354 46.24 28.51 31.93
N SER A 355 47.39 27.99 32.39
CA SER A 355 48.64 28.02 31.63
C SER A 355 48.57 27.19 30.35
N LYS A 356 47.40 26.64 30.01
CA LYS A 356 47.24 25.89 28.77
C LYS A 356 47.57 26.77 27.57
N TYR A 357 47.10 28.02 27.59
CA TYR A 357 47.42 28.98 26.55
C TYR A 357 48.89 29.40 26.65
N ASN A 358 49.51 29.67 25.50
CA ASN A 358 50.91 30.02 25.43
C ASN A 358 51.08 31.55 25.53
N LYS A 359 50.49 32.28 24.58
CA LYS A 359 50.69 33.71 24.48
C LYS A 359 49.88 34.42 25.57
N THR A 360 50.19 35.71 25.75
CA THR A 360 49.55 36.54 26.75
C THR A 360 48.59 37.50 26.06
N CYS A 361 47.80 38.21 26.87
CA CYS A 361 46.81 39.14 26.37
C CYS A 361 47.26 40.58 26.64
N ASN A 362 47.42 41.35 25.58
CA ASN A 362 47.74 42.76 25.70
C ASN A 362 46.46 43.55 25.97
N SER A 363 46.62 44.78 26.47
CA SER A 363 45.49 45.62 26.84
C SER A 363 44.94 46.34 25.60
N SER A 364 44.59 45.56 24.56
CA SER A 364 44.03 46.11 23.34
C SER A 364 42.85 45.28 22.83
N LEU A 365 42.61 44.10 23.42
CA LEU A 365 41.50 43.24 23.01
C LEU A 365 40.19 43.89 23.46
N THR A 366 39.17 43.80 22.61
CA THR A 366 37.88 44.39 22.89
C THR A 366 36.80 43.52 22.24
N LEU A 367 35.66 43.40 22.92
CA LEU A 367 34.58 42.51 22.49
C LEU A 367 33.86 43.06 21.26
N LYS A 368 34.30 44.21 20.73
CA LYS A 368 33.68 44.80 19.56
C LYS A 368 34.04 44.02 18.30
N THR A 369 35.09 43.19 18.33
CA THR A 369 35.52 42.46 17.16
C THR A 369 34.71 41.17 17.02
N HIS A 370 34.02 41.02 15.88
CA HIS A 370 33.22 39.85 15.58
C HIS A 370 32.19 39.61 16.68
N HIS A 371 31.57 40.70 17.17
CA HIS A 371 30.56 40.61 18.21
C HIS A 371 29.21 40.25 17.58
N VAL A 372 28.64 39.11 18.02
CA VAL A 372 27.30 38.72 17.63
C VAL A 372 26.49 38.51 18.91
N GLN A 373 25.28 39.05 18.90
CA GLN A 373 24.36 38.95 20.02
C GLN A 373 23.33 37.86 19.72
N ASP A 374 23.12 36.97 20.69
CA ASP A 374 22.24 35.83 20.53
C ASP A 374 20.81 36.30 20.26
N SER A 375 20.06 35.44 19.56
CA SER A 375 18.77 35.81 19.03
C SER A 375 17.67 35.67 20.09
N LYS A 376 18.04 35.48 21.36
CA LYS A 376 17.07 35.31 22.43
C LYS A 376 17.36 36.23 23.60
N MET A 377 18.01 37.37 23.33
CA MET A 377 18.35 38.31 24.38
C MET A 377 17.13 39.16 24.73
N GLY A 378 16.18 39.29 23.79
CA GLY A 378 14.92 39.95 24.08
C GLY A 378 14.12 39.21 25.15
N PHE A 379 14.10 37.88 25.05
CA PHE A 379 13.24 37.06 25.87
C PHE A 379 13.75 36.98 27.30
N VAL A 380 15.07 36.98 27.49
CA VAL A 380 15.64 36.91 28.83
C VAL A 380 15.26 38.17 29.61
N ILE A 381 15.47 39.33 29.00
CA ILE A 381 15.16 40.60 29.64
C ILE A 381 13.65 40.70 29.85
N ASN A 382 12.86 40.20 28.89
CA ASN A 382 11.41 40.21 29.02
C ASN A 382 10.98 39.37 30.22
N ALA A 383 11.62 38.22 30.42
CA ALA A 383 11.26 37.32 31.51
C ALA A 383 11.59 37.98 32.85
N ILE A 384 12.77 38.60 32.94
CA ILE A 384 13.17 39.25 34.19
C ILE A 384 12.21 40.41 34.48
N TYR A 385 11.84 41.18 33.44
CA TYR A 385 10.88 42.26 33.60
C TYR A 385 9.52 41.73 34.03
N SER A 386 9.12 40.59 33.48
CA SER A 386 7.84 39.99 33.84
C SER A 386 7.82 39.64 35.32
N MET A 387 8.92 39.04 35.82
CA MET A 387 9.00 38.67 37.22
C MET A 387 8.92 39.92 38.08
N ALA A 388 9.64 40.99 37.69
CA ALA A 388 9.64 42.23 38.44
C ALA A 388 8.25 42.85 38.46
N TYR A 389 7.55 42.83 37.32
CA TYR A 389 6.22 43.43 37.24
C TYR A 389 5.20 42.64 38.05
N GLY A 390 5.33 41.31 38.05
CA GLY A 390 4.48 40.48 38.89
C GLY A 390 4.69 40.79 40.37
N LEU A 391 5.95 40.91 40.79
CA LEU A 391 6.27 41.27 42.15
C LEU A 391 5.70 42.63 42.49
N HIS A 392 5.78 43.59 41.55
CA HIS A 392 5.27 44.93 41.77
C HIS A 392 3.76 44.91 41.93
N ASN A 393 3.06 44.14 41.09
CA ASN A 393 1.61 44.03 41.17
C ASN A 393 1.19 43.47 42.53
N MET A 394 1.86 42.39 42.97
CA MET A 394 1.52 41.77 44.24
C MET A 394 1.82 42.72 45.39
N GLN A 395 2.91 43.49 45.26
CA GLN A 395 3.31 44.45 46.29
C GLN A 395 2.24 45.55 46.42
N MET A 396 1.78 46.06 45.27
CA MET A 396 0.82 47.15 45.26
C MET A 396 -0.56 46.66 45.69
N SER A 397 -0.85 45.36 45.53
CA SER A 397 -2.14 44.82 45.93
C SER A 397 -2.17 44.56 47.43
N LEU A 398 -1.10 43.94 47.97
CA LEU A 398 -1.14 43.48 49.35
C LEU A 398 -1.15 44.64 50.33
N CYS A 399 -0.23 45.60 50.16
CA CYS A 399 -0.19 46.80 51.00
C CYS A 399 -0.14 48.03 50.09
N PRO A 400 -1.31 48.52 49.61
CA PRO A 400 -1.35 49.62 48.66
C PRO A 400 -0.70 50.91 49.16
N GLY A 401 -0.84 51.18 50.47
CA GLY A 401 -0.38 52.44 51.04
C GLY A 401 1.13 52.48 51.19
N TYR A 402 1.68 51.54 51.96
CA TYR A 402 3.10 51.55 52.31
C TYR A 402 3.95 51.35 51.05
N ALA A 403 5.06 52.09 50.97
CA ALA A 403 6.00 52.00 49.86
C ALA A 403 7.22 51.22 50.32
N GLY A 404 7.19 49.90 50.09
CA GLY A 404 8.29 49.03 50.46
C GLY A 404 7.79 47.61 50.70
N LEU A 405 8.57 46.84 51.47
CA LEU A 405 8.22 45.47 51.80
C LEU A 405 7.51 45.49 53.16
N CYS A 406 6.17 45.47 53.11
CA CYS A 406 5.35 45.51 54.31
C CYS A 406 5.45 44.17 55.07
N ASP A 407 4.91 44.16 56.29
CA ASP A 407 4.95 42.98 57.13
C ASP A 407 4.10 41.85 56.56
N ALA A 408 3.20 42.17 55.62
CA ALA A 408 2.32 41.16 55.03
C ALA A 408 3.06 40.30 54.00
N MET A 409 4.37 40.49 53.81
CA MET A 409 5.09 39.71 52.82
C MET A 409 6.45 39.24 53.31
N LYS A 410 6.69 39.20 54.63
CA LYS A 410 7.96 38.67 55.12
C LYS A 410 8.12 37.22 54.67
N PRO A 411 7.11 36.32 54.85
CA PRO A 411 7.13 35.03 54.17
C PRO A 411 6.38 35.12 52.84
N ILE A 412 7.08 35.61 51.80
CA ILE A 412 6.47 35.75 50.48
C ILE A 412 5.90 34.39 50.06
N ASP A 413 4.58 34.35 49.85
CA ASP A 413 3.90 33.11 49.49
C ASP A 413 3.96 32.92 47.98
N GLY A 414 4.41 31.75 47.55
CA GLY A 414 4.56 31.45 46.14
C GLY A 414 3.23 31.45 45.39
N ARG A 415 2.14 31.06 46.07
CA ARG A 415 0.84 30.95 45.45
C ARG A 415 0.37 32.34 45.01
N LYS A 416 0.52 33.33 45.90
CA LYS A 416 0.10 34.70 45.59
C LYS A 416 0.94 35.24 44.43
N LEU A 417 2.25 34.96 44.45
CA LEU A 417 3.14 35.46 43.41
C LEU A 417 2.74 34.86 42.07
N LEU A 418 2.41 33.57 42.03
CA LEU A 418 2.01 32.91 40.79
C LEU A 418 0.69 33.51 40.30
N GLU A 419 -0.25 33.77 41.22
CA GLU A 419 -1.55 34.31 40.87
C GLU A 419 -1.37 35.69 40.23
N SER A 420 -0.47 36.50 40.80
CA SER A 420 -0.20 37.83 40.27
C SER A 420 0.52 37.74 38.92
N LEU A 421 1.42 36.76 38.77
CA LEU A 421 2.17 36.61 37.53
C LEU A 421 1.26 36.20 36.38
N MET A 422 0.28 35.35 36.65
CA MET A 422 -0.53 34.78 35.58
C MET A 422 -1.37 35.86 34.87
N LYS A 423 -1.54 37.04 35.50
CA LYS A 423 -2.40 38.07 34.94
C LYS A 423 -1.59 39.33 34.56
N THR A 424 -0.26 39.22 34.56
CA THR A 424 0.61 40.37 34.29
C THR A 424 0.51 40.79 32.82
N ASN A 425 0.86 42.06 32.55
CA ASN A 425 0.66 42.69 31.26
C ASN A 425 1.46 44.00 31.25
N PHE A 426 2.51 44.06 30.43
CA PHE A 426 3.37 45.22 30.33
C PHE A 426 3.97 45.31 28.94
N THR A 427 4.76 46.36 28.71
CA THR A 427 5.40 46.58 27.42
C THR A 427 6.83 46.02 27.45
N GLY A 428 7.13 45.17 26.47
CA GLY A 428 8.42 44.52 26.38
C GLY A 428 9.51 45.47 25.92
N VAL A 429 10.76 45.00 26.02
CA VAL A 429 11.91 45.80 25.65
C VAL A 429 11.89 46.08 24.15
N SER A 430 11.49 45.07 23.36
CA SER A 430 11.44 45.18 21.91
C SER A 430 10.39 46.22 21.49
N GLY A 431 9.33 46.38 22.30
CA GLY A 431 8.32 47.38 22.01
C GLY A 431 6.90 46.86 22.16
N ASP A 432 6.70 45.55 21.91
CA ASP A 432 5.38 44.94 21.95
C ASP A 432 4.96 44.75 23.41
N THR A 433 3.77 44.15 23.62
CA THR A 433 3.25 43.90 24.95
C THR A 433 3.37 42.41 25.28
N ILE A 434 3.66 42.13 26.55
CA ILE A 434 3.79 40.76 27.05
C ILE A 434 2.58 40.44 27.93
N LEU A 435 1.89 39.35 27.59
CA LEU A 435 0.74 38.90 28.35
C LEU A 435 0.69 37.37 28.35
N PHE A 436 0.32 36.79 29.48
CA PHE A 436 0.21 35.35 29.62
C PHE A 436 -1.25 34.94 29.51
N ASP A 437 -1.54 34.01 28.58
CA ASP A 437 -2.88 33.49 28.47
C ASP A 437 -3.10 32.46 29.57
N GLU A 438 -4.26 31.79 29.54
CA GLU A 438 -4.64 30.87 30.61
C GLU A 438 -3.73 29.65 30.63
N ASN A 439 -3.04 29.36 29.51
CA ASN A 439 -2.20 28.18 29.41
C ASN A 439 -0.76 28.45 29.86
N GLY A 440 -0.44 29.71 30.18
CA GLY A 440 0.84 30.03 30.79
C GLY A 440 1.86 30.59 29.79
N ASP A 441 1.63 30.38 28.49
CA ASP A 441 2.57 30.81 27.47
C ASP A 441 2.18 32.20 26.97
N SER A 442 2.95 32.70 26.00
CA SER A 442 2.79 34.03 25.46
C SER A 442 2.73 33.95 23.94
N PRO A 443 2.00 34.86 23.25
CA PRO A 443 1.99 34.88 21.78
C PRO A 443 3.34 35.29 21.20
N GLY A 444 3.61 34.82 19.99
CA GLY A 444 4.84 35.14 19.29
C GLY A 444 4.73 34.83 17.80
N ARG A 445 5.63 35.45 17.01
CA ARG A 445 5.70 35.24 15.58
C ARG A 445 7.09 34.75 15.20
N TYR A 446 7.18 33.99 14.11
CA TYR A 446 8.41 33.35 13.70
C TYR A 446 9.04 34.13 12.55
N GLU A 447 10.22 33.67 12.12
CA GLU A 447 10.98 34.34 11.07
C GLU A 447 11.78 33.30 10.31
N ILE A 448 11.30 32.93 9.13
CA ILE A 448 12.00 31.96 8.28
C ILE A 448 13.31 32.59 7.86
N MET A 449 14.36 31.77 7.77
CA MET A 449 15.67 32.24 7.36
C MET A 449 16.32 31.21 6.45
N ASN A 450 17.29 31.69 5.67
CA ASN A 450 18.00 30.86 4.72
C ASN A 450 19.49 31.16 4.82
N PHE A 451 20.30 30.10 4.84
CA PHE A 451 21.72 30.21 5.05
C PHE A 451 22.44 30.19 3.71
N LYS A 452 22.68 31.38 3.15
CA LYS A 452 23.16 31.51 1.79
C LYS A 452 24.63 31.94 1.77
N GLU A 453 25.31 31.57 0.68
CA GLU A 453 26.65 32.03 0.39
C GLU A 453 26.55 33.27 -0.49
N MET A 454 26.79 34.45 0.10
CA MET A 454 26.61 35.70 -0.60
C MET A 454 27.83 35.97 -1.48
N GLY A 455 29.00 36.11 -0.84
CA GLY A 455 30.27 36.28 -1.54
C GLY A 455 31.11 35.00 -1.48
N LYS A 456 32.26 35.03 -2.16
CA LYS A 456 33.17 33.89 -2.12
C LYS A 456 33.78 33.82 -0.72
N ASP A 457 33.75 32.61 -0.14
CA ASP A 457 34.26 32.36 1.20
C ASP A 457 33.61 33.33 2.19
N TYR A 458 32.29 33.48 2.08
CA TYR A 458 31.54 34.36 2.96
C TYR A 458 30.09 33.88 2.99
N PHE A 459 29.59 33.63 4.20
CA PHE A 459 28.27 33.07 4.40
C PHE A 459 27.52 33.87 5.45
N ASP A 460 26.19 33.86 5.36
CA ASP A 460 25.36 34.60 6.28
C ASP A 460 23.94 34.03 6.24
N TYR A 461 23.19 34.32 7.31
CA TYR A 461 21.78 33.98 7.38
C TYR A 461 20.98 35.15 6.81
N ILE A 462 20.08 34.84 5.87
CA ILE A 462 19.28 35.85 5.21
C ILE A 462 17.81 35.61 5.53
N ASN A 463 17.13 36.68 5.94
CA ASN A 463 15.70 36.64 6.23
C ASN A 463 14.94 36.59 4.91
N VAL A 464 14.10 35.56 4.75
CA VAL A 464 13.44 35.30 3.48
C VAL A 464 11.94 35.14 3.68
N GLY A 465 11.40 35.70 4.77
CA GLY A 465 9.97 35.59 5.01
C GLY A 465 9.64 35.63 6.49
N SER A 466 8.41 35.20 6.81
CA SER A 466 7.92 35.23 8.18
C SER A 466 6.74 34.28 8.33
N TRP A 467 6.21 34.18 9.54
CA TRP A 467 5.07 33.32 9.83
C TRP A 467 4.38 33.85 11.08
N ASP A 468 3.09 34.19 10.95
CA ASP A 468 2.38 34.81 12.06
C ASP A 468 0.91 34.39 12.01
N ASN A 469 0.49 33.62 13.01
CA ASN A 469 -0.90 33.22 13.15
C ASN A 469 -1.41 32.58 11.87
N GLY A 470 -0.78 31.48 11.45
CA GLY A 470 -1.26 30.65 10.36
C GLY A 470 -0.74 31.09 9.00
N GLU A 471 -0.82 32.40 8.72
CA GLU A 471 -0.43 32.91 7.41
C GLU A 471 1.09 32.93 7.28
N LEU A 472 1.58 32.49 6.12
CA LEU A 472 3.01 32.36 5.85
C LEU A 472 3.35 33.20 4.62
N LYS A 473 4.39 34.04 4.75
CA LYS A 473 4.91 34.83 3.65
C LYS A 473 6.36 34.44 3.40
N MET A 474 6.71 34.15 2.15
CA MET A 474 8.06 33.76 1.81
C MET A 474 8.49 34.47 0.53
N ASP A 475 9.75 34.94 0.51
CA ASP A 475 10.33 35.58 -0.66
C ASP A 475 11.01 34.50 -1.51
N ASP A 476 10.21 33.86 -2.36
CA ASP A 476 10.67 32.74 -3.16
C ASP A 476 11.75 33.16 -4.15
N ASP A 477 11.90 34.46 -4.41
CA ASP A 477 12.91 34.95 -5.33
C ASP A 477 14.30 34.86 -4.67
N GLU A 478 14.38 35.19 -3.39
CA GLU A 478 15.66 35.22 -2.69
C GLU A 478 16.26 33.82 -2.59
N VAL A 479 15.44 32.86 -2.19
CA VAL A 479 15.86 31.47 -2.07
C VAL A 479 15.71 30.79 -3.42
N TRP A 480 16.79 30.14 -3.89
CA TRP A 480 16.85 29.56 -5.22
C TRP A 480 16.56 30.63 -6.27
N SER A 481 17.50 31.57 -6.43
CA SER A 481 17.41 32.61 -7.44
C SER A 481 17.57 31.99 -8.83
N LYS A 482 16.62 31.12 -9.19
CA LYS A 482 16.62 30.35 -10.43
C LYS A 482 15.36 29.51 -10.44
N LYS A 483 15.17 28.73 -11.52
CA LYS A 483 14.06 27.80 -11.58
C LYS A 483 14.52 26.37 -11.30
N SER A 484 15.83 26.13 -11.34
CA SER A 484 16.37 24.82 -11.02
C SER A 484 16.63 24.74 -9.51
N ASN A 485 15.53 24.78 -8.75
CA ASN A 485 15.60 24.77 -7.30
C ASN A 485 15.97 23.36 -6.83
N ILE A 486 15.98 23.17 -5.51
CA ILE A 486 16.15 21.85 -4.93
C ILE A 486 15.02 20.97 -5.44
N ILE A 487 15.39 19.81 -6.00
CA ILE A 487 14.40 18.89 -6.53
C ILE A 487 13.39 18.56 -5.44
N ARG A 488 12.10 18.65 -5.78
CA ARG A 488 11.06 18.27 -4.85
C ARG A 488 11.30 16.82 -4.43
N SER A 489 11.27 16.57 -3.11
CA SER A 489 11.52 15.25 -2.57
C SER A 489 10.26 14.42 -2.71
N VAL A 490 10.18 13.68 -3.82
CA VAL A 490 9.04 12.85 -4.13
C VAL A 490 9.53 11.42 -4.40
N CYS A 491 8.80 10.43 -3.85
CA CYS A 491 9.18 9.04 -3.99
C CYS A 491 8.83 8.51 -5.38
N SER A 492 7.83 9.11 -6.03
CA SER A 492 7.42 8.68 -7.36
C SER A 492 6.85 9.88 -8.11
N GLU A 493 7.07 9.89 -9.43
CA GLU A 493 6.60 10.98 -10.28
C GLU A 493 5.07 10.95 -10.31
N PRO A 494 4.40 12.12 -10.32
CA PRO A 494 2.94 12.16 -10.42
C PRO A 494 2.45 11.48 -11.70
N CYS A 495 1.78 10.33 -11.56
CA CYS A 495 1.52 9.46 -12.69
C CYS A 495 0.05 9.54 -13.14
N GLU A 496 -0.52 10.75 -13.17
CA GLU A 496 -1.88 10.96 -13.61
C GLU A 496 -1.86 11.31 -15.10
N LYS A 497 -1.20 10.45 -15.88
CA LYS A 497 -0.95 10.70 -17.29
C LYS A 497 -1.46 9.53 -18.12
N GLY A 498 -2.05 9.84 -19.28
CA GLY A 498 -2.60 8.82 -20.15
C GLY A 498 -3.62 7.95 -19.40
N GLN A 499 -3.33 6.65 -19.30
CA GLN A 499 -4.22 5.71 -18.62
C GLN A 499 -3.48 4.84 -17.62
N ILE A 500 -2.15 5.00 -17.50
CA ILE A 500 -1.38 4.25 -16.54
C ILE A 500 -1.85 4.61 -15.13
N LYS A 501 -2.24 3.59 -14.35
CA LYS A 501 -2.88 3.79 -13.07
C LYS A 501 -1.84 3.66 -11.95
N VAL A 502 -2.32 3.64 -10.70
CA VAL A 502 -1.45 3.69 -9.53
C VAL A 502 -1.76 2.48 -8.67
N ILE A 503 -0.70 1.75 -8.29
CA ILE A 503 -0.80 0.64 -7.34
C ILE A 503 0.19 0.87 -6.19
N ARG A 504 -0.27 0.71 -4.94
CA ARG A 504 0.55 0.90 -3.75
C ARG A 504 0.94 -0.48 -3.23
N LYS A 505 2.09 -0.59 -2.54
CA LYS A 505 2.81 -1.85 -2.47
C LYS A 505 3.31 -2.17 -1.05
N GLY A 506 2.49 -1.91 -0.03
CA GLY A 506 2.80 -2.32 1.33
C GLY A 506 3.77 -1.36 2.04
N GLU A 507 4.28 -0.37 1.29
CA GLU A 507 5.05 0.75 1.83
C GLU A 507 4.20 2.02 1.72
N VAL A 508 4.76 3.17 2.15
CA VAL A 508 3.94 4.35 2.43
C VAL A 508 3.12 4.66 1.19
N SER A 509 1.88 5.16 1.35
CA SER A 509 1.03 5.42 0.21
C SER A 509 1.59 6.59 -0.62
N CYS A 510 2.90 6.60 -0.84
CA CYS A 510 3.53 7.59 -1.70
C CYS A 510 4.57 6.97 -2.62
N CYS A 511 5.00 5.73 -2.34
CA CYS A 511 5.95 5.04 -3.20
C CYS A 511 5.19 4.03 -4.05
N TRP A 512 4.66 4.52 -5.18
CA TRP A 512 3.86 3.70 -6.07
C TRP A 512 4.61 3.42 -7.37
N THR A 513 4.29 2.27 -7.96
CA THR A 513 4.75 1.93 -9.30
C THR A 513 3.57 2.10 -10.24
N CYS A 514 3.85 2.58 -11.46
CA CYS A 514 2.81 2.95 -12.40
C CYS A 514 2.68 1.88 -13.47
N THR A 515 1.47 1.35 -13.63
CA THR A 515 1.21 0.28 -14.59
C THR A 515 0.01 0.63 -15.45
N PRO A 516 0.07 0.36 -16.78
CA PRO A 516 -1.10 0.51 -17.64
C PRO A 516 -2.09 -0.64 -17.47
N CYS A 517 -3.35 -0.37 -17.87
CA CYS A 517 -4.34 -1.41 -17.99
C CYS A 517 -4.92 -1.41 -19.41
N LYS A 518 -5.87 -2.31 -19.67
CA LYS A 518 -6.24 -2.67 -21.04
C LYS A 518 -6.90 -1.48 -21.75
N GLU A 519 -6.85 -1.53 -23.09
CA GLU A 519 -7.29 -0.41 -23.91
C GLU A 519 -8.80 -0.21 -23.80
N ASN A 520 -9.56 -1.30 -23.70
CA ASN A 520 -11.01 -1.23 -23.58
C ASN A 520 -11.39 -0.75 -22.17
N GLU A 521 -10.42 -0.70 -21.24
CA GLU A 521 -10.69 -0.31 -19.87
C GLU A 521 -10.42 1.18 -19.69
N TYR A 522 -11.29 1.83 -18.90
CA TYR A 522 -11.12 3.23 -18.55
C TYR A 522 -10.96 3.36 -17.04
N VAL A 523 -10.25 4.40 -16.63
CA VAL A 523 -9.87 4.57 -15.24
C VAL A 523 -11.10 4.96 -14.43
N PHE A 524 -11.44 4.14 -13.43
CA PHE A 524 -12.51 4.45 -12.50
C PHE A 524 -12.04 5.55 -11.55
N ASP A 525 -11.01 5.26 -10.77
CA ASP A 525 -10.39 6.23 -9.86
C ASP A 525 -8.89 6.19 -10.08
N GLU A 526 -8.12 6.79 -9.16
CA GLU A 526 -6.68 6.90 -9.31
C GLU A 526 -6.02 5.51 -9.18
N TYR A 527 -6.75 4.53 -8.63
CA TYR A 527 -6.14 3.24 -8.27
C TYR A 527 -6.76 2.07 -9.02
N THR A 528 -7.94 2.25 -9.62
CA THR A 528 -8.62 1.13 -10.29
C THR A 528 -9.16 1.58 -11.64
N CYS A 529 -9.05 0.69 -12.64
CA CYS A 529 -9.66 0.87 -13.95
C CYS A 529 -10.51 -0.37 -14.27
N LYS A 530 -11.64 -0.16 -14.94
CA LYS A 530 -12.52 -1.25 -15.31
C LYS A 530 -12.86 -1.15 -16.79
N ALA A 531 -13.18 -2.30 -17.39
CA ALA A 531 -13.54 -2.39 -18.80
C ALA A 531 -14.91 -1.78 -19.04
N CYS A 532 -15.17 -1.43 -20.30
CA CYS A 532 -16.45 -0.90 -20.73
C CYS A 532 -17.45 -2.05 -20.94
N GLN A 533 -18.62 -1.73 -21.50
CA GLN A 533 -19.64 -2.73 -21.75
C GLN A 533 -19.20 -3.64 -22.89
N LEU A 534 -20.02 -4.67 -23.18
CA LEU A 534 -19.76 -5.55 -24.30
C LEU A 534 -19.75 -4.74 -25.60
N GLY A 535 -20.79 -3.93 -25.79
CA GLY A 535 -20.83 -2.95 -26.87
C GLY A 535 -20.63 -1.54 -26.32
N SER A 536 -19.38 -1.06 -26.33
CA SER A 536 -19.02 0.25 -25.80
C SER A 536 -17.54 0.50 -26.05
N TRP A 537 -17.07 1.68 -25.66
CA TRP A 537 -15.65 2.00 -25.78
C TRP A 537 -15.34 3.16 -24.84
N PRO A 538 -14.15 3.17 -24.19
CA PRO A 538 -13.74 4.33 -23.41
C PRO A 538 -13.56 5.56 -24.31
N THR A 539 -13.94 6.72 -23.79
CA THR A 539 -13.85 7.97 -24.52
C THR A 539 -12.39 8.45 -24.52
N ASP A 540 -12.17 9.69 -24.98
CA ASP A 540 -10.84 10.26 -25.02
C ASP A 540 -10.30 10.45 -23.60
N ASP A 541 -8.98 10.32 -23.47
CA ASP A 541 -8.25 10.48 -22.22
C ASP A 541 -8.67 9.42 -21.18
N LEU A 542 -9.40 8.39 -21.61
CA LEU A 542 -9.79 7.26 -20.77
C LEU A 542 -10.61 7.70 -19.55
N THR A 543 -11.19 8.89 -19.58
CA THR A 543 -11.86 9.43 -18.41
C THR A 543 -13.18 8.69 -18.20
N GLY A 544 -13.93 8.52 -19.30
CA GLY A 544 -15.27 7.93 -19.25
C GLY A 544 -15.47 6.87 -20.33
N CYS A 545 -16.73 6.44 -20.47
CA CYS A 545 -17.10 5.46 -21.48
C CYS A 545 -18.35 5.95 -22.21
N ASP A 546 -18.42 5.66 -23.52
CA ASP A 546 -19.56 6.04 -24.33
C ASP A 546 -19.91 4.90 -25.29
N LEU A 547 -21.11 4.98 -25.87
CA LEU A 547 -21.61 3.98 -26.80
C LEU A 547 -20.95 4.21 -28.16
N ILE A 548 -20.25 3.20 -28.66
CA ILE A 548 -19.58 3.28 -29.95
C ILE A 548 -20.66 3.28 -31.04
N PRO A 549 -20.56 4.13 -32.08
CA PRO A 549 -21.53 4.12 -33.17
C PRO A 549 -21.58 2.77 -33.87
N VAL A 550 -22.79 2.38 -34.26
CA VAL A 550 -23.02 1.11 -34.95
C VAL A 550 -22.59 1.25 -36.42
N GLN A 551 -22.16 0.13 -37.00
CA GLN A 551 -21.74 0.09 -38.39
C GLN A 551 -22.74 -0.76 -39.19
N TYR A 552 -23.17 -0.22 -40.34
CA TYR A 552 -24.22 -0.83 -41.14
C TYR A 552 -23.75 -0.96 -42.59
N LEU A 553 -24.62 -1.55 -43.42
CA LEU A 553 -24.37 -1.67 -44.84
C LEU A 553 -24.65 -0.31 -45.51
N ARG A 554 -23.60 0.50 -45.63
CA ARG A 554 -23.73 1.85 -46.15
C ARG A 554 -24.08 1.81 -47.63
N TRP A 555 -24.95 2.72 -48.06
CA TRP A 555 -25.40 2.76 -49.44
C TRP A 555 -24.27 3.16 -50.38
N GLY A 556 -23.22 3.80 -49.86
CA GLY A 556 -22.04 4.12 -50.64
C GLY A 556 -21.21 2.87 -50.93
N ASP A 557 -19.87 3.05 -50.93
CA ASP A 557 -18.91 1.98 -51.06
C ASP A 557 -18.99 1.35 -52.45
N PRO A 558 -17.88 0.75 -52.95
CA PRO A 558 -17.87 0.16 -54.28
C PRO A 558 -18.73 -1.10 -54.43
N GLU A 559 -18.68 -2.00 -53.45
CA GLU A 559 -19.30 -3.31 -53.58
C GLU A 559 -20.82 -3.19 -53.65
N PRO A 560 -21.53 -2.54 -52.70
CA PRO A 560 -22.98 -2.43 -52.79
C PRO A 560 -23.46 -1.56 -53.95
N ILE A 561 -22.63 -0.60 -54.38
CA ILE A 561 -22.92 0.19 -55.56
C ILE A 561 -22.92 -0.71 -56.79
N ALA A 562 -21.92 -1.59 -56.90
CA ALA A 562 -21.87 -2.55 -58.00
C ALA A 562 -23.09 -3.46 -57.95
N ALA A 563 -23.49 -3.88 -56.73
CA ALA A 563 -24.62 -4.78 -56.56
C ALA A 563 -25.92 -4.11 -57.01
N VAL A 564 -26.09 -2.83 -56.64
CA VAL A 564 -27.32 -2.12 -56.97
C VAL A 564 -27.35 -1.81 -58.47
N VAL A 565 -26.18 -1.56 -59.07
CA VAL A 565 -26.10 -1.35 -60.51
C VAL A 565 -26.52 -2.62 -61.24
N PHE A 566 -26.06 -3.78 -60.75
CA PHE A 566 -26.43 -5.05 -61.35
C PHE A 566 -27.94 -5.28 -61.20
N ALA A 567 -28.51 -4.94 -60.04
CA ALA A 567 -29.94 -5.10 -59.81
C ALA A 567 -30.73 -4.20 -60.77
N CYS A 568 -30.26 -2.97 -60.98
CA CYS A 568 -30.93 -2.04 -61.88
C CYS A 568 -30.85 -2.54 -63.33
N LEU A 569 -29.70 -3.10 -63.73
CA LEU A 569 -29.56 -3.67 -65.06
C LEU A 569 -30.51 -4.85 -65.24
N GLY A 570 -30.66 -5.67 -64.20
CA GLY A 570 -31.61 -6.77 -64.20
C GLY A 570 -33.05 -6.29 -64.38
N LEU A 571 -33.39 -5.20 -63.68
CA LEU A 571 -34.73 -4.61 -63.80
C LEU A 571 -34.95 -4.12 -65.23
N LEU A 572 -33.95 -3.46 -65.81
CA LEU A 572 -34.07 -2.94 -67.18
C LEU A 572 -34.24 -4.09 -68.15
N ALA A 573 -33.49 -5.19 -67.96
CA ALA A 573 -33.57 -6.34 -68.83
C ALA A 573 -34.96 -6.96 -68.77
N THR A 574 -35.51 -7.09 -67.55
CA THR A 574 -36.83 -7.68 -67.36
C THR A 574 -37.92 -6.78 -67.95
N LEU A 575 -37.77 -5.46 -67.83
CA LEU A 575 -38.72 -4.53 -68.40
C LEU A 575 -38.69 -4.63 -69.93
N PHE A 576 -37.50 -4.75 -70.52
CA PHE A 576 -37.37 -4.90 -71.95
C PHE A 576 -38.03 -6.21 -72.39
N VAL A 577 -37.81 -7.28 -71.61
CA VAL A 577 -38.36 -8.59 -71.93
C VAL A 577 -39.88 -8.54 -71.89
N THR A 578 -40.45 -7.89 -70.86
CA THR A 578 -41.89 -7.82 -70.71
C THR A 578 -42.50 -6.94 -71.81
N VAL A 579 -41.75 -5.91 -72.26
CA VAL A 579 -42.21 -5.08 -73.36
C VAL A 579 -42.30 -5.92 -74.63
N VAL A 580 -41.25 -6.71 -74.89
CA VAL A 580 -41.23 -7.56 -76.07
C VAL A 580 -42.30 -8.64 -75.89
N PHE A 581 -42.18 -9.42 -74.81
CA PHE A 581 -43.20 -10.36 -74.38
C PHE A 581 -44.60 -9.90 -74.80
N ILE A 582 -45.00 -8.69 -74.38
CA ILE A 582 -46.37 -8.24 -74.62
C ILE A 582 -46.54 -7.88 -76.10
N ILE A 583 -45.67 -7.02 -76.64
CA ILE A 583 -45.81 -6.62 -78.04
C ILE A 583 -46.10 -7.86 -78.88
N TYR A 584 -45.24 -8.89 -78.75
CA TYR A 584 -45.34 -10.10 -79.55
C TYR A 584 -45.95 -11.21 -78.71
N ARG A 585 -47.18 -10.99 -78.22
CA ARG A 585 -47.83 -11.94 -77.33
C ARG A 585 -48.45 -13.09 -78.11
N ASP A 586 -49.46 -12.76 -78.94
CA ASP A 586 -50.33 -13.76 -79.54
C ASP A 586 -49.65 -14.48 -80.71
N THR A 587 -48.45 -14.02 -81.10
CA THR A 587 -47.73 -14.57 -82.23
C THR A 587 -47.46 -16.05 -82.01
N PRO A 588 -47.75 -16.92 -83.00
CA PRO A 588 -47.60 -18.37 -82.84
C PRO A 588 -46.18 -18.84 -82.51
N VAL A 589 -45.16 -18.07 -82.93
CA VAL A 589 -43.76 -18.43 -82.70
C VAL A 589 -43.45 -18.52 -81.20
N VAL A 590 -44.15 -17.72 -80.38
CA VAL A 590 -43.97 -17.78 -78.94
C VAL A 590 -45.21 -18.36 -78.26
N LYS A 591 -46.32 -18.51 -78.99
CA LYS A 591 -47.55 -19.03 -78.42
C LYS A 591 -47.56 -20.56 -78.46
N SER A 592 -46.47 -21.17 -77.99
CA SER A 592 -46.38 -22.60 -77.76
C SER A 592 -46.59 -22.90 -76.27
N SER A 593 -46.11 -22.00 -75.41
CA SER A 593 -46.31 -22.09 -73.97
C SER A 593 -47.19 -20.95 -73.48
N SER A 594 -47.72 -21.10 -72.26
CA SER A 594 -48.56 -20.06 -71.66
C SER A 594 -47.71 -18.82 -71.39
N ARG A 595 -48.06 -17.71 -72.05
CA ARG A 595 -47.44 -16.41 -71.82
C ARG A 595 -47.25 -16.17 -70.31
N GLU A 596 -48.22 -16.64 -69.52
CA GLU A 596 -48.29 -16.35 -68.10
C GLU A 596 -47.44 -17.36 -67.33
N LEU A 597 -47.51 -18.64 -67.72
CA LEU A 597 -46.52 -19.60 -67.27
C LEU A 597 -45.12 -18.98 -67.36
N CYS A 598 -44.86 -18.26 -68.46
CA CYS A 598 -43.63 -17.52 -68.66
C CYS A 598 -43.63 -16.25 -67.79
N TYR A 599 -44.77 -15.56 -67.75
CA TYR A 599 -44.89 -14.29 -67.04
C TYR A 599 -44.54 -14.49 -65.56
N ILE A 600 -45.21 -15.44 -64.90
CA ILE A 600 -44.99 -15.64 -63.46
C ILE A 600 -43.49 -15.80 -63.22
N ILE A 601 -42.83 -16.55 -64.11
CA ILE A 601 -41.38 -16.69 -64.08
C ILE A 601 -40.74 -15.30 -64.13
N LEU A 602 -41.25 -14.44 -65.03
CA LEU A 602 -40.76 -13.08 -65.16
C LEU A 602 -41.04 -12.29 -63.88
N ALA A 603 -42.21 -12.50 -63.28
CA ALA A 603 -42.57 -11.83 -62.05
C ALA A 603 -41.58 -12.19 -60.94
N GLY A 604 -41.26 -13.49 -60.82
CA GLY A 604 -40.28 -13.96 -59.85
C GLY A 604 -38.89 -13.42 -60.12
N ILE A 605 -38.50 -13.33 -61.40
CA ILE A 605 -37.16 -12.88 -61.71
C ILE A 605 -37.03 -11.40 -61.38
N CYS A 606 -38.11 -10.62 -61.58
CA CYS A 606 -38.11 -9.23 -61.16
C CYS A 606 -38.08 -9.13 -59.63
N LEU A 607 -38.88 -9.98 -58.97
CA LEU A 607 -38.96 -10.03 -57.52
C LEU A 607 -37.59 -10.36 -56.93
N GLY A 608 -36.73 -11.06 -57.68
CA GLY A 608 -35.34 -11.25 -57.28
C GLY A 608 -34.62 -9.92 -57.01
N TYR A 609 -34.67 -9.03 -57.99
CA TYR A 609 -34.02 -7.73 -57.88
C TYR A 609 -34.71 -6.88 -56.82
N LEU A 610 -36.03 -6.98 -56.69
CA LEU A 610 -36.73 -6.24 -55.65
C LEU A 610 -36.26 -6.74 -54.27
N CYS A 611 -35.97 -8.05 -54.17
CA CYS A 611 -35.49 -8.63 -52.92
C CYS A 611 -34.10 -8.08 -52.60
N THR A 612 -33.26 -7.93 -53.62
CA THR A 612 -31.93 -7.36 -53.44
C THR A 612 -32.08 -5.92 -52.94
N PHE A 613 -32.99 -5.16 -53.55
CA PHE A 613 -33.20 -3.77 -53.16
C PHE A 613 -33.64 -3.68 -51.69
N CYS A 614 -34.59 -4.54 -51.30
CA CYS A 614 -35.11 -4.51 -49.94
C CYS A 614 -34.12 -5.14 -48.96
N LEU A 615 -33.05 -5.77 -49.45
CA LEU A 615 -32.05 -6.40 -48.60
C LEU A 615 -30.96 -5.40 -48.21
N ILE A 616 -30.36 -4.73 -49.21
CA ILE A 616 -29.30 -3.78 -48.95
C ILE A 616 -29.94 -2.44 -48.58
N ALA A 617 -30.07 -2.20 -47.28
CA ALA A 617 -30.67 -0.99 -46.74
C ALA A 617 -30.39 -0.94 -45.24
N LYS A 618 -30.95 0.06 -44.55
CA LYS A 618 -30.90 0.11 -43.11
C LYS A 618 -31.77 -1.03 -42.56
N PRO A 619 -31.21 -1.97 -41.76
CA PRO A 619 -32.01 -3.04 -41.17
C PRO A 619 -33.13 -2.48 -40.29
N LYS A 620 -34.38 -2.79 -40.66
CA LYS A 620 -35.55 -2.29 -39.97
C LYS A 620 -36.53 -3.45 -39.74
N GLN A 621 -37.56 -3.20 -38.92
CA GLN A 621 -38.56 -4.20 -38.58
C GLN A 621 -39.29 -4.65 -39.84
N ILE A 622 -39.68 -3.69 -40.68
CA ILE A 622 -40.42 -4.01 -41.90
C ILE A 622 -39.50 -4.67 -42.91
N TYR A 623 -38.30 -4.10 -43.07
CA TYR A 623 -37.34 -4.58 -44.05
C TYR A 623 -36.92 -6.01 -43.75
N CYS A 624 -36.84 -6.39 -42.47
CA CYS A 624 -36.50 -7.74 -42.09
C CYS A 624 -37.41 -8.76 -42.79
N TYR A 625 -38.71 -8.66 -42.50
CA TYR A 625 -39.65 -9.66 -42.99
C TYR A 625 -39.83 -9.52 -44.50
N LEU A 626 -39.75 -8.29 -45.02
CA LEU A 626 -39.84 -8.07 -46.46
C LEU A 626 -38.71 -8.82 -47.18
N GLN A 627 -37.49 -8.68 -46.67
CA GLN A 627 -36.32 -9.31 -47.26
C GLN A 627 -36.44 -10.83 -47.15
N ARG A 628 -36.89 -11.32 -45.99
CA ARG A 628 -37.08 -12.75 -45.79
C ARG A 628 -38.10 -13.29 -46.79
N ILE A 629 -39.22 -12.58 -46.94
CA ILE A 629 -40.28 -12.98 -47.86
C ILE A 629 -39.72 -13.05 -49.27
N GLY A 630 -38.97 -12.02 -49.66
CA GLY A 630 -38.40 -11.95 -51.00
C GLY A 630 -37.49 -13.14 -51.31
N ILE A 631 -36.52 -13.38 -50.41
CA ILE A 631 -35.53 -14.44 -50.63
C ILE A 631 -36.23 -15.80 -50.61
N GLY A 632 -37.25 -15.95 -49.75
CA GLY A 632 -37.93 -17.22 -49.61
C GLY A 632 -38.84 -17.54 -50.79
N LEU A 633 -39.38 -16.50 -51.42
CA LEU A 633 -40.49 -16.65 -52.36
C LEU A 633 -40.00 -16.63 -53.80
N SER A 634 -39.22 -15.60 -54.16
CA SER A 634 -38.95 -15.30 -55.56
C SER A 634 -38.33 -16.49 -56.29
N PRO A 635 -37.16 -17.02 -55.87
CA PRO A 635 -36.51 -18.09 -56.63
C PRO A 635 -37.36 -19.36 -56.65
N ALA A 636 -38.03 -19.64 -55.53
CA ALA A 636 -38.81 -20.87 -55.40
C ALA A 636 -40.02 -20.83 -56.33
N MET A 637 -40.73 -19.69 -56.35
CA MET A 637 -41.94 -19.61 -57.16
C MET A 637 -41.57 -19.53 -58.64
N SER A 638 -40.41 -18.94 -58.98
CA SER A 638 -39.95 -18.96 -60.36
C SER A 638 -39.61 -20.40 -60.79
N TYR A 639 -38.87 -21.12 -59.95
CA TYR A 639 -38.36 -22.43 -60.31
C TYR A 639 -39.48 -23.47 -60.34
N SER A 640 -40.54 -23.25 -59.55
CA SER A 640 -41.70 -24.14 -59.61
C SER A 640 -42.37 -24.07 -60.98
N ALA A 641 -42.54 -22.84 -61.50
CA ALA A 641 -43.08 -22.64 -62.84
C ALA A 641 -42.14 -23.26 -63.88
N LEU A 642 -40.82 -23.09 -63.67
CA LEU A 642 -39.84 -23.65 -64.59
C LEU A 642 -39.97 -25.17 -64.65
N VAL A 643 -40.10 -25.81 -63.47
CA VAL A 643 -40.12 -27.26 -63.44
C VAL A 643 -41.42 -27.76 -64.06
N THR A 644 -42.53 -27.04 -63.85
CA THR A 644 -43.80 -27.42 -64.47
C THR A 644 -43.69 -27.34 -65.99
N LYS A 645 -43.08 -26.26 -66.49
CA LYS A 645 -42.92 -26.05 -67.92
C LYS A 645 -42.07 -27.18 -68.51
N THR A 646 -40.99 -27.56 -67.82
CA THR A 646 -40.11 -28.60 -68.31
C THR A 646 -40.81 -29.95 -68.27
N ASN A 647 -41.51 -30.26 -67.16
CA ASN A 647 -42.01 -31.60 -66.93
C ASN A 647 -43.21 -31.88 -67.83
N ARG A 648 -44.00 -30.84 -68.18
CA ARG A 648 -45.09 -31.01 -69.11
C ARG A 648 -44.54 -31.52 -70.46
N ILE A 649 -43.51 -30.84 -70.97
CA ILE A 649 -42.94 -31.18 -72.26
C ILE A 649 -42.28 -32.56 -72.16
N ALA A 650 -41.57 -32.82 -71.05
CA ALA A 650 -40.88 -34.09 -70.86
C ALA A 650 -41.88 -35.25 -70.86
N ARG A 651 -43.03 -35.07 -70.20
CA ARG A 651 -44.01 -36.15 -70.06
C ARG A 651 -44.75 -36.35 -71.37
N ILE A 652 -44.99 -35.28 -72.14
CA ILE A 652 -45.69 -35.43 -73.42
C ILE A 652 -44.72 -36.00 -74.47
N LEU A 653 -43.41 -35.87 -74.23
CA LEU A 653 -42.43 -36.48 -75.11
C LEU A 653 -41.93 -37.81 -74.50
N SER A 669 -52.15 -31.39 -68.01
CA SER A 669 -51.93 -30.42 -69.12
C SER A 669 -52.96 -29.29 -69.04
N ALA A 670 -53.20 -28.66 -70.19
CA ALA A 670 -54.18 -27.58 -70.31
C ALA A 670 -53.82 -26.46 -69.33
N CYS A 671 -54.84 -25.86 -68.68
CA CYS A 671 -54.64 -24.77 -67.76
C CYS A 671 -54.38 -25.25 -66.34
N ALA A 672 -54.36 -26.59 -66.12
CA ALA A 672 -54.16 -27.14 -64.80
C ALA A 672 -52.73 -26.96 -64.32
N GLN A 673 -51.81 -26.63 -65.25
CA GLN A 673 -50.41 -26.41 -64.93
C GLN A 673 -50.24 -25.21 -64.00
N LEU A 674 -51.03 -24.14 -64.23
CA LEU A 674 -50.94 -22.94 -63.41
C LEU A 674 -51.28 -23.29 -61.97
N VAL A 675 -52.36 -24.08 -61.79
CA VAL A 675 -52.83 -24.44 -60.46
C VAL A 675 -51.81 -25.38 -59.80
N ILE A 676 -51.28 -26.34 -60.59
CA ILE A 676 -50.37 -27.32 -60.03
C ILE A 676 -49.03 -26.66 -59.68
N ALA A 677 -48.74 -25.49 -60.25
CA ALA A 677 -47.57 -24.72 -59.86
C ALA A 677 -47.87 -23.85 -58.62
N PHE A 678 -49.06 -23.25 -58.58
CA PHE A 678 -49.46 -22.42 -57.45
C PHE A 678 -49.49 -23.22 -56.16
N ILE A 679 -49.88 -24.50 -56.24
CA ILE A 679 -49.91 -25.35 -55.05
C ILE A 679 -48.49 -25.57 -54.52
N LEU A 680 -47.51 -25.68 -55.43
CA LEU A 680 -46.11 -25.80 -55.03
C LEU A 680 -45.66 -24.48 -54.40
N ILE A 681 -46.06 -23.36 -55.01
CA ILE A 681 -45.69 -22.04 -54.52
C ILE A 681 -46.16 -21.86 -53.08
N CYS A 682 -47.37 -22.36 -52.76
CA CYS A 682 -47.95 -22.21 -51.44
C CYS A 682 -47.07 -22.83 -50.33
N ILE A 683 -46.21 -23.79 -50.69
CA ILE A 683 -45.38 -24.48 -49.70
C ILE A 683 -44.42 -23.49 -49.07
N GLN A 684 -43.79 -22.62 -49.89
CA GLN A 684 -42.87 -21.63 -49.36
C GLN A 684 -43.61 -20.66 -48.41
N LEU A 685 -44.83 -20.27 -48.78
CA LEU A 685 -45.61 -19.36 -47.95
C LEU A 685 -45.87 -20.01 -46.60
N GLY A 686 -46.27 -21.30 -46.60
CA GLY A 686 -46.56 -22.01 -45.38
C GLY A 686 -45.33 -22.13 -44.47
N ILE A 687 -44.19 -22.52 -45.07
CA ILE A 687 -42.99 -22.75 -44.29
C ILE A 687 -42.47 -21.42 -43.76
N ILE A 688 -42.58 -20.34 -44.55
CA ILE A 688 -42.08 -19.05 -44.12
C ILE A 688 -42.99 -18.48 -43.03
N VAL A 689 -44.29 -18.77 -43.08
CA VAL A 689 -45.20 -18.35 -42.03
C VAL A 689 -44.87 -19.09 -40.73
N ALA A 690 -44.55 -20.39 -40.84
CA ALA A 690 -44.17 -21.19 -39.69
C ALA A 690 -42.90 -20.63 -39.04
N LEU A 691 -41.90 -20.30 -39.87
CA LEU A 691 -40.65 -19.75 -39.36
C LEU A 691 -40.88 -18.34 -38.81
N PHE A 692 -41.86 -17.61 -39.36
CA PHE A 692 -42.24 -16.30 -38.86
C PHE A 692 -42.78 -16.42 -37.45
N ILE A 693 -43.63 -17.42 -37.22
CA ILE A 693 -44.18 -17.68 -35.89
C ILE A 693 -43.05 -18.06 -34.94
N MET A 694 -42.13 -18.91 -35.39
CA MET A 694 -41.01 -19.34 -34.55
C MET A 694 -40.06 -18.17 -34.27
N GLU A 695 -39.78 -17.35 -35.28
CA GLU A 695 -38.88 -16.22 -35.12
C GLU A 695 -39.52 -14.94 -35.66
N PRO A 696 -39.88 -13.98 -34.79
CA PRO A 696 -40.39 -12.69 -35.26
C PRO A 696 -39.27 -11.85 -35.84
N PRO A 697 -39.56 -10.93 -36.78
CA PRO A 697 -38.54 -10.05 -37.35
C PRO A 697 -38.20 -8.87 -36.43
N ASP A 698 -36.93 -8.77 -36.03
CA ASP A 698 -36.44 -7.66 -35.24
C ASP A 698 -34.96 -7.41 -35.54
N ILE A 699 -34.52 -6.19 -35.19
CA ILE A 699 -33.13 -5.81 -35.35
C ILE A 699 -32.30 -6.45 -34.23
N MET A 700 -31.16 -7.03 -34.62
CA MET A 700 -30.25 -7.68 -33.70
C MET A 700 -28.89 -6.99 -33.82
N HIS A 701 -28.30 -6.66 -32.66
CA HIS A 701 -26.99 -6.01 -32.61
C HIS A 701 -25.95 -7.06 -32.29
N ASP A 702 -25.00 -7.26 -33.21
CA ASP A 702 -23.97 -8.28 -33.07
C ASP A 702 -22.65 -7.64 -32.62
N TYR A 703 -21.83 -8.43 -31.93
CA TYR A 703 -20.54 -7.98 -31.43
C TYR A 703 -19.47 -8.97 -31.87
N PRO A 704 -18.97 -8.89 -33.13
CA PRO A 704 -17.91 -9.77 -33.60
C PRO A 704 -16.63 -9.60 -32.80
N SER A 705 -16.32 -8.34 -32.44
CA SER A 705 -15.18 -8.05 -31.60
C SER A 705 -15.52 -6.91 -30.65
N ILE A 706 -14.65 -6.69 -29.66
CA ILE A 706 -14.83 -5.66 -28.66
C ILE A 706 -14.78 -4.26 -29.28
N ARG A 707 -14.32 -4.15 -30.54
CA ARG A 707 -14.14 -2.87 -31.19
C ARG A 707 -15.18 -2.63 -32.28
N GLU A 708 -15.79 -3.69 -32.83
CA GLU A 708 -16.75 -3.52 -33.92
C GLU A 708 -18.14 -4.00 -33.47
N VAL A 709 -19.16 -3.19 -33.78
CA VAL A 709 -20.54 -3.54 -33.53
C VAL A 709 -21.33 -3.26 -34.81
N TYR A 710 -22.12 -4.27 -35.22
CA TYR A 710 -22.99 -4.14 -36.37
C TYR A 710 -24.44 -4.28 -35.95
N LEU A 711 -25.35 -3.83 -36.81
CA LEU A 711 -26.78 -4.05 -36.64
C LEU A 711 -27.28 -4.91 -37.79
N ILE A 712 -27.92 -6.04 -37.43
CA ILE A 712 -28.46 -6.97 -38.39
C ILE A 712 -29.86 -7.38 -37.94
N CYS A 713 -30.48 -8.33 -38.65
CA CYS A 713 -31.80 -8.81 -38.30
C CYS A 713 -31.70 -10.03 -37.39
N ASN A 714 -32.85 -10.65 -37.10
CA ASN A 714 -32.91 -11.83 -36.26
C ASN A 714 -32.71 -13.10 -37.09
N THR A 715 -31.97 -12.98 -38.20
CA THR A 715 -31.77 -14.09 -39.11
C THR A 715 -31.09 -15.23 -38.38
N THR A 716 -31.59 -16.45 -38.61
CA THR A 716 -31.06 -17.65 -37.98
C THR A 716 -30.75 -18.71 -39.04
N ASN A 717 -29.85 -19.63 -38.68
CA ASN A 717 -29.40 -20.66 -39.61
C ASN A 717 -30.57 -21.56 -39.98
N LEU A 718 -31.32 -22.01 -38.97
CA LEU A 718 -32.44 -22.91 -39.20
C LEU A 718 -33.61 -22.16 -39.85
N GLY A 719 -33.66 -20.83 -39.69
CA GLY A 719 -34.73 -20.03 -40.28
C GLY A 719 -34.52 -19.76 -41.77
N VAL A 720 -33.34 -20.11 -42.31
CA VAL A 720 -33.05 -19.82 -43.71
C VAL A 720 -32.64 -21.10 -44.45
N VAL A 721 -32.20 -22.13 -43.73
CA VAL A 721 -31.76 -23.36 -44.36
C VAL A 721 -32.95 -24.10 -44.98
N ALA A 722 -34.12 -24.03 -44.33
CA ALA A 722 -35.30 -24.76 -44.78
C ALA A 722 -35.78 -24.27 -46.14
N PRO A 723 -36.00 -22.94 -46.38
CA PRO A 723 -36.33 -22.47 -47.71
C PRO A 723 -35.24 -22.77 -48.73
N LEU A 724 -33.97 -22.71 -48.29
CA LEU A 724 -32.85 -23.16 -49.12
C LEU A 724 -33.00 -24.64 -49.46
N GLY A 725 -33.45 -25.45 -48.49
CA GLY A 725 -33.67 -26.87 -48.72
C GLY A 725 -34.74 -27.12 -49.79
N TYR A 726 -35.84 -26.36 -49.73
CA TYR A 726 -36.94 -26.51 -50.68
C TYR A 726 -36.47 -26.07 -52.07
N ASN A 727 -35.71 -24.96 -52.13
CA ASN A 727 -35.15 -24.49 -53.38
C ASN A 727 -34.23 -25.56 -53.97
N GLY A 728 -33.43 -26.21 -53.10
CA GLY A 728 -32.51 -27.24 -53.52
C GLY A 728 -33.21 -28.47 -54.09
N LEU A 729 -34.29 -28.92 -53.44
CA LEU A 729 -34.98 -30.12 -53.91
C LEU A 729 -35.69 -29.78 -55.23
N LEU A 730 -36.20 -28.54 -55.36
CA LEU A 730 -36.80 -28.10 -56.60
C LEU A 730 -35.75 -28.08 -57.71
N ILE A 731 -34.54 -27.62 -57.40
CA ILE A 731 -33.46 -27.55 -58.36
C ILE A 731 -33.09 -28.97 -58.81
N LEU A 732 -33.00 -29.91 -57.87
CA LEU A 732 -32.63 -31.27 -58.26
C LEU A 732 -33.75 -31.93 -59.08
N ALA A 733 -35.01 -31.58 -58.78
CA ALA A 733 -36.13 -32.07 -59.58
C ALA A 733 -36.02 -31.54 -61.02
N CYS A 734 -35.65 -30.26 -61.16
CA CYS A 734 -35.47 -29.64 -62.46
C CYS A 734 -34.30 -30.29 -63.20
N THR A 735 -33.23 -30.66 -62.47
CA THR A 735 -32.11 -31.37 -63.06
C THR A 735 -32.58 -32.72 -63.61
N PHE A 736 -33.45 -33.40 -62.84
CA PHE A 736 -33.98 -34.69 -63.25
C PHE A 736 -34.78 -34.55 -64.54
N TYR A 737 -35.60 -33.49 -64.63
CA TYR A 737 -36.42 -33.25 -65.81
C TYR A 737 -35.59 -32.74 -66.97
N ALA A 738 -34.39 -32.21 -66.72
CA ALA A 738 -33.58 -31.59 -67.76
C ALA A 738 -33.08 -32.62 -68.76
N PHE A 739 -32.34 -33.64 -68.29
CA PHE A 739 -31.65 -34.55 -69.19
C PHE A 739 -32.63 -35.45 -69.93
N LYS A 740 -33.87 -35.56 -69.43
CA LYS A 740 -34.91 -36.31 -70.14
C LYS A 740 -35.19 -35.66 -71.50
N THR A 741 -35.31 -34.33 -71.51
CA THR A 741 -35.55 -33.60 -72.74
C THR A 741 -34.26 -33.51 -73.53
N ARG A 742 -33.15 -33.21 -72.83
CA ARG A 742 -31.85 -33.01 -73.44
C ARG A 742 -31.94 -31.96 -74.55
N ASN A 743 -31.93 -32.41 -75.82
CA ASN A 743 -32.04 -31.52 -76.96
C ASN A 743 -33.29 -31.90 -77.76
N VAL A 744 -34.32 -31.06 -77.67
CA VAL A 744 -35.57 -31.31 -78.36
C VAL A 744 -35.78 -30.21 -79.40
N PRO A 745 -36.01 -30.54 -80.68
CA PRO A 745 -36.31 -29.53 -81.70
C PRO A 745 -37.66 -28.85 -81.43
N ALA A 746 -37.59 -27.57 -81.01
CA ALA A 746 -38.78 -26.76 -80.80
C ALA A 746 -38.57 -25.41 -81.46
N ASN A 747 -39.46 -24.44 -81.16
CA ASN A 747 -39.27 -23.06 -81.58
C ASN A 747 -37.96 -22.52 -81.02
N PHE A 748 -36.98 -22.36 -81.91
CA PHE A 748 -35.65 -21.85 -81.57
C PHE A 748 -34.91 -22.82 -80.65
N ASN A 749 -35.40 -24.06 -80.51
CA ASN A 749 -34.73 -25.10 -79.74
C ASN A 749 -34.50 -24.65 -78.30
N GLU A 750 -35.59 -24.41 -77.58
CA GLU A 750 -35.53 -23.97 -76.20
C GLU A 750 -34.92 -25.04 -75.29
N ALA A 751 -35.33 -26.30 -75.49
CA ALA A 751 -34.84 -27.41 -74.68
C ALA A 751 -33.31 -27.54 -74.77
N LYS A 752 -32.72 -27.15 -75.90
CA LYS A 752 -31.27 -27.19 -76.08
C LYS A 752 -30.59 -26.29 -75.05
N TYR A 753 -31.16 -25.12 -74.79
CA TYR A 753 -30.50 -24.09 -73.99
C TYR A 753 -30.92 -24.14 -72.51
N ILE A 754 -32.16 -24.51 -72.23
CA ILE A 754 -32.73 -24.33 -70.89
C ILE A 754 -32.05 -25.29 -69.90
N ALA A 755 -31.75 -26.51 -70.33
CA ALA A 755 -31.11 -27.47 -69.45
C ALA A 755 -29.73 -26.97 -69.05
N PHE A 756 -28.96 -26.49 -70.04
CA PHE A 756 -27.64 -25.95 -69.78
C PHE A 756 -27.72 -24.72 -68.88
N ALA A 757 -28.74 -23.88 -69.11
CA ALA A 757 -28.96 -22.68 -68.30
C ALA A 757 -29.17 -23.07 -66.84
N MET A 758 -30.03 -24.06 -66.59
CA MET A 758 -30.33 -24.45 -65.23
C MET A 758 -29.12 -25.13 -64.59
N TYR A 759 -28.33 -25.87 -65.39
CA TYR A 759 -27.09 -26.45 -64.88
C TYR A 759 -26.14 -25.34 -64.42
N THR A 760 -26.04 -24.27 -65.21
CA THR A 760 -25.22 -23.13 -64.87
C THR A 760 -25.72 -22.47 -63.59
N THR A 761 -27.04 -22.36 -63.43
CA THR A 761 -27.63 -21.79 -62.23
C THR A 761 -27.25 -22.64 -61.01
N CYS A 762 -27.30 -23.97 -61.18
CA CYS A 762 -27.00 -24.88 -60.09
C CYS A 762 -25.55 -24.69 -59.63
N ILE A 763 -24.61 -24.63 -60.59
CA ILE A 763 -23.20 -24.54 -60.24
C ILE A 763 -22.90 -23.18 -59.62
N ILE A 764 -23.50 -22.10 -60.15
CA ILE A 764 -23.26 -20.78 -59.57
C ILE A 764 -23.85 -20.72 -58.16
N ALA A 765 -24.98 -21.40 -57.94
CA ALA A 765 -25.61 -21.43 -56.64
C ALA A 765 -24.71 -22.13 -55.61
N LEU A 766 -24.18 -23.32 -55.95
CA LEU A 766 -23.36 -24.05 -54.99
C LEU A 766 -21.95 -23.46 -54.93
N ALA A 767 -21.60 -22.54 -55.84
CA ALA A 767 -20.30 -21.89 -55.81
C ALA A 767 -20.25 -20.82 -54.73
N PHE A 768 -21.37 -20.13 -54.48
CA PHE A 768 -21.37 -18.97 -53.58
C PHE A 768 -21.60 -19.34 -52.11
N VAL A 769 -21.96 -20.60 -51.83
CA VAL A 769 -22.39 -20.97 -50.49
C VAL A 769 -21.25 -20.97 -49.48
N PRO A 770 -19.99 -21.34 -49.82
CA PRO A 770 -18.90 -21.32 -48.84
C PRO A 770 -18.66 -19.95 -48.23
N ILE A 771 -18.85 -18.89 -49.02
CA ILE A 771 -18.65 -17.54 -48.54
C ILE A 771 -19.74 -17.20 -47.52
N TYR A 772 -20.98 -17.57 -47.82
CA TYR A 772 -22.08 -17.27 -46.92
C TYR A 772 -21.97 -18.08 -45.62
N PHE A 773 -21.40 -19.28 -45.70
CA PHE A 773 -21.22 -20.09 -44.49
C PHE A 773 -20.30 -19.37 -43.50
N GLY A 774 -19.14 -18.92 -43.98
CA GLY A 774 -18.20 -18.19 -43.15
C GLY A 774 -17.86 -16.81 -43.74
N SER A 775 -18.44 -15.76 -43.15
CA SER A 775 -18.17 -14.37 -43.51
C SER A 775 -18.94 -13.45 -42.57
N ASN A 776 -18.69 -12.14 -42.71
CA ASN A 776 -19.45 -11.13 -41.99
C ASN A 776 -20.21 -10.25 -42.97
N TYR A 777 -20.26 -10.65 -44.25
CA TYR A 777 -20.89 -9.85 -45.30
C TYR A 777 -22.11 -10.59 -45.84
N LYS A 778 -22.95 -11.09 -44.93
CA LYS A 778 -24.06 -11.97 -45.29
C LYS A 778 -24.99 -11.30 -46.29
N ALA A 779 -25.32 -10.02 -46.04
CA ALA A 779 -26.31 -9.32 -46.85
C ALA A 779 -25.82 -9.19 -48.29
N ILE A 780 -24.60 -8.66 -48.48
CA ILE A 780 -24.11 -8.38 -49.82
C ILE A 780 -23.84 -9.70 -50.55
N THR A 781 -23.44 -10.74 -49.82
CA THR A 781 -23.23 -12.05 -50.42
C THR A 781 -24.55 -12.61 -50.95
N MET A 782 -25.62 -12.47 -50.16
CA MET A 782 -26.93 -12.92 -50.61
C MET A 782 -27.39 -12.10 -51.80
N CYS A 783 -27.10 -10.79 -51.81
CA CYS A 783 -27.44 -9.93 -52.92
C CYS A 783 -26.76 -10.41 -54.21
N PHE A 784 -25.45 -10.67 -54.14
CA PHE A 784 -24.70 -11.17 -55.28
C PHE A 784 -25.23 -12.53 -55.73
N SER A 785 -25.53 -13.41 -54.77
CA SER A 785 -26.03 -14.74 -55.09
C SER A 785 -27.35 -14.66 -55.86
N VAL A 786 -28.27 -13.82 -55.37
CA VAL A 786 -29.57 -13.65 -56.00
C VAL A 786 -29.39 -13.06 -57.38
N SER A 787 -28.53 -12.05 -57.52
CA SER A 787 -28.29 -11.40 -58.80
C SER A 787 -27.73 -12.41 -59.82
N LEU A 788 -26.78 -13.25 -59.39
CA LEU A 788 -26.16 -14.23 -60.28
C LEU A 788 -27.15 -15.31 -60.68
N SER A 789 -27.99 -15.76 -59.73
CA SER A 789 -29.06 -16.68 -60.05
C SER A 789 -30.02 -16.04 -61.04
N ALA A 790 -30.19 -14.71 -60.93
CA ALA A 790 -30.92 -13.92 -61.91
C ALA A 790 -30.05 -13.69 -63.14
N THR A 791 -30.65 -13.08 -64.16
CA THR A 791 -29.99 -12.72 -65.41
C THR A 791 -29.50 -13.96 -66.15
N VAL A 792 -29.84 -15.15 -65.65
CA VAL A 792 -29.49 -16.41 -66.30
C VAL A 792 -30.76 -17.14 -66.72
N LEU A 793 -31.79 -17.14 -65.85
CA LEU A 793 -33.10 -17.66 -66.20
C LEU A 793 -33.73 -16.88 -67.35
N LEU A 794 -33.25 -15.66 -67.63
CA LEU A 794 -33.81 -14.85 -68.72
C LEU A 794 -32.82 -14.74 -69.89
N GLY A 795 -31.53 -14.52 -69.59
CA GLY A 795 -30.54 -14.20 -70.60
C GLY A 795 -30.32 -15.32 -71.62
N CYS A 796 -30.70 -16.56 -71.29
CA CYS A 796 -30.59 -17.65 -72.24
C CYS A 796 -31.81 -18.58 -72.18
N MET A 797 -32.93 -18.12 -71.62
CA MET A 797 -34.19 -18.86 -71.70
C MET A 797 -35.29 -17.95 -72.28
N PHE A 798 -35.35 -16.67 -71.87
CA PHE A 798 -36.28 -15.74 -72.47
C PHE A 798 -35.69 -15.05 -73.70
N VAL A 799 -34.37 -14.76 -73.66
CA VAL A 799 -33.72 -14.03 -74.73
C VAL A 799 -33.79 -14.81 -76.04
N PRO A 800 -33.45 -16.13 -76.10
CA PRO A 800 -33.55 -16.88 -77.35
C PRO A 800 -34.93 -16.85 -77.98
N LYS A 801 -35.98 -16.83 -77.16
CA LYS A 801 -37.34 -16.72 -77.67
C LYS A 801 -37.51 -15.41 -78.42
N VAL A 802 -37.00 -14.31 -77.83
CA VAL A 802 -37.13 -12.99 -78.44
C VAL A 802 -35.89 -12.64 -79.25
N TYR A 803 -34.93 -13.55 -79.37
CA TYR A 803 -33.69 -13.24 -80.08
C TYR A 803 -33.98 -12.99 -81.56
N ILE A 804 -34.88 -13.77 -82.15
CA ILE A 804 -35.24 -13.61 -83.56
C ILE A 804 -36.72 -13.25 -83.65
N ILE A 805 -37.21 -12.46 -82.68
CA ILE A 805 -38.61 -12.04 -82.70
C ILE A 805 -38.78 -10.82 -83.61
N LEU A 806 -37.69 -10.15 -83.98
CA LEU A 806 -37.77 -8.95 -84.81
C LEU A 806 -37.84 -9.30 -86.30
N ALA A 807 -37.71 -10.59 -86.64
CA ALA A 807 -37.73 -11.03 -88.03
C ALA A 807 -38.66 -12.24 -88.20
N ARG B 5 2.21 16.90 58.55
CA ARG B 5 2.83 16.23 57.37
C ARG B 5 2.36 14.77 57.32
N ARG B 6 3.00 13.98 56.46
CA ARG B 6 2.65 12.59 56.30
C ARG B 6 3.30 11.73 57.38
N VAL B 7 2.74 10.53 57.56
CA VAL B 7 3.20 9.60 58.57
C VAL B 7 4.21 8.65 57.93
N VAL B 8 5.11 8.11 58.76
CA VAL B 8 6.19 7.24 58.33
C VAL B 8 6.30 6.09 59.34
N ALA B 9 6.67 4.89 58.85
CA ALA B 9 6.78 3.72 59.71
C ALA B 9 8.25 3.39 59.96
N HIS B 10 8.76 3.85 61.10
CA HIS B 10 10.14 3.61 61.48
C HIS B 10 10.28 2.19 62.03
N MET B 11 11.54 1.74 62.10
CA MET B 11 11.94 0.58 62.89
C MET B 11 13.46 0.68 63.06
N PRO B 12 13.97 0.56 64.31
CA PRO B 12 15.35 0.99 64.62
C PRO B 12 16.38 0.11 63.92
N GLY B 13 17.63 0.57 63.89
CA GLY B 13 18.70 -0.19 63.25
C GLY B 13 20.05 0.53 63.30
N ASP B 14 21.07 -0.18 62.82
CA ASP B 14 22.42 0.35 62.65
C ASP B 14 22.61 0.82 61.21
N ILE B 15 21.98 0.10 60.26
CA ILE B 15 21.89 0.52 58.88
C ILE B 15 20.41 0.67 58.51
N ILE B 16 20.04 1.86 58.04
CA ILE B 16 18.67 2.17 57.71
C ILE B 16 18.52 2.16 56.19
N ILE B 17 17.54 1.39 55.71
CA ILE B 17 17.17 1.38 54.30
C ILE B 17 15.73 1.88 54.19
N GLY B 18 15.45 2.67 53.15
CA GLY B 18 14.13 3.24 52.94
C GLY B 18 13.29 2.32 52.06
N ALA B 19 12.02 2.65 51.91
CA ALA B 19 11.15 2.00 50.95
C ALA B 19 10.06 2.97 50.55
N LEU B 20 9.54 2.82 49.33
CA LEU B 20 8.40 3.60 48.89
C LEU B 20 7.34 2.65 48.35
N PHE B 21 6.27 2.46 49.14
CA PHE B 21 5.18 1.57 48.82
C PHE B 21 3.90 2.40 48.67
N SER B 22 3.10 2.10 47.65
CA SER B 22 1.91 2.86 47.33
C SER B 22 0.78 2.51 48.28
N VAL B 23 0.83 2.99 49.52
CA VAL B 23 -0.13 2.57 50.53
C VAL B 23 -1.51 3.11 50.16
N HIS B 24 -1.57 4.39 49.77
CA HIS B 24 -2.83 5.04 49.43
C HIS B 24 -3.00 5.09 47.91
N HIS B 25 -4.25 5.28 47.49
CA HIS B 25 -4.59 5.37 46.08
C HIS B 25 -4.00 6.64 45.46
N GLN B 26 -4.12 6.74 44.15
CA GLN B 26 -3.67 7.93 43.44
C GLN B 26 -4.56 9.11 43.85
N PRO B 27 -4.00 10.33 44.00
CA PRO B 27 -4.82 11.52 44.21
C PRO B 27 -5.78 11.73 43.05
N THR B 28 -7.00 12.16 43.40
CA THR B 28 -8.04 12.41 42.41
C THR B 28 -7.63 13.56 41.49
N VAL B 29 -8.29 13.62 40.33
CA VAL B 29 -7.92 14.57 39.28
C VAL B 29 -8.04 16.00 39.79
N ASP B 30 -9.05 16.26 40.62
CA ASP B 30 -9.38 17.61 41.05
C ASP B 30 -8.50 18.03 42.23
N LYS B 31 -7.78 17.10 42.86
CA LYS B 31 -6.96 17.43 44.02
C LYS B 31 -5.50 17.01 43.81
N VAL B 32 -5.04 17.07 42.57
CA VAL B 32 -3.65 16.74 42.28
C VAL B 32 -2.74 17.80 42.93
N HIS B 33 -3.14 19.07 42.82
CA HIS B 33 -2.33 20.18 43.29
C HIS B 33 -2.16 20.11 44.81
N GLU B 34 -3.23 19.75 45.53
CA GLU B 34 -3.15 19.63 46.97
C GLU B 34 -2.27 18.44 47.38
N ARG B 35 -2.16 17.45 46.49
CA ARG B 35 -1.37 16.24 46.74
C ARG B 35 -1.88 15.55 48.01
N LYS B 36 -3.16 15.18 48.00
CA LYS B 36 -3.78 14.46 49.10
C LYS B 36 -4.36 13.16 48.55
N CYS B 37 -3.55 12.10 48.60
CA CYS B 37 -3.92 10.81 48.03
C CYS B 37 -5.05 10.18 48.83
N GLY B 38 -5.89 9.40 48.13
CA GLY B 38 -7.19 8.99 48.64
C GLY B 38 -7.16 7.71 49.48
N ALA B 39 -7.97 6.73 49.06
CA ALA B 39 -8.25 5.56 49.88
C ALA B 39 -7.02 4.67 50.01
N VAL B 40 -7.09 3.75 50.98
CA VAL B 40 -5.98 2.85 51.27
C VAL B 40 -6.09 1.61 50.40
N ARG B 41 -4.95 0.95 50.19
CA ARG B 41 -4.89 -0.27 49.40
C ARG B 41 -4.39 -1.41 50.28
N GLU B 42 -4.94 -2.61 50.07
CA GLU B 42 -4.52 -3.77 50.84
C GLU B 42 -3.26 -4.37 50.22
N GLN B 43 -3.40 -4.92 49.01
CA GLN B 43 -2.36 -5.73 48.40
C GLN B 43 -1.12 -4.89 48.12
N TYR B 44 -1.29 -3.78 47.40
CA TYR B 44 -0.16 -2.93 47.03
C TYR B 44 0.33 -2.11 48.23
N GLY B 45 -0.42 -2.11 49.32
CA GLY B 45 -0.12 -1.28 50.47
C GLY B 45 0.31 -2.09 51.69
N ILE B 46 -0.67 -2.45 52.52
CA ILE B 46 -0.41 -2.97 53.84
C ILE B 46 0.32 -4.29 53.75
N GLN B 47 0.02 -5.10 52.73
CA GLN B 47 0.69 -6.38 52.59
C GLN B 47 2.18 -6.13 52.38
N ARG B 48 2.54 -5.34 51.37
CA ARG B 48 3.94 -5.03 51.12
C ARG B 48 4.57 -4.42 52.37
N VAL B 49 3.91 -3.41 52.96
CA VAL B 49 4.48 -2.73 54.13
C VAL B 49 4.79 -3.74 55.22
N GLU B 50 3.90 -4.72 55.43
CA GLU B 50 4.11 -5.72 56.46
C GLU B 50 5.26 -6.64 56.08
N ALA B 51 5.38 -6.97 54.78
CA ALA B 51 6.42 -7.87 54.31
C ALA B 51 7.79 -7.35 54.75
N MET B 52 8.18 -6.14 54.34
CA MET B 52 9.42 -5.56 54.81
C MET B 52 9.50 -5.74 56.34
N LEU B 53 8.56 -5.13 57.06
CA LEU B 53 8.58 -5.16 58.52
C LEU B 53 8.98 -6.54 59.05
N HIS B 54 8.65 -7.60 58.30
CA HIS B 54 8.90 -8.97 58.73
C HIS B 54 10.22 -9.49 58.14
N THR B 55 10.41 -9.30 56.83
CA THR B 55 11.58 -9.81 56.13
C THR B 55 12.83 -9.00 56.47
N LEU B 56 12.74 -8.10 57.45
CA LEU B 56 13.90 -7.49 58.06
C LEU B 56 14.11 -8.04 59.47
N GLU B 57 13.02 -8.39 60.15
CA GLU B 57 13.11 -8.92 61.51
C GLU B 57 13.22 -10.44 61.44
N ARG B 58 13.24 -10.97 60.21
CA ARG B 58 13.79 -12.29 59.93
C ARG B 58 15.31 -12.18 59.72
N ILE B 59 15.73 -11.21 58.92
CA ILE B 59 17.13 -11.03 58.60
C ILE B 59 17.91 -10.67 59.86
N ASN B 60 17.33 -9.80 60.70
CA ASN B 60 17.95 -9.42 61.95
C ASN B 60 18.13 -10.64 62.86
N SER B 61 17.11 -11.51 62.91
CA SER B 61 17.14 -12.67 63.78
C SER B 61 18.05 -13.78 63.22
N ASP B 62 18.40 -13.70 61.93
CA ASP B 62 19.22 -14.71 61.29
C ASP B 62 20.70 -14.38 61.50
N PRO B 63 21.49 -15.25 62.15
CA PRO B 63 22.91 -14.98 62.38
C PRO B 63 23.82 -15.09 61.16
N THR B 64 23.35 -15.77 60.09
CA THR B 64 24.19 -16.03 58.93
C THR B 64 24.24 -14.83 57.98
N LEU B 65 23.33 -13.85 58.17
CA LEU B 65 23.35 -12.63 57.38
C LEU B 65 23.56 -11.44 58.29
N LEU B 66 24.63 -10.67 58.04
CA LEU B 66 24.91 -9.43 58.73
C LEU B 66 24.88 -9.64 60.24
N PRO B 67 25.81 -10.45 60.81
CA PRO B 67 25.80 -10.73 62.24
C PRO B 67 26.15 -9.49 63.05
N ASN B 68 25.52 -9.38 64.22
CA ASN B 68 25.83 -8.36 65.22
C ASN B 68 25.46 -6.95 64.75
N ILE B 69 24.76 -6.84 63.60
CA ILE B 69 24.28 -5.57 63.09
C ILE B 69 22.82 -5.71 62.68
N THR B 70 22.04 -4.65 62.87
CA THR B 70 20.60 -4.69 62.74
C THR B 70 20.15 -3.75 61.62
N LEU B 71 19.65 -4.31 60.51
CA LEU B 71 19.03 -3.48 59.49
C LEU B 71 17.71 -2.95 60.05
N GLY B 72 17.53 -1.63 60.02
CA GLY B 72 16.24 -0.99 60.27
C GLY B 72 15.63 -0.52 58.94
N CYS B 73 14.49 0.17 59.02
CA CYS B 73 13.78 0.62 57.82
C CYS B 73 13.04 1.92 58.10
N GLU B 74 12.84 2.72 57.06
CA GLU B 74 11.88 3.82 57.06
C GLU B 74 10.94 3.64 55.86
N ILE B 75 9.76 3.06 56.09
CA ILE B 75 8.81 2.81 55.01
C ILE B 75 7.94 4.07 54.87
N ARG B 76 7.80 4.58 53.64
CA ARG B 76 7.12 5.85 53.39
C ARG B 76 6.19 5.71 52.18
N ASP B 77 5.08 6.45 52.19
CA ASP B 77 3.99 6.27 51.25
C ASP B 77 4.18 7.18 50.04
N SER B 78 3.93 6.64 48.83
CA SER B 78 4.17 7.38 47.60
C SER B 78 2.86 7.70 46.86
N CYS B 79 1.73 7.12 47.29
CA CYS B 79 0.42 7.41 46.72
C CYS B 79 0.40 7.17 45.20
N TRP B 80 1.35 6.37 44.69
CA TRP B 80 1.42 6.04 43.26
C TRP B 80 1.45 7.30 42.40
N HIS B 81 2.10 8.37 42.90
CA HIS B 81 2.15 9.63 42.19
C HIS B 81 3.59 10.12 42.17
N SER B 82 4.04 10.61 41.01
CA SER B 82 5.42 11.04 40.85
C SER B 82 5.71 12.28 41.70
N ALA B 83 4.69 13.11 41.96
CA ALA B 83 4.89 14.33 42.74
C ALA B 83 5.09 14.00 44.22
N VAL B 84 4.27 13.08 44.75
CA VAL B 84 4.32 12.74 46.17
C VAL B 84 5.61 11.99 46.47
N ALA B 85 5.97 11.05 45.58
CA ALA B 85 7.15 10.23 45.78
C ALA B 85 8.41 11.09 45.79
N LEU B 86 8.43 12.17 44.99
CA LEU B 86 9.59 13.04 44.94
C LEU B 86 9.77 13.75 46.27
N GLU B 87 8.66 14.21 46.87
CA GLU B 87 8.71 14.88 48.16
C GLU B 87 9.16 13.92 49.25
N GLN B 88 8.67 12.67 49.19
CA GLN B 88 9.07 11.66 50.16
C GLN B 88 10.57 11.35 50.03
N SER B 89 11.07 11.29 48.79
CA SER B 89 12.48 11.07 48.55
C SER B 89 13.31 12.24 49.09
N ILE B 90 12.81 13.47 48.92
CA ILE B 90 13.45 14.64 49.49
C ILE B 90 13.56 14.48 51.00
N GLU B 91 12.47 14.01 51.64
CA GLU B 91 12.49 13.73 53.07
C GLU B 91 13.52 12.66 53.40
N PHE B 92 13.73 11.70 52.49
CA PHE B 92 14.78 10.70 52.66
C PHE B 92 16.16 11.36 52.72
N ILE B 93 16.42 12.31 51.81
CA ILE B 93 17.76 12.86 51.63
C ILE B 93 18.01 14.03 52.58
N ARG B 94 17.01 14.45 53.36
CA ARG B 94 17.17 15.56 54.28
C ARG B 94 18.34 15.32 55.24
N ASP B 95 18.59 14.06 55.58
CA ASP B 95 19.65 13.69 56.51
C ASP B 95 21.02 13.97 55.89
N SER B 96 21.13 13.81 54.56
CA SER B 96 22.40 13.95 53.87
C SER B 96 22.72 15.41 53.55
N LEU B 97 21.80 16.34 53.85
CA LEU B 97 22.03 17.75 53.64
C LEU B 97 22.44 18.40 54.97
N LYS B 121 20.16 9.72 60.58
CA LYS B 121 21.09 8.69 60.04
C LYS B 121 20.91 8.59 58.52
N PRO B 122 22.00 8.36 57.76
CA PRO B 122 21.90 8.32 56.30
C PRO B 122 21.14 7.09 55.80
N ILE B 123 20.47 7.25 54.66
CA ILE B 123 19.84 6.14 53.97
C ILE B 123 20.83 5.54 52.98
N VAL B 124 21.03 4.22 53.07
CA VAL B 124 22.00 3.53 52.24
C VAL B 124 21.35 3.03 50.96
N GLY B 125 20.02 2.96 50.92
CA GLY B 125 19.31 2.48 49.74
C GLY B 125 17.80 2.48 49.96
N VAL B 126 17.02 2.41 48.88
CA VAL B 126 15.57 2.37 48.98
C VAL B 126 15.03 1.14 48.24
N ILE B 127 13.83 0.69 48.63
CA ILE B 127 13.07 -0.29 47.87
C ILE B 127 12.14 0.48 46.93
N GLY B 128 12.41 0.42 45.63
CA GLY B 128 11.89 1.35 44.66
C GLY B 128 10.37 1.30 44.55
N PRO B 129 9.71 2.43 44.20
CA PRO B 129 8.26 2.47 44.06
C PRO B 129 7.79 1.63 42.88
N GLY B 130 6.54 1.17 42.94
CA GLY B 130 5.98 0.27 41.95
C GLY B 130 5.99 0.84 40.53
N SER B 131 5.48 2.07 40.37
CA SER B 131 5.27 2.67 39.06
C SER B 131 6.61 2.98 38.41
N SER B 132 6.69 2.79 37.09
CA SER B 132 7.92 3.01 36.35
C SER B 132 8.21 4.50 36.25
N SER B 133 7.19 5.32 35.96
CA SER B 133 7.38 6.76 35.88
C SER B 133 7.82 7.34 37.23
N VAL B 134 7.18 6.86 38.31
CA VAL B 134 7.54 7.27 39.64
C VAL B 134 8.98 6.84 39.94
N ALA B 135 9.36 5.64 39.48
CA ALA B 135 10.71 5.13 39.68
C ALA B 135 11.71 6.05 38.99
N ILE B 136 11.42 6.50 37.78
CA ILE B 136 12.30 7.41 37.04
C ILE B 136 12.44 8.72 37.80
N GLN B 137 11.31 9.26 38.27
CA GLN B 137 11.31 10.54 38.96
C GLN B 137 12.14 10.48 40.22
N VAL B 138 12.02 9.39 40.98
CA VAL B 138 12.76 9.25 42.23
C VAL B 138 14.23 8.96 41.93
N GLN B 139 14.52 8.24 40.85
CA GLN B 139 15.88 7.88 40.50
C GLN B 139 16.68 9.13 40.11
N ASN B 140 16.05 10.03 39.35
CA ASN B 140 16.70 11.27 38.93
C ASN B 140 17.24 12.05 40.12
N LEU B 141 16.59 11.90 41.29
CA LEU B 141 17.02 12.59 42.50
C LEU B 141 17.99 11.72 43.31
N LEU B 142 17.76 10.40 43.36
CA LEU B 142 18.55 9.53 44.20
C LEU B 142 19.97 9.35 43.69
N GLN B 143 20.14 9.28 42.36
CA GLN B 143 21.44 9.01 41.78
C GLN B 143 22.43 10.12 42.09
N LEU B 144 21.95 11.32 42.47
CA LEU B 144 22.84 12.43 42.78
C LEU B 144 23.61 12.17 44.08
N PHE B 145 22.98 11.49 45.03
CA PHE B 145 23.57 11.30 46.35
C PHE B 145 24.15 9.89 46.51
N ASN B 146 24.25 9.14 45.40
CA ASN B 146 24.86 7.81 45.40
C ASN B 146 24.10 6.90 46.37
N ILE B 147 22.81 6.70 46.09
CA ILE B 147 21.97 5.83 46.88
C ILE B 147 21.36 4.79 45.95
N PRO B 148 21.80 3.52 46.03
CA PRO B 148 21.25 2.47 45.16
C PRO B 148 19.77 2.28 45.41
N GLN B 149 19.04 2.00 44.32
CA GLN B 149 17.61 1.78 44.38
C GLN B 149 17.27 0.50 43.65
N ILE B 150 16.47 -0.36 44.30
CA ILE B 150 16.07 -1.64 43.74
C ILE B 150 14.56 -1.63 43.56
N ALA B 151 14.10 -1.93 42.36
CA ALA B 151 12.68 -1.97 42.05
C ALA B 151 12.21 -3.42 41.95
N TYR B 152 10.92 -3.63 42.24
CA TYR B 152 10.33 -4.96 42.19
C TYR B 152 9.28 -5.06 41.09
N SER B 153 8.76 -3.93 40.58
CA SER B 153 7.71 -3.98 39.57
C SER B 153 7.93 -2.97 38.43
N ALA B 154 8.89 -2.05 38.57
CA ALA B 154 9.18 -1.11 37.49
C ALA B 154 9.68 -1.88 36.27
N THR B 155 8.94 -1.80 35.16
CA THR B 155 9.15 -2.71 34.04
C THR B 155 9.17 -1.90 32.74
N SER B 156 10.01 -0.85 32.70
CA SER B 156 10.17 -0.06 31.49
C SER B 156 11.50 -0.40 30.83
N MET B 157 11.57 -0.23 29.51
CA MET B 157 12.81 -0.36 28.78
C MET B 157 13.70 0.87 29.04
N ASP B 158 13.06 2.02 29.32
CA ASP B 158 13.79 3.27 29.48
C ASP B 158 14.69 3.22 30.71
N LEU B 159 14.37 2.35 31.67
CA LEU B 159 15.17 2.25 32.89
C LEU B 159 16.35 1.30 32.72
N SER B 160 16.51 0.70 31.54
CA SER B 160 17.56 -0.27 31.29
C SER B 160 18.81 0.40 30.73
N ASP B 161 18.80 1.73 30.59
CA ASP B 161 19.93 2.46 30.04
C ASP B 161 20.79 3.00 31.18
N LYS B 162 21.95 2.38 31.41
CA LYS B 162 22.78 2.68 32.56
C LYS B 162 23.50 4.03 32.44
N THR B 163 23.41 4.68 31.28
CA THR B 163 23.99 6.00 31.10
C THR B 163 23.22 7.04 31.91
N LEU B 164 21.89 6.86 32.01
CA LEU B 164 21.03 7.83 32.67
C LEU B 164 20.60 7.35 34.05
N PHE B 165 20.59 6.02 34.26
CA PHE B 165 20.04 5.43 35.48
C PHE B 165 21.06 4.48 36.10
N LYS B 166 22.26 4.99 36.36
CA LYS B 166 23.37 4.18 36.81
C LYS B 166 23.02 3.43 38.09
N TYR B 167 22.19 4.04 38.94
CA TYR B 167 21.95 3.53 40.29
C TYR B 167 20.56 2.87 40.39
N PHE B 168 20.16 2.12 39.36
CA PHE B 168 18.84 1.52 39.37
C PHE B 168 18.93 0.07 38.93
N MET B 169 18.42 -0.85 39.77
CA MET B 169 18.47 -2.28 39.50
C MET B 169 17.12 -2.90 39.79
N ARG B 170 16.80 -3.99 39.07
CA ARG B 170 15.49 -4.62 39.14
C ARG B 170 15.64 -6.12 39.36
N VAL B 171 14.62 -6.71 39.99
CA VAL B 171 14.55 -8.14 40.19
C VAL B 171 13.45 -8.72 39.31
N VAL B 172 13.02 -7.96 38.29
CA VAL B 172 12.03 -8.42 37.35
C VAL B 172 12.51 -8.09 35.95
N PRO B 173 12.13 -8.89 34.92
CA PRO B 173 12.60 -8.62 33.56
C PRO B 173 11.98 -7.34 32.99
N SER B 174 12.62 -6.79 31.96
CA SER B 174 12.07 -5.66 31.22
C SER B 174 10.77 -6.07 30.54
N ASP B 175 10.07 -5.09 29.97
CA ASP B 175 8.79 -5.36 29.34
C ASP B 175 8.94 -5.53 27.82
N ALA B 176 10.17 -5.56 27.31
CA ALA B 176 10.43 -5.98 25.94
C ALA B 176 9.92 -7.41 25.75
N GLN B 177 10.23 -8.28 26.72
CA GLN B 177 9.79 -9.66 26.69
C GLN B 177 8.26 -9.72 26.81
N GLN B 178 7.69 -8.83 27.61
CA GLN B 178 6.24 -8.78 27.77
C GLN B 178 5.55 -8.41 26.46
N ALA B 179 6.08 -7.40 25.76
CA ALA B 179 5.56 -7.01 24.46
C ALA B 179 5.70 -8.15 23.46
N ARG B 180 6.82 -8.87 23.53
CA ARG B 180 7.04 -10.02 22.66
C ARG B 180 5.98 -11.10 22.93
N ALA B 181 5.66 -11.31 24.22
CA ALA B 181 4.67 -12.30 24.61
C ALA B 181 3.29 -11.92 24.08
N MET B 182 2.93 -10.64 24.17
CA MET B 182 1.65 -10.16 23.67
C MET B 182 1.59 -10.34 22.16
N VAL B 183 2.69 -10.06 21.46
CA VAL B 183 2.73 -10.20 20.01
C VAL B 183 2.56 -11.68 19.64
N ASP B 184 3.21 -12.57 20.40
CA ASP B 184 3.09 -14.00 20.14
C ASP B 184 1.65 -14.45 20.32
N ILE B 185 0.98 -13.98 21.37
CA ILE B 185 -0.41 -14.32 21.62
C ILE B 185 -1.27 -13.83 20.45
N VAL B 186 -1.02 -12.61 19.99
CA VAL B 186 -1.83 -12.01 18.94
C VAL B 186 -1.66 -12.81 17.65
N LYS B 187 -0.41 -13.17 17.32
CA LYS B 187 -0.14 -13.85 16.06
C LYS B 187 -0.62 -15.30 16.10
N ARG B 188 -0.72 -15.88 17.30
CA ARG B 188 -1.08 -17.30 17.42
C ARG B 188 -2.53 -17.52 17.00
N TYR B 189 -3.41 -16.54 17.25
CA TYR B 189 -4.83 -16.70 17.00
C TYR B 189 -5.30 -15.90 15.78
N ASN B 190 -4.43 -15.77 14.78
CA ASN B 190 -4.77 -15.14 13.51
C ASN B 190 -5.18 -13.68 13.68
N TRP B 191 -5.09 -13.14 14.91
CA TRP B 191 -5.50 -11.77 15.16
C TRP B 191 -4.59 -10.82 14.38
N THR B 192 -5.19 -10.01 13.50
CA THR B 192 -4.44 -9.13 12.63
C THR B 192 -4.82 -7.66 12.85
N TYR B 193 -6.13 -7.39 12.89
CA TYR B 193 -6.63 -6.04 13.00
C TYR B 193 -7.05 -5.78 14.45
N VAL B 194 -6.15 -5.19 15.23
CA VAL B 194 -6.39 -4.98 16.65
C VAL B 194 -6.37 -3.49 16.94
N SER B 195 -6.96 -3.12 18.08
CA SER B 195 -6.89 -1.79 18.63
C SER B 195 -5.89 -1.76 19.78
N ALA B 196 -5.29 -0.59 20.01
CA ALA B 196 -4.28 -0.41 21.03
C ALA B 196 -4.69 0.71 21.98
N VAL B 197 -4.57 0.43 23.29
CA VAL B 197 -4.78 1.41 24.33
C VAL B 197 -3.62 1.30 25.32
N HIS B 198 -3.07 2.45 25.72
CA HIS B 198 -1.99 2.45 26.69
C HIS B 198 -2.12 3.63 27.63
N THR B 199 -1.78 3.40 28.90
CA THR B 199 -1.82 4.45 29.89
C THR B 199 -0.71 5.46 29.61
N GLU B 200 -1.01 6.74 29.82
CA GLU B 200 0.00 7.79 29.70
C GLU B 200 1.07 7.57 30.77
N GLY B 201 2.33 7.78 30.39
CA GLY B 201 3.45 7.58 31.31
C GLY B 201 4.62 6.91 30.61
N ASN B 202 5.46 6.21 31.38
CA ASN B 202 6.62 5.53 30.82
C ASN B 202 6.30 4.07 30.52
N TYR B 203 5.48 3.44 31.38
CA TYR B 203 5.13 2.05 31.21
C TYR B 203 4.35 1.84 29.92
N GLY B 204 3.24 2.58 29.78
CA GLY B 204 2.38 2.46 28.62
C GLY B 204 3.07 2.87 27.32
N GLU B 205 3.80 4.00 27.36
CA GLU B 205 4.43 4.54 26.17
C GLU B 205 5.47 3.57 25.62
N SER B 206 6.36 3.10 26.49
CA SER B 206 7.38 2.14 26.11
C SER B 206 6.74 0.83 25.63
N GLY B 207 5.70 0.38 26.34
CA GLY B 207 4.98 -0.82 25.98
C GLY B 207 4.46 -0.78 24.55
N MET B 208 3.75 0.32 24.23
CA MET B 208 3.15 0.47 22.91
C MET B 208 4.23 0.65 21.85
N GLU B 209 5.31 1.37 22.17
CA GLU B 209 6.40 1.56 21.22
C GLU B 209 6.97 0.19 20.82
N ALA B 210 7.29 -0.63 21.83
CA ALA B 210 7.87 -1.94 21.57
C ALA B 210 6.89 -2.82 20.81
N PHE B 211 5.61 -2.77 21.23
CA PHE B 211 4.58 -3.61 20.63
C PHE B 211 4.41 -3.26 19.15
N LYS B 212 4.30 -1.97 18.83
CA LYS B 212 4.13 -1.53 17.45
C LYS B 212 5.35 -1.95 16.63
N ASP B 213 6.55 -1.64 17.14
CA ASP B 213 7.77 -1.87 16.40
C ASP B 213 7.93 -3.36 16.08
N MET B 214 7.65 -4.24 17.05
CA MET B 214 7.95 -5.64 16.88
C MET B 214 6.72 -6.43 16.40
N SER B 215 5.58 -5.76 16.22
CA SER B 215 4.37 -6.41 15.73
C SER B 215 4.15 -6.07 14.27
N ALA B 216 4.15 -4.77 13.94
CA ALA B 216 3.91 -4.33 12.57
C ALA B 216 4.96 -4.91 11.62
N LYS B 217 6.13 -5.29 12.17
CA LYS B 217 7.16 -5.97 11.40
C LYS B 217 6.67 -7.34 10.94
N GLU B 218 6.14 -8.13 11.88
CA GLU B 218 5.89 -9.55 11.62
C GLU B 218 4.58 -9.72 10.85
N GLY B 219 3.43 -9.54 11.50
CA GLY B 219 2.16 -9.70 10.81
C GLY B 219 1.02 -8.83 11.33
N ILE B 220 1.23 -8.11 12.44
CA ILE B 220 0.12 -7.49 13.16
C ILE B 220 -0.12 -6.10 12.57
N CYS B 221 -1.31 -5.56 12.84
CA CYS B 221 -1.83 -4.44 12.06
C CYS B 221 -2.79 -3.64 12.94
N ILE B 222 -2.28 -2.58 13.58
CA ILE B 222 -3.04 -1.85 14.59
C ILE B 222 -3.96 -0.86 13.91
N ALA B 223 -5.26 -0.93 14.26
CA ALA B 223 -6.25 -0.03 13.69
C ALA B 223 -6.01 1.39 14.18
N HIS B 224 -5.89 1.57 15.49
CA HIS B 224 -5.62 2.88 16.06
C HIS B 224 -5.05 2.72 17.46
N SER B 225 -4.35 3.75 17.94
CA SER B 225 -3.77 3.75 19.27
C SER B 225 -4.28 4.95 20.05
N TYR B 226 -4.82 4.71 21.24
CA TYR B 226 -5.34 5.76 22.10
C TYR B 226 -4.59 5.74 23.43
N LYS B 227 -4.44 6.93 24.02
CA LYS B 227 -3.77 7.08 25.30
C LYS B 227 -4.73 7.74 26.29
N ILE B 228 -4.66 7.30 27.54
CA ILE B 228 -5.53 7.82 28.58
C ILE B 228 -4.79 7.78 29.91
N TYR B 229 -5.06 8.79 30.74
CA TYR B 229 -4.49 8.85 32.08
C TYR B 229 -5.28 7.94 33.01
N SER B 230 -4.63 7.42 34.05
CA SER B 230 -5.27 6.52 35.00
C SER B 230 -6.38 7.24 35.76
N ASN B 231 -6.15 8.50 36.11
CA ASN B 231 -7.05 9.22 37.00
C ASN B 231 -7.97 10.16 36.22
N ALA B 232 -8.19 9.87 34.93
CA ALA B 232 -9.08 10.68 34.11
C ALA B 232 -10.53 10.45 34.53
N GLY B 233 -11.37 11.45 34.25
CA GLY B 233 -12.79 11.37 34.60
C GLY B 233 -13.53 10.35 33.74
N GLU B 234 -14.80 10.12 34.10
CA GLU B 234 -15.63 9.16 33.39
C GLU B 234 -15.90 9.63 31.97
N GLN B 235 -15.89 10.95 31.74
CA GLN B 235 -16.13 11.51 30.42
C GLN B 235 -15.05 11.06 29.44
N SER B 236 -13.80 11.10 29.90
CA SER B 236 -12.66 10.72 29.08
C SER B 236 -12.80 9.25 28.66
N PHE B 237 -13.15 8.39 29.62
CA PHE B 237 -13.29 6.97 29.34
C PHE B 237 -14.47 6.70 28.40
N ASP B 238 -15.55 7.48 28.54
CA ASP B 238 -16.70 7.35 27.65
C ASP B 238 -16.28 7.67 26.22
N LYS B 239 -15.53 8.78 26.05
CA LYS B 239 -15.07 9.19 24.74
C LYS B 239 -14.15 8.12 24.15
N LEU B 240 -13.25 7.58 24.98
CA LEU B 240 -12.32 6.56 24.53
C LEU B 240 -13.08 5.32 24.09
N LEU B 241 -14.13 4.94 24.82
CA LEU B 241 -14.90 3.75 24.48
C LEU B 241 -15.68 3.98 23.18
N LYS B 242 -16.16 5.21 22.95
CA LYS B 242 -16.81 5.53 21.70
C LYS B 242 -15.83 5.37 20.54
N LYS B 243 -14.62 5.90 20.70
CA LYS B 243 -13.59 5.80 19.68
C LYS B 243 -13.24 4.33 19.43
N LEU B 244 -13.23 3.51 20.49
CA LEU B 244 -12.91 2.10 20.36
C LEU B 244 -14.02 1.36 19.60
N THR B 245 -15.27 1.68 19.92
CA THR B 245 -16.42 1.06 19.27
C THR B 245 -16.58 1.54 17.83
N SER B 246 -15.87 2.62 17.46
CA SER B 246 -15.91 3.10 16.08
C SER B 246 -15.48 2.01 15.10
N HIS B 247 -14.58 1.13 15.54
CA HIS B 247 -14.09 0.06 14.68
C HIS B 247 -14.63 -1.29 15.12
N LEU B 248 -15.82 -1.32 15.74
CA LEU B 248 -16.25 -2.50 16.48
C LEU B 248 -16.44 -3.71 15.57
N PRO B 249 -17.09 -3.60 14.38
CA PRO B 249 -17.39 -4.79 13.58
C PRO B 249 -16.20 -5.68 13.25
N LYS B 250 -14.99 -5.08 13.17
CA LYS B 250 -13.83 -5.80 12.68
C LYS B 250 -12.77 -5.98 13.78
N ALA B 251 -12.43 -4.90 14.49
CA ALA B 251 -11.44 -4.95 15.54
C ALA B 251 -12.09 -5.25 16.88
N ARG B 252 -12.06 -6.52 17.30
CA ARG B 252 -12.68 -6.94 18.54
C ARG B 252 -11.64 -7.12 19.64
N VAL B 253 -10.36 -7.24 19.28
CA VAL B 253 -9.31 -7.44 20.26
C VAL B 253 -8.66 -6.09 20.57
N VAL B 254 -8.70 -5.70 21.85
CA VAL B 254 -8.09 -4.46 22.30
C VAL B 254 -6.84 -4.83 23.10
N ALA B 255 -5.67 -4.34 22.68
CA ALA B 255 -4.40 -4.73 23.26
C ALA B 255 -3.90 -3.66 24.21
N CYS B 256 -4.34 -3.77 25.47
CA CYS B 256 -4.16 -2.77 26.50
C CYS B 256 -2.80 -2.94 27.17
N PHE B 257 -1.78 -2.17 26.78
CA PHE B 257 -0.55 -2.09 27.58
C PHE B 257 -0.83 -1.13 28.73
N CYS B 258 -2.06 -1.20 29.22
CA CYS B 258 -2.64 -0.25 30.13
C CYS B 258 -2.18 -0.57 31.55
N GLU B 259 -2.69 0.18 32.54
CA GLU B 259 -2.32 -0.02 33.93
C GLU B 259 -3.46 -0.72 34.66
N GLY B 260 -3.32 -0.81 35.99
CA GLY B 260 -4.33 -1.45 36.83
C GLY B 260 -5.67 -0.76 36.76
N MET B 261 -5.69 0.58 36.89
CA MET B 261 -6.92 1.32 37.03
C MET B 261 -7.48 1.74 35.67
N THR B 262 -6.64 1.78 34.62
CA THR B 262 -7.13 2.13 33.29
C THR B 262 -8.12 1.08 32.82
N VAL B 263 -7.77 -0.19 33.01
CA VAL B 263 -8.63 -1.28 32.56
C VAL B 263 -9.92 -1.28 33.37
N ARG B 264 -9.83 -0.93 34.66
CA ARG B 264 -11.02 -0.83 35.50
C ARG B 264 -11.93 0.29 34.98
N GLY B 265 -11.33 1.43 34.60
CA GLY B 265 -12.07 2.52 34.00
C GLY B 265 -12.78 2.10 32.72
N LEU B 266 -12.08 1.33 31.89
CA LEU B 266 -12.66 0.80 30.66
C LEU B 266 -13.84 -0.12 30.98
N LEU B 267 -13.71 -0.95 32.02
CA LEU B 267 -14.79 -1.86 32.39
C LEU B 267 -16.01 -1.07 32.88
N MET B 268 -15.78 -0.03 33.68
CA MET B 268 -16.91 0.75 34.19
C MET B 268 -17.59 1.48 33.04
N ALA B 269 -16.81 1.97 32.06
CA ALA B 269 -17.37 2.60 30.88
C ALA B 269 -18.20 1.60 30.09
N MET B 270 -17.71 0.36 29.97
CA MET B 270 -18.43 -0.70 29.28
C MET B 270 -19.78 -0.96 29.96
N ARG B 271 -19.77 -1.01 31.30
CA ARG B 271 -20.99 -1.22 32.06
C ARG B 271 -21.96 -0.07 31.82
N ARG B 272 -21.45 1.17 31.84
CA ARG B 272 -22.30 2.34 31.67
C ARG B 272 -22.95 2.34 30.28
N LEU B 273 -22.16 2.06 29.24
CA LEU B 273 -22.58 2.20 27.86
C LEU B 273 -23.44 1.05 27.39
N GLY B 274 -23.51 -0.04 28.17
CA GLY B 274 -24.37 -1.17 27.85
C GLY B 274 -23.67 -2.22 26.99
N LEU B 275 -22.41 -2.00 26.62
CA LEU B 275 -21.65 -3.00 25.87
C LEU B 275 -21.09 -4.01 26.86
N ALA B 276 -21.44 -5.29 26.66
CA ALA B 276 -21.18 -6.33 27.63
C ALA B 276 -20.65 -7.58 26.94
N GLY B 277 -19.51 -7.44 26.25
CA GLY B 277 -18.76 -8.59 25.76
C GLY B 277 -18.57 -8.61 24.25
N GLU B 278 -18.54 -7.43 23.61
CA GLU B 278 -18.18 -7.34 22.20
C GLU B 278 -16.67 -7.17 22.03
N PHE B 279 -15.95 -6.97 23.13
CA PHE B 279 -14.51 -6.82 23.09
C PHE B 279 -13.81 -7.96 23.83
N LEU B 280 -12.56 -8.20 23.46
CA LEU B 280 -11.70 -9.13 24.16
C LEU B 280 -10.44 -8.40 24.59
N LEU B 281 -10.46 -7.87 25.82
CA LEU B 281 -9.34 -7.12 26.34
C LEU B 281 -8.14 -8.05 26.48
N LEU B 282 -6.99 -7.59 25.99
CA LEU B 282 -5.74 -8.32 26.08
C LEU B 282 -4.79 -7.51 26.93
N GLY B 283 -4.78 -7.82 28.23
CA GLY B 283 -4.10 -7.01 29.21
C GLY B 283 -2.58 -7.15 29.16
N SER B 284 -1.93 -6.53 30.15
CA SER B 284 -0.50 -6.64 30.34
C SER B 284 -0.24 -6.78 31.84
N ASP B 285 1.01 -6.58 32.29
CA ASP B 285 1.34 -6.77 33.69
C ASP B 285 0.91 -5.54 34.49
N GLY B 286 -0.31 -5.06 34.26
CA GLY B 286 -1.00 -4.18 35.17
C GLY B 286 -2.31 -4.80 35.61
N TRP B 287 -2.85 -5.64 34.72
CA TRP B 287 -4.05 -6.41 35.01
C TRP B 287 -3.67 -7.68 35.77
N ALA B 288 -2.87 -8.55 35.12
CA ALA B 288 -2.31 -9.75 35.74
C ALA B 288 -3.42 -10.54 36.43
N ASP B 289 -3.20 -10.92 37.69
CA ASP B 289 -4.12 -11.78 38.44
C ASP B 289 -5.01 -10.93 39.36
N ARG B 290 -4.91 -9.60 39.27
CA ARG B 290 -5.51 -8.72 40.26
C ARG B 290 -7.03 -8.88 40.25
N TYR B 291 -7.61 -8.95 41.46
CA TYR B 291 -9.06 -9.05 41.61
C TYR B 291 -9.69 -7.68 41.79
N ASP B 292 -8.91 -6.67 42.22
CA ASP B 292 -9.46 -5.37 42.55
C ASP B 292 -9.80 -4.58 41.29
N VAL B 293 -9.46 -5.09 40.10
CA VAL B 293 -9.76 -4.38 38.86
C VAL B 293 -11.01 -4.95 38.19
N THR B 294 -11.57 -6.05 38.72
CA THR B 294 -12.75 -6.66 38.12
C THR B 294 -13.86 -6.87 39.14
N ASP B 295 -13.69 -6.36 40.37
CA ASP B 295 -14.72 -6.46 41.40
C ASP B 295 -15.93 -5.64 40.97
N GLY B 296 -17.07 -6.33 40.80
CA GLY B 296 -18.33 -5.68 40.46
C GLY B 296 -18.55 -5.53 38.96
N TYR B 297 -17.56 -5.91 38.13
CA TYR B 297 -17.70 -5.79 36.68
C TYR B 297 -17.21 -7.07 36.01
N GLN B 298 -17.48 -8.21 36.65
CA GLN B 298 -16.98 -9.50 36.16
C GLN B 298 -17.65 -9.85 34.83
N ARG B 299 -18.91 -9.43 34.67
CA ARG B 299 -19.67 -9.74 33.46
C ARG B 299 -19.04 -9.10 32.22
N GLU B 300 -18.30 -8.00 32.39
CA GLU B 300 -17.81 -7.22 31.25
C GLU B 300 -16.42 -7.67 30.81
N ALA B 301 -15.61 -8.20 31.72
CA ALA B 301 -14.22 -8.54 31.42
C ALA B 301 -14.03 -10.02 31.12
N VAL B 302 -15.12 -10.80 31.09
CA VAL B 302 -15.02 -12.23 30.90
C VAL B 302 -14.45 -12.51 29.52
N GLY B 303 -13.46 -13.41 29.46
CA GLY B 303 -12.81 -13.79 28.21
C GLY B 303 -11.48 -13.08 27.99
N GLY B 304 -11.14 -12.12 28.84
CA GLY B 304 -9.89 -11.37 28.70
C GLY B 304 -8.66 -12.23 28.92
N ILE B 305 -7.58 -11.92 28.21
CA ILE B 305 -6.30 -12.60 28.39
C ILE B 305 -5.31 -11.61 29.00
N THR B 306 -4.63 -12.05 30.07
CA THR B 306 -3.68 -11.20 30.78
C THR B 306 -2.31 -11.89 30.80
N ILE B 307 -1.27 -11.13 31.18
CA ILE B 307 0.08 -11.66 31.25
C ILE B 307 0.66 -11.35 32.63
N LYS B 308 1.06 -12.38 33.39
CA LYS B 308 1.49 -12.21 34.78
C LYS B 308 2.91 -12.72 34.96
N LEU B 309 3.80 -11.90 35.50
CA LEU B 309 5.08 -12.38 36.01
C LEU B 309 4.84 -13.52 36.99
N GLN B 310 5.55 -14.65 36.81
CA GLN B 310 5.35 -15.80 37.66
C GLN B 310 6.08 -15.59 38.98
N SER B 311 5.40 -15.89 40.10
CA SER B 311 6.02 -15.91 41.42
C SER B 311 5.19 -16.76 42.38
N PRO B 312 5.71 -17.90 42.87
CA PRO B 312 4.98 -18.73 43.83
C PRO B 312 4.68 -17.96 45.11
N ASP B 313 3.54 -18.27 45.73
CA ASP B 313 3.13 -17.61 46.95
C ASP B 313 3.99 -18.08 48.11
N VAL B 314 4.56 -17.12 48.84
CA VAL B 314 5.29 -17.40 50.07
C VAL B 314 4.31 -17.84 51.15
N LYS B 315 4.81 -18.63 52.10
CA LYS B 315 3.95 -19.27 53.10
C LYS B 315 4.10 -18.59 54.46
N TRP B 316 5.35 -18.40 54.89
CA TRP B 316 5.63 -17.84 56.21
C TRP B 316 5.05 -16.44 56.35
N PHE B 317 4.97 -15.71 55.22
CA PHE B 317 4.37 -14.38 55.22
C PHE B 317 2.88 -14.48 55.52
N ASP B 318 2.18 -15.46 54.92
CA ASP B 318 0.77 -15.66 55.19
C ASP B 318 0.57 -16.02 56.66
N ASP B 319 1.41 -16.91 57.19
CA ASP B 319 1.26 -17.34 58.58
C ASP B 319 1.43 -16.16 59.53
N TYR B 320 2.38 -15.27 59.22
CA TYR B 320 2.62 -14.11 60.06
C TYR B 320 1.50 -13.08 59.91
N TYR B 321 0.99 -12.92 58.68
CA TYR B 321 0.09 -11.83 58.32
C TYR B 321 -1.32 -12.11 58.83
N LEU B 322 -1.80 -13.37 58.74
CA LEU B 322 -3.18 -13.66 59.08
C LEU B 322 -3.44 -13.44 60.57
N LYS B 323 -2.43 -13.66 61.41
CA LYS B 323 -2.62 -13.59 62.85
C LYS B 323 -2.65 -12.15 63.36
N LEU B 324 -2.37 -11.16 62.49
CA LEU B 324 -2.26 -9.77 62.91
C LEU B 324 -3.61 -9.25 63.40
N ARG B 325 -3.55 -8.39 64.42
CA ARG B 325 -4.71 -7.76 64.99
C ARG B 325 -4.43 -6.26 65.15
N PRO B 326 -5.46 -5.39 64.97
CA PRO B 326 -5.25 -3.95 65.12
C PRO B 326 -4.86 -3.51 66.52
N GLU B 327 -5.11 -4.35 67.54
CA GLU B 327 -4.77 -4.00 68.91
C GLU B 327 -3.26 -4.04 69.15
N THR B 328 -2.56 -4.97 68.49
CA THR B 328 -1.18 -5.25 68.81
C THR B 328 -0.22 -4.53 67.85
N ASN B 329 -0.55 -4.52 66.56
CA ASN B 329 0.37 -3.99 65.57
C ASN B 329 0.36 -2.46 65.63
N LEU B 330 1.27 -1.89 66.42
CA LEU B 330 1.41 -0.44 66.47
C LEU B 330 2.49 0.04 65.50
N ARG B 331 3.34 -0.88 65.00
CA ARG B 331 4.50 -0.49 64.23
C ARG B 331 4.13 -0.15 62.79
N ASN B 332 2.86 -0.30 62.42
CA ASN B 332 2.38 0.00 61.07
C ASN B 332 1.28 1.04 61.17
N PRO B 333 1.61 2.35 61.13
CA PRO B 333 0.63 3.41 61.39
C PRO B 333 -0.59 3.37 60.48
N TRP B 334 -0.47 2.70 59.33
CA TRP B 334 -1.58 2.60 58.40
C TRP B 334 -2.46 1.39 58.69
N PHE B 335 -2.16 0.60 59.72
CA PHE B 335 -2.85 -0.67 59.89
C PHE B 335 -4.29 -0.46 60.37
N GLN B 336 -4.48 0.48 61.30
CA GLN B 336 -5.79 0.70 61.89
C GLN B 336 -6.77 1.22 60.83
N GLU B 337 -6.30 2.16 59.99
CA GLU B 337 -7.13 2.72 58.94
C GLU B 337 -7.55 1.62 57.96
N PHE B 338 -6.59 0.78 57.58
CA PHE B 338 -6.88 -0.32 56.66
C PHE B 338 -7.87 -1.30 57.29
N TRP B 339 -7.69 -1.58 58.58
CA TRP B 339 -8.56 -2.50 59.29
C TRP B 339 -9.99 -1.99 59.27
N GLN B 340 -10.18 -0.70 59.54
CA GLN B 340 -11.50 -0.10 59.49
C GLN B 340 -12.04 -0.10 58.07
N HIS B 341 -11.17 0.06 57.07
CA HIS B 341 -11.62 0.17 55.68
C HIS B 341 -12.07 -1.19 55.13
N ARG B 342 -11.42 -2.27 55.56
CA ARG B 342 -11.71 -3.59 55.01
C ARG B 342 -13.04 -4.10 55.56
N PHE B 343 -13.11 -4.28 56.88
CA PHE B 343 -14.36 -4.62 57.54
C PHE B 343 -15.05 -3.30 57.91
N GLN B 344 -16.20 -3.02 57.28
CA GLN B 344 -16.81 -1.71 57.37
C GLN B 344 -17.34 -1.48 58.78
N CYS B 345 -16.47 -0.95 59.66
CA CYS B 345 -16.82 -0.67 61.03
C CYS B 345 -15.84 0.35 61.60
N ARG B 346 -15.90 0.60 62.91
CA ARG B 346 -15.04 1.60 63.53
C ARG B 346 -14.44 1.05 64.83
N LEU B 347 -13.28 1.59 65.20
CA LEU B 347 -12.59 1.24 66.43
C LEU B 347 -12.76 2.40 67.42
N GLU B 348 -13.21 2.07 68.63
CA GLU B 348 -13.51 3.09 69.64
C GLU B 348 -12.27 3.40 70.47
N GLY B 349 -11.57 2.35 70.95
CA GLY B 349 -10.49 2.52 71.92
C GLY B 349 -9.17 2.95 71.29
N PHE B 350 -9.22 3.54 70.09
CA PHE B 350 -8.02 3.97 69.40
C PHE B 350 -8.24 5.37 68.82
N PRO B 351 -7.18 6.19 68.70
CA PRO B 351 -7.32 7.56 68.20
C PRO B 351 -7.95 7.64 66.80
N GLN B 352 -7.63 6.68 65.93
CA GLN B 352 -8.12 6.68 64.56
C GLN B 352 -9.52 6.09 64.55
N GLU B 353 -10.46 6.81 65.16
CA GLU B 353 -11.84 6.35 65.28
C GLU B 353 -12.51 6.29 63.91
N ASN B 354 -12.37 7.39 63.15
CA ASN B 354 -12.94 7.49 61.81
C ASN B 354 -14.43 7.22 61.87
N SER B 355 -15.17 8.14 62.50
CA SER B 355 -16.59 7.96 62.81
C SER B 355 -17.45 7.85 61.56
N LYS B 356 -16.84 7.85 60.38
CA LYS B 356 -17.58 7.73 59.13
C LYS B 356 -18.36 6.41 59.11
N TYR B 357 -17.69 5.32 59.52
CA TYR B 357 -18.33 4.02 59.58
C TYR B 357 -19.24 3.99 60.81
N ASN B 358 -20.39 3.31 60.68
CA ASN B 358 -21.46 3.43 61.65
C ASN B 358 -21.32 2.36 62.74
N LYS B 359 -21.34 1.08 62.36
CA LYS B 359 -21.32 0.00 63.33
C LYS B 359 -19.91 -0.15 63.89
N THR B 360 -19.80 -0.97 64.96
CA THR B 360 -18.55 -1.15 65.68
C THR B 360 -18.01 -2.55 65.41
N CYS B 361 -16.69 -2.67 65.22
CA CYS B 361 -16.04 -3.94 64.99
C CYS B 361 -16.12 -4.81 66.25
N ASN B 362 -16.47 -6.08 66.06
CA ASN B 362 -16.47 -7.06 67.14
C ASN B 362 -15.11 -7.76 67.17
N SER B 363 -14.83 -8.45 68.28
CA SER B 363 -13.58 -9.15 68.45
C SER B 363 -13.64 -10.54 67.84
N SER B 364 -14.11 -10.63 66.58
CA SER B 364 -14.16 -11.91 65.88
C SER B 364 -13.76 -11.76 64.41
N LEU B 365 -13.54 -10.53 63.93
CA LEU B 365 -13.10 -10.29 62.57
C LEU B 365 -11.64 -10.70 62.43
N THR B 366 -11.31 -11.28 61.28
CA THR B 366 -9.95 -11.67 60.98
C THR B 366 -9.69 -11.55 59.48
N LEU B 367 -8.41 -11.45 59.12
CA LEU B 367 -8.02 -11.27 57.73
C LEU B 367 -8.06 -12.59 56.97
N LYS B 368 -8.36 -13.71 57.65
CA LYS B 368 -8.29 -15.02 57.02
C LYS B 368 -9.36 -15.15 55.93
N THR B 369 -10.53 -14.58 56.18
CA THR B 369 -11.65 -14.67 55.26
C THR B 369 -11.38 -13.82 54.02
N HIS B 370 -11.56 -14.43 52.85
CA HIS B 370 -11.38 -13.75 51.56
C HIS B 370 -9.97 -13.13 51.48
N HIS B 371 -8.97 -13.88 51.96
CA HIS B 371 -7.60 -13.42 51.95
C HIS B 371 -6.97 -13.75 50.61
N VAL B 372 -6.49 -12.72 49.91
CA VAL B 372 -5.74 -12.90 48.67
C VAL B 372 -4.37 -12.27 48.84
N GLN B 373 -3.32 -13.09 48.66
CA GLN B 373 -1.96 -12.59 48.63
C GLN B 373 -1.59 -12.31 47.17
N ASP B 374 -1.26 -11.05 46.89
CA ASP B 374 -1.04 -10.60 45.53
C ASP B 374 0.20 -11.26 44.95
N SER B 375 0.35 -11.17 43.62
CA SER B 375 1.62 -11.41 42.98
C SER B 375 2.64 -10.37 43.42
N LYS B 376 3.91 -10.58 43.05
CA LYS B 376 4.98 -9.65 43.33
C LYS B 376 5.28 -9.59 44.83
N MET B 377 4.68 -10.47 45.64
CA MET B 377 5.09 -10.57 47.04
C MET B 377 6.41 -11.33 47.13
N GLY B 378 6.65 -12.23 46.17
CA GLY B 378 7.97 -12.85 45.99
C GLY B 378 9.02 -11.80 45.64
N PHE B 379 8.67 -10.84 44.78
CA PHE B 379 9.63 -9.88 44.28
C PHE B 379 10.03 -8.87 45.34
N VAL B 380 9.09 -8.46 46.20
CA VAL B 380 9.41 -7.51 47.25
C VAL B 380 10.42 -8.12 48.21
N ILE B 381 10.15 -9.36 48.65
CA ILE B 381 11.03 -10.05 49.58
C ILE B 381 12.38 -10.30 48.89
N ASN B 382 12.35 -10.65 47.61
CA ASN B 382 13.57 -10.89 46.85
C ASN B 382 14.41 -9.62 46.79
N ALA B 383 13.78 -8.45 46.65
CA ALA B 383 14.50 -7.20 46.64
C ALA B 383 15.12 -6.93 48.01
N ILE B 384 14.31 -6.98 49.06
CA ILE B 384 14.76 -6.66 50.41
C ILE B 384 15.85 -7.65 50.83
N TYR B 385 15.92 -8.82 50.18
CA TYR B 385 17.02 -9.75 50.37
C TYR B 385 18.23 -9.29 49.56
N SER B 386 18.06 -9.10 48.25
CA SER B 386 19.16 -8.69 47.39
C SER B 386 19.96 -7.55 48.02
N MET B 387 19.24 -6.58 48.61
CA MET B 387 19.88 -5.47 49.29
C MET B 387 20.70 -6.00 50.47
N ALA B 388 20.12 -6.93 51.25
CA ALA B 388 20.78 -7.47 52.41
C ALA B 388 22.04 -8.23 51.99
N TYR B 389 21.94 -9.01 50.92
CA TYR B 389 23.07 -9.81 50.46
C TYR B 389 24.18 -8.92 49.90
N GLY B 390 23.82 -7.84 49.21
CA GLY B 390 24.78 -6.86 48.75
C GLY B 390 25.55 -6.25 49.93
N LEU B 391 24.81 -5.85 50.98
CA LEU B 391 25.43 -5.29 52.17
C LEU B 391 26.36 -6.32 52.81
N HIS B 392 25.92 -7.59 52.85
CA HIS B 392 26.70 -8.65 53.48
C HIS B 392 28.00 -8.89 52.71
N ASN B 393 27.90 -8.94 51.38
CA ASN B 393 29.07 -9.17 50.54
C ASN B 393 30.07 -8.04 50.71
N MET B 394 29.58 -6.79 50.71
CA MET B 394 30.47 -5.65 50.82
C MET B 394 31.09 -5.61 52.22
N GLN B 395 30.35 -6.03 53.25
CA GLN B 395 30.87 -6.09 54.61
C GLN B 395 31.99 -7.13 54.68
N MET B 396 31.77 -8.30 54.07
CA MET B 396 32.74 -9.39 54.09
C MET B 396 34.01 -8.96 53.35
N SER B 397 33.84 -8.20 52.25
CA SER B 397 34.97 -7.79 51.43
C SER B 397 35.80 -6.71 52.15
N LEU B 398 35.13 -5.70 52.72
CA LEU B 398 35.80 -4.52 53.22
C LEU B 398 36.66 -4.87 54.44
N CYS B 399 36.05 -5.52 55.44
CA CYS B 399 36.75 -5.88 56.67
C CYS B 399 36.48 -7.35 56.99
N PRO B 400 37.21 -8.29 56.36
CA PRO B 400 36.95 -9.72 56.56
C PRO B 400 37.12 -10.18 58.00
N GLY B 401 38.11 -9.60 58.69
CA GLY B 401 38.44 -9.98 60.06
C GLY B 401 37.35 -9.60 61.05
N TYR B 402 36.90 -8.34 60.97
CA TYR B 402 35.93 -7.83 61.93
C TYR B 402 34.55 -8.40 61.65
N ALA B 403 33.70 -8.42 62.68
CA ALA B 403 32.31 -8.81 62.55
C ALA B 403 31.41 -7.68 63.08
N GLY B 404 31.05 -6.76 62.19
CA GLY B 404 30.26 -5.59 62.57
C GLY B 404 30.59 -4.40 61.68
N LEU B 405 30.41 -3.19 62.20
CA LEU B 405 30.71 -1.97 61.47
C LEU B 405 32.16 -1.56 61.74
N CYS B 406 33.03 -1.90 60.79
CA CYS B 406 34.45 -1.58 60.91
C CYS B 406 34.67 -0.10 60.63
N ASP B 407 35.91 0.36 60.89
CA ASP B 407 36.26 1.76 60.72
C ASP B 407 36.14 2.17 59.25
N ALA B 408 36.45 1.24 58.34
CA ALA B 408 36.41 1.51 56.91
C ALA B 408 34.98 1.50 56.37
N MET B 409 33.97 1.42 57.25
CA MET B 409 32.58 1.30 56.84
C MET B 409 31.70 2.44 57.36
N LYS B 410 32.17 3.20 58.37
CA LYS B 410 31.31 4.13 59.08
C LYS B 410 30.59 5.07 58.11
N PRO B 411 31.27 5.73 57.14
CA PRO B 411 30.58 6.39 56.03
C PRO B 411 30.40 5.42 54.86
N ILE B 412 29.36 4.59 54.93
CA ILE B 412 29.10 3.59 53.90
C ILE B 412 29.04 4.30 52.54
N ASP B 413 29.95 3.91 51.64
CA ASP B 413 30.09 4.54 50.34
C ASP B 413 29.08 3.93 49.37
N GLY B 414 28.32 4.80 48.70
CA GLY B 414 27.32 4.37 47.74
C GLY B 414 27.92 3.59 46.56
N ARG B 415 29.11 4.04 46.12
CA ARG B 415 29.75 3.47 44.95
C ARG B 415 30.13 2.02 45.24
N LYS B 416 30.73 1.79 46.42
CA LYS B 416 31.13 0.45 46.81
C LYS B 416 29.92 -0.47 46.93
N LEU B 417 28.85 0.05 47.54
CA LEU B 417 27.63 -0.73 47.73
C LEU B 417 27.05 -1.14 46.38
N LEU B 418 27.03 -0.21 45.43
CA LEU B 418 26.48 -0.52 44.12
C LEU B 418 27.37 -1.51 43.39
N GLU B 419 28.70 -1.38 43.55
CA GLU B 419 29.63 -2.29 42.90
C GLU B 419 29.40 -3.72 43.41
N SER B 420 29.16 -3.86 44.72
CA SER B 420 28.93 -5.17 45.30
C SER B 420 27.54 -5.69 44.91
N LEU B 421 26.56 -4.77 44.77
CA LEU B 421 25.20 -5.16 44.46
C LEU B 421 25.07 -5.63 43.01
N MET B 422 25.90 -5.09 42.11
CA MET B 422 25.80 -5.42 40.70
C MET B 422 26.10 -6.90 40.48
N LYS B 423 26.99 -7.48 41.31
CA LYS B 423 27.45 -8.84 41.11
C LYS B 423 26.77 -9.80 42.09
N THR B 424 25.69 -9.34 42.75
CA THR B 424 25.01 -10.13 43.78
C THR B 424 24.32 -11.33 43.14
N ASN B 425 24.21 -12.43 43.90
CA ASN B 425 23.78 -13.71 43.36
C ASN B 425 23.41 -14.63 44.53
N PHE B 426 22.12 -14.97 44.65
CA PHE B 426 21.64 -15.75 45.78
C PHE B 426 20.41 -16.55 45.36
N THR B 427 19.86 -17.31 46.30
CA THR B 427 18.64 -18.07 46.05
C THR B 427 17.45 -17.34 46.67
N GLY B 428 16.43 -17.08 45.86
CA GLY B 428 15.23 -16.40 46.31
C GLY B 428 14.33 -17.32 47.13
N VAL B 429 13.21 -16.75 47.58
CA VAL B 429 12.22 -17.51 48.34
C VAL B 429 11.60 -18.59 47.46
N SER B 430 11.39 -18.27 46.17
CA SER B 430 10.80 -19.20 45.22
C SER B 430 11.73 -20.37 44.93
N GLY B 431 13.03 -20.24 45.23
CA GLY B 431 13.97 -21.33 45.03
C GLY B 431 14.88 -21.10 43.83
N ASP B 432 14.46 -20.23 42.89
CA ASP B 432 15.30 -19.84 41.77
C ASP B 432 16.41 -18.91 42.28
N THR B 433 17.39 -18.61 41.41
CA THR B 433 18.53 -17.78 41.79
C THR B 433 18.40 -16.41 41.14
N ILE B 434 18.96 -15.39 41.81
CA ILE B 434 18.84 -14.01 41.37
C ILE B 434 20.22 -13.50 40.98
N LEU B 435 20.32 -13.01 39.74
CA LEU B 435 21.54 -12.38 39.26
C LEU B 435 21.19 -11.17 38.41
N PHE B 436 21.94 -10.08 38.62
CA PHE B 436 21.79 -8.89 37.80
C PHE B 436 22.85 -8.90 36.71
N ASP B 437 22.40 -8.80 35.45
CA ASP B 437 23.29 -8.69 34.31
C ASP B 437 23.81 -7.25 34.24
N GLU B 438 24.44 -6.88 33.11
CA GLU B 438 25.10 -5.59 32.99
C GLU B 438 24.10 -4.43 33.06
N ASN B 439 22.81 -4.71 32.86
CA ASN B 439 21.78 -3.67 32.85
C ASN B 439 21.05 -3.57 34.19
N GLY B 440 21.54 -4.27 35.22
CA GLY B 440 20.86 -4.31 36.50
C GLY B 440 19.47 -4.94 36.40
N ASP B 441 19.40 -6.06 35.69
CA ASP B 441 18.13 -6.69 35.36
C ASP B 441 18.20 -8.17 35.73
N SER B 442 17.03 -8.77 36.01
CA SER B 442 16.97 -10.18 36.37
C SER B 442 16.02 -10.92 35.43
N PRO B 443 16.32 -12.18 35.02
CA PRO B 443 15.49 -12.86 34.03
C PRO B 443 14.21 -13.37 34.67
N GLY B 444 13.20 -13.66 33.85
CA GLY B 444 11.88 -14.00 34.37
C GLY B 444 11.03 -14.73 33.33
N ARG B 445 9.95 -15.38 33.83
CA ARG B 445 9.03 -16.16 33.02
C ARG B 445 7.62 -15.60 33.20
N TYR B 446 6.83 -15.58 32.12
CA TYR B 446 5.48 -15.04 32.16
C TYR B 446 4.49 -16.21 32.24
N GLU B 447 3.24 -15.90 32.61
CA GLU B 447 2.18 -16.89 32.80
C GLU B 447 0.86 -16.30 32.33
N ILE B 448 0.35 -16.79 31.19
CA ILE B 448 -0.72 -16.12 30.46
C ILE B 448 -2.08 -16.51 31.05
N MET B 449 -2.58 -15.71 32.00
CA MET B 449 -3.81 -16.00 32.72
C MET B 449 -5.01 -15.75 31.79
N ASN B 450 -6.18 -16.23 32.20
CA ASN B 450 -7.40 -16.03 31.45
C ASN B 450 -8.55 -15.88 32.43
N PHE B 451 -9.46 -14.94 32.13
CA PHE B 451 -10.61 -14.67 32.95
C PHE B 451 -11.82 -15.40 32.38
N LYS B 452 -12.30 -16.42 33.10
CA LYS B 452 -13.44 -17.21 32.65
C LYS B 452 -14.50 -17.25 33.74
N GLU B 453 -15.60 -17.94 33.43
CA GLU B 453 -16.71 -18.13 34.36
C GLU B 453 -16.86 -19.61 34.65
N MET B 454 -16.44 -20.03 35.85
CA MET B 454 -16.52 -21.43 36.25
C MET B 454 -17.98 -21.85 36.40
N GLY B 455 -18.68 -21.21 37.35
CA GLY B 455 -20.06 -21.55 37.66
C GLY B 455 -20.96 -20.32 37.58
N LYS B 456 -22.20 -20.45 38.05
CA LYS B 456 -23.13 -19.33 38.04
C LYS B 456 -22.66 -18.27 39.04
N ASP B 457 -22.47 -17.04 38.53
CA ASP B 457 -22.02 -15.91 39.33
C ASP B 457 -20.73 -16.28 40.07
N TYR B 458 -19.79 -16.90 39.35
CA TYR B 458 -18.49 -17.24 39.91
C TYR B 458 -17.42 -17.04 38.85
N PHE B 459 -16.53 -16.08 39.09
CA PHE B 459 -15.47 -15.75 38.16
C PHE B 459 -14.14 -15.74 38.90
N ASP B 460 -13.09 -16.22 38.21
CA ASP B 460 -11.75 -16.21 38.74
C ASP B 460 -10.77 -16.47 37.59
N TYR B 461 -9.49 -16.16 37.82
CA TYR B 461 -8.48 -16.26 36.79
C TYR B 461 -7.98 -17.70 36.68
N ILE B 462 -7.93 -18.20 35.45
CA ILE B 462 -7.48 -19.56 35.18
C ILE B 462 -6.17 -19.49 34.42
N ASN B 463 -5.14 -20.11 35.01
CA ASN B 463 -3.83 -20.22 34.36
C ASN B 463 -3.98 -21.10 33.12
N VAL B 464 -3.47 -20.62 31.98
CA VAL B 464 -3.68 -21.28 30.71
C VAL B 464 -2.34 -21.64 30.07
N GLY B 465 -1.47 -20.63 29.93
CA GLY B 465 -0.26 -20.79 29.14
C GLY B 465 1.01 -20.45 29.92
N SER B 466 2.06 -20.13 29.15
CA SER B 466 3.33 -19.64 29.68
C SER B 466 4.14 -19.07 28.53
N TRP B 467 5.26 -18.40 28.85
CA TRP B 467 6.17 -17.82 27.87
C TRP B 467 7.49 -17.58 28.59
N ASP B 468 8.51 -18.39 28.30
CA ASP B 468 9.85 -18.20 28.84
C ASP B 468 10.85 -18.28 27.69
N ASN B 469 11.52 -17.16 27.41
CA ASN B 469 12.53 -17.09 26.36
C ASN B 469 11.93 -17.57 25.04
N GLY B 470 11.03 -16.75 24.49
CA GLY B 470 10.54 -16.89 23.12
C GLY B 470 9.67 -18.12 22.88
N GLU B 471 9.62 -19.04 23.85
CA GLU B 471 8.84 -20.26 23.72
C GLU B 471 7.60 -20.14 24.59
N LEU B 472 6.42 -20.15 23.96
CA LEU B 472 5.17 -20.09 24.69
C LEU B 472 4.42 -21.41 24.54
N LYS B 473 4.15 -22.03 25.69
CA LYS B 473 3.26 -23.19 25.75
C LYS B 473 1.86 -22.67 26.08
N MET B 474 0.88 -23.07 25.29
CA MET B 474 -0.47 -22.56 25.45
C MET B 474 -1.47 -23.71 25.44
N ASP B 475 -2.42 -23.68 26.38
CA ASP B 475 -3.47 -24.67 26.47
C ASP B 475 -4.67 -24.17 25.66
N ASP B 476 -4.62 -24.38 24.34
CA ASP B 476 -5.63 -23.87 23.43
C ASP B 476 -7.01 -24.47 23.72
N ASP B 477 -7.06 -25.60 24.44
CA ASP B 477 -8.32 -26.23 24.77
C ASP B 477 -9.05 -25.45 25.85
N GLU B 478 -8.29 -24.98 26.87
CA GLU B 478 -8.89 -24.35 28.04
C GLU B 478 -9.56 -23.04 27.62
N VAL B 479 -8.82 -22.20 26.89
CA VAL B 479 -9.39 -21.00 26.29
C VAL B 479 -10.31 -21.42 25.15
N TRP B 480 -11.54 -20.90 25.16
CA TRP B 480 -12.52 -21.19 24.12
C TRP B 480 -12.79 -22.70 24.04
N SER B 481 -13.42 -23.23 25.09
CA SER B 481 -13.68 -24.66 25.18
C SER B 481 -14.76 -25.06 24.16
N LYS B 482 -14.42 -24.88 22.88
CA LYS B 482 -15.30 -25.11 21.75
C LYS B 482 -14.50 -24.80 20.48
N LYS B 483 -15.16 -24.89 19.32
CA LYS B 483 -14.52 -24.57 18.05
C LYS B 483 -14.97 -23.20 17.55
N SER B 484 -15.96 -22.59 18.20
CA SER B 484 -16.41 -21.25 17.87
C SER B 484 -15.70 -20.25 18.79
N ASN B 485 -14.43 -19.97 18.49
CA ASN B 485 -13.62 -19.05 19.27
C ASN B 485 -14.05 -17.62 18.98
N ILE B 486 -13.32 -16.65 19.55
CA ILE B 486 -13.59 -15.25 19.30
C ILE B 486 -13.47 -14.97 17.81
N ILE B 487 -14.36 -14.11 17.31
CA ILE B 487 -14.34 -13.70 15.91
C ILE B 487 -12.95 -13.14 15.61
N ARG B 488 -12.37 -13.60 14.50
CA ARG B 488 -11.05 -13.17 14.10
C ARG B 488 -11.04 -11.65 13.96
N SER B 489 -10.04 -11.01 14.56
CA SER B 489 -9.85 -9.58 14.43
C SER B 489 -9.11 -9.28 13.12
N VAL B 490 -9.85 -9.33 12.01
CA VAL B 490 -9.29 -9.11 10.68
C VAL B 490 -10.14 -8.07 9.97
N CYS B 491 -9.50 -7.34 9.05
CA CYS B 491 -10.18 -6.28 8.32
C CYS B 491 -10.94 -6.86 7.13
N SER B 492 -10.33 -7.85 6.45
CA SER B 492 -10.95 -8.50 5.31
C SER B 492 -10.68 -10.00 5.34
N GLU B 493 -11.63 -10.78 4.82
CA GLU B 493 -11.51 -12.22 4.78
C GLU B 493 -10.37 -12.62 3.85
N PRO B 494 -9.79 -13.83 4.05
CA PRO B 494 -8.70 -14.31 3.18
C PRO B 494 -9.11 -14.34 1.71
N CYS B 495 -8.47 -13.49 0.92
CA CYS B 495 -8.82 -13.26 -0.47
C CYS B 495 -7.87 -14.04 -1.38
N GLU B 496 -8.04 -15.36 -1.43
CA GLU B 496 -7.21 -16.20 -2.28
C GLU B 496 -8.02 -17.31 -2.97
N LYS B 497 -9.35 -17.19 -3.07
CA LYS B 497 -10.15 -18.20 -3.71
C LYS B 497 -10.09 -18.00 -5.24
N GLY B 498 -8.96 -18.41 -5.82
CA GLY B 498 -8.81 -18.46 -7.26
C GLY B 498 -8.15 -17.20 -7.83
N GLN B 499 -8.74 -16.67 -8.90
CA GLN B 499 -8.10 -15.68 -9.74
C GLN B 499 -8.05 -14.31 -9.05
N ILE B 500 -8.79 -14.12 -7.94
CA ILE B 500 -8.82 -12.81 -7.29
C ILE B 500 -7.43 -12.49 -6.73
N LYS B 501 -7.09 -11.19 -6.62
CA LYS B 501 -5.73 -10.71 -6.33
C LYS B 501 -5.83 -9.35 -5.63
N VAL B 502 -5.33 -9.25 -4.38
CA VAL B 502 -5.73 -8.19 -3.45
C VAL B 502 -5.15 -6.84 -3.92
N ILE B 503 -5.94 -5.77 -3.82
CA ILE B 503 -5.45 -4.41 -4.01
C ILE B 503 -5.71 -3.59 -2.75
N ARG B 504 -4.68 -2.88 -2.26
CA ARG B 504 -4.72 -2.15 -1.00
C ARG B 504 -4.93 -0.67 -1.28
N LYS B 505 -5.85 -0.03 -0.54
CA LYS B 505 -6.44 1.25 -0.93
C LYS B 505 -5.79 2.42 -0.21
N GLY B 506 -4.56 2.24 0.29
CA GLY B 506 -3.78 3.33 0.86
C GLY B 506 -3.75 3.29 2.39
N GLU B 507 -4.81 2.72 3.00
CA GLU B 507 -4.94 2.66 4.46
C GLU B 507 -4.24 1.40 4.98
N VAL B 508 -4.43 1.05 6.26
CA VAL B 508 -3.75 -0.07 6.89
C VAL B 508 -3.58 -1.21 5.89
N SER B 509 -2.34 -1.71 5.75
CA SER B 509 -1.95 -2.64 4.69
C SER B 509 -2.70 -3.97 4.78
N CYS B 510 -3.66 -4.07 5.70
CA CYS B 510 -4.33 -5.33 6.01
C CYS B 510 -5.84 -5.17 5.80
N CYS B 511 -6.20 -4.14 5.02
CA CYS B 511 -7.53 -3.99 4.44
C CYS B 511 -7.44 -4.08 2.92
N TRP B 512 -7.94 -5.17 2.32
CA TRP B 512 -7.81 -5.39 0.88
C TRP B 512 -9.16 -5.67 0.24
N THR B 513 -9.29 -5.43 -1.07
CA THR B 513 -10.46 -5.84 -1.82
C THR B 513 -10.10 -7.04 -2.70
N CYS B 514 -11.14 -7.68 -3.25
CA CYS B 514 -11.00 -8.97 -3.91
C CYS B 514 -11.19 -8.85 -5.42
N THR B 515 -10.58 -7.82 -6.03
CA THR B 515 -10.67 -7.63 -7.47
C THR B 515 -10.22 -8.88 -8.20
N PRO B 516 -11.02 -9.43 -9.14
CA PRO B 516 -10.61 -10.62 -9.88
C PRO B 516 -9.81 -10.27 -11.13
N CYS B 517 -8.69 -10.98 -11.35
CA CYS B 517 -7.93 -10.82 -12.57
C CYS B 517 -8.65 -11.54 -13.71
N LYS B 518 -8.10 -11.44 -14.93
CA LYS B 518 -8.74 -12.03 -16.10
C LYS B 518 -8.14 -13.41 -16.36
N GLU B 519 -8.83 -14.18 -17.21
CA GLU B 519 -8.48 -15.56 -17.50
C GLU B 519 -7.11 -15.67 -18.16
N ASN B 520 -6.67 -14.63 -18.87
CA ASN B 520 -5.41 -14.68 -19.60
C ASN B 520 -4.22 -14.66 -18.64
N GLU B 521 -4.33 -13.89 -17.55
CA GLU B 521 -3.23 -13.73 -16.61
C GLU B 521 -3.34 -14.72 -15.47
N TYR B 522 -2.22 -14.88 -14.75
CA TYR B 522 -2.17 -15.68 -13.53
C TYR B 522 -1.54 -14.82 -12.44
N VAL B 523 -1.92 -15.09 -11.19
CA VAL B 523 -1.46 -14.31 -10.05
C VAL B 523 0.05 -14.46 -9.93
N PHE B 524 0.75 -13.32 -9.97
CA PHE B 524 2.21 -13.32 -9.99
C PHE B 524 2.70 -13.39 -8.54
N ASP B 525 2.26 -12.43 -7.74
CA ASP B 525 2.63 -12.36 -6.32
C ASP B 525 1.38 -12.51 -5.45
N GLU B 526 0.54 -11.48 -5.45
CA GLU B 526 -0.64 -11.37 -4.60
C GLU B 526 -1.22 -9.97 -4.79
N TYR B 527 -0.46 -9.11 -5.48
CA TYR B 527 -0.92 -7.74 -5.76
C TYR B 527 -0.73 -7.43 -7.25
N THR B 528 -0.09 -8.34 -7.98
CA THR B 528 0.02 -8.25 -9.45
C THR B 528 -0.33 -9.58 -10.10
N CYS B 529 -1.07 -9.55 -11.22
CA CYS B 529 -1.32 -10.72 -12.05
C CYS B 529 -0.83 -10.45 -13.48
N LYS B 530 0.03 -11.34 -14.01
CA LYS B 530 0.75 -11.06 -15.24
C LYS B 530 0.27 -11.99 -16.34
N ALA B 531 0.25 -11.45 -17.57
CA ALA B 531 -0.24 -12.19 -18.72
C ALA B 531 0.76 -13.28 -19.09
N CYS B 532 0.25 -14.35 -19.69
CA CYS B 532 1.08 -15.46 -20.15
C CYS B 532 1.73 -15.08 -21.48
N GLN B 533 2.46 -16.02 -22.08
CA GLN B 533 3.08 -15.81 -23.38
C GLN B 533 1.99 -15.77 -24.45
N LEU B 534 2.38 -15.45 -25.69
CA LEU B 534 1.42 -15.36 -26.78
C LEU B 534 0.78 -16.73 -27.00
N GLY B 535 1.61 -17.78 -27.04
CA GLY B 535 1.12 -19.14 -26.96
C GLY B 535 1.39 -19.74 -25.58
N SER B 536 0.37 -19.70 -24.72
CA SER B 536 0.49 -20.17 -23.34
C SER B 536 -0.87 -20.05 -22.66
N TRP B 537 -0.97 -20.61 -21.45
CA TRP B 537 -2.18 -20.52 -20.67
C TRP B 537 -1.84 -20.74 -19.20
N PRO B 538 -2.49 -20.04 -18.25
CA PRO B 538 -2.27 -20.32 -16.83
C PRO B 538 -2.74 -21.73 -16.48
N THR B 539 -1.98 -22.38 -15.59
CA THR B 539 -2.29 -23.73 -15.17
C THR B 539 -3.46 -23.70 -14.19
N ASP B 540 -3.77 -24.85 -13.59
CA ASP B 540 -4.87 -24.96 -12.64
C ASP B 540 -4.53 -24.17 -11.38
N ASP B 541 -5.56 -23.60 -10.74
CA ASP B 541 -5.44 -22.81 -9.52
C ASP B 541 -4.60 -21.55 -9.72
N LEU B 542 -4.34 -21.18 -10.98
CA LEU B 542 -3.65 -19.94 -11.35
C LEU B 542 -2.25 -19.85 -10.72
N THR B 543 -1.65 -21.00 -10.40
CA THR B 543 -0.38 -21.03 -9.70
C THR B 543 0.72 -20.53 -10.62
N GLY B 544 0.71 -21.01 -11.87
CA GLY B 544 1.70 -20.64 -12.85
C GLY B 544 1.16 -20.74 -14.28
N CYS B 545 2.07 -20.75 -15.24
CA CYS B 545 1.72 -20.78 -16.65
C CYS B 545 2.47 -21.93 -17.34
N ASP B 546 1.79 -22.58 -18.28
CA ASP B 546 2.35 -23.70 -19.01
C ASP B 546 1.95 -23.61 -20.47
N LEU B 547 2.71 -24.29 -21.33
CA LEU B 547 2.49 -24.25 -22.77
C LEU B 547 1.16 -24.91 -23.12
N ILE B 548 0.38 -24.22 -23.95
CA ILE B 548 -0.86 -24.77 -24.48
C ILE B 548 -0.54 -25.96 -25.39
N PRO B 549 -1.32 -27.06 -25.33
CA PRO B 549 -1.15 -28.17 -26.26
C PRO B 549 -1.31 -27.72 -27.71
N VAL B 550 -0.46 -28.25 -28.60
CA VAL B 550 -0.51 -27.86 -30.00
C VAL B 550 -1.57 -28.70 -30.70
N GLN B 551 -2.25 -28.09 -31.69
CA GLN B 551 -3.29 -28.76 -32.45
C GLN B 551 -2.88 -28.76 -33.92
N TYR B 552 -3.02 -29.91 -34.57
CA TYR B 552 -2.80 -30.03 -36.01
C TYR B 552 -3.89 -30.91 -36.62
N LEU B 553 -3.84 -31.04 -37.94
CA LEU B 553 -4.75 -31.92 -38.68
C LEU B 553 -4.28 -33.35 -38.51
N ARG B 554 -4.85 -34.03 -37.51
CA ARG B 554 -4.49 -35.40 -37.21
C ARG B 554 -4.92 -36.32 -38.35
N TRP B 555 -4.11 -37.34 -38.63
CA TRP B 555 -4.51 -38.42 -39.51
C TRP B 555 -5.76 -39.10 -38.95
N GLY B 556 -6.78 -39.19 -39.80
CA GLY B 556 -8.12 -39.54 -39.36
C GLY B 556 -9.06 -38.36 -39.54
N ASP B 557 -9.86 -38.03 -38.50
CA ASP B 557 -10.67 -36.81 -38.46
C ASP B 557 -11.77 -36.88 -39.51
N PRO B 558 -12.84 -36.06 -39.45
CA PRO B 558 -13.91 -36.14 -40.44
C PRO B 558 -13.52 -35.81 -41.89
N GLU B 559 -12.93 -34.63 -42.10
CA GLU B 559 -12.76 -34.08 -43.45
C GLU B 559 -11.56 -34.68 -44.17
N PRO B 560 -10.39 -34.90 -43.52
CA PRO B 560 -9.27 -35.55 -44.20
C PRO B 560 -9.54 -36.97 -44.73
N ILE B 561 -10.50 -37.70 -44.14
CA ILE B 561 -10.92 -38.97 -44.73
C ILE B 561 -11.64 -38.72 -46.04
N ALA B 562 -12.53 -37.72 -46.06
CA ALA B 562 -13.24 -37.36 -47.27
C ALA B 562 -12.26 -36.90 -48.34
N ALA B 563 -11.11 -36.35 -47.94
CA ALA B 563 -10.08 -35.94 -48.88
C ALA B 563 -9.31 -37.16 -49.40
N VAL B 564 -8.84 -38.02 -48.49
CA VAL B 564 -7.93 -39.10 -48.85
C VAL B 564 -8.66 -40.17 -49.65
N VAL B 565 -9.95 -40.41 -49.35
CA VAL B 565 -10.71 -41.39 -50.12
C VAL B 565 -10.86 -40.89 -51.56
N PHE B 566 -11.12 -39.59 -51.73
CA PHE B 566 -11.23 -38.98 -53.05
C PHE B 566 -9.90 -39.13 -53.79
N ALA B 567 -8.78 -38.85 -53.09
CA ALA B 567 -7.47 -38.96 -53.69
C ALA B 567 -7.17 -40.39 -54.13
N CYS B 568 -7.53 -41.36 -53.28
CA CYS B 568 -7.23 -42.77 -53.55
C CYS B 568 -8.06 -43.26 -54.74
N LEU B 569 -9.34 -42.87 -54.79
CA LEU B 569 -10.18 -43.32 -55.90
C LEU B 569 -9.69 -42.66 -57.19
N GLY B 570 -9.26 -41.41 -57.11
CA GLY B 570 -8.67 -40.73 -58.25
C GLY B 570 -7.39 -41.43 -58.73
N LEU B 571 -6.55 -41.88 -57.79
CA LEU B 571 -5.33 -42.59 -58.13
C LEU B 571 -5.67 -43.90 -58.84
N LEU B 572 -6.69 -44.62 -58.34
CA LEU B 572 -7.10 -45.86 -58.96
C LEU B 572 -7.60 -45.59 -60.39
N ALA B 573 -8.38 -44.51 -60.55
CA ALA B 573 -8.92 -44.16 -61.86
C ALA B 573 -7.80 -43.83 -62.84
N THR B 574 -6.80 -43.07 -62.40
CA THR B 574 -5.71 -42.67 -63.28
C THR B 574 -4.81 -43.85 -63.59
N LEU B 575 -4.64 -44.78 -62.64
CA LEU B 575 -3.90 -46.01 -62.92
C LEU B 575 -4.63 -46.84 -63.97
N PHE B 576 -5.96 -46.92 -63.87
CA PHE B 576 -6.78 -47.59 -64.86
C PHE B 576 -6.61 -46.92 -66.22
N VAL B 577 -6.62 -45.59 -66.25
CA VAL B 577 -6.50 -44.83 -67.48
C VAL B 577 -5.14 -45.09 -68.13
N THR B 578 -4.06 -45.10 -67.33
CA THR B 578 -2.73 -45.33 -67.87
C THR B 578 -2.58 -46.77 -68.35
N VAL B 579 -3.28 -47.71 -67.69
CA VAL B 579 -3.29 -49.09 -68.12
C VAL B 579 -3.95 -49.19 -69.50
N VAL B 580 -5.08 -48.50 -69.68
CA VAL B 580 -5.74 -48.44 -70.98
C VAL B 580 -4.81 -47.81 -72.02
N PHE B 581 -4.12 -46.72 -71.64
CA PHE B 581 -3.21 -46.04 -72.55
C PHE B 581 -2.12 -46.99 -73.04
N ILE B 582 -1.47 -47.71 -72.12
CA ILE B 582 -0.37 -48.59 -72.47
C ILE B 582 -0.87 -49.80 -73.27
N ILE B 583 -2.08 -50.28 -72.96
CA ILE B 583 -2.68 -51.38 -73.69
C ILE B 583 -2.96 -50.96 -75.14
N TYR B 584 -3.63 -49.82 -75.32
CA TYR B 584 -3.90 -49.27 -76.63
C TYR B 584 -2.80 -48.30 -77.05
N ARG B 585 -1.55 -48.78 -77.01
CA ARG B 585 -0.39 -47.95 -77.29
C ARG B 585 -0.38 -47.52 -78.75
N ASP B 586 -0.69 -48.45 -79.66
CA ASP B 586 -0.51 -48.23 -81.10
C ASP B 586 -1.86 -48.14 -81.81
N THR B 587 -2.96 -48.01 -81.06
CA THR B 587 -4.28 -47.96 -81.69
C THR B 587 -4.41 -46.65 -82.46
N PRO B 588 -4.81 -46.69 -83.76
CA PRO B 588 -4.91 -45.47 -84.56
C PRO B 588 -5.92 -44.43 -84.04
N VAL B 589 -6.98 -44.91 -83.36
CA VAL B 589 -8.02 -44.00 -82.90
C VAL B 589 -7.47 -43.11 -81.79
N VAL B 590 -6.41 -43.56 -81.10
CA VAL B 590 -5.78 -42.78 -80.06
C VAL B 590 -4.43 -42.22 -80.52
N LYS B 591 -3.90 -42.74 -81.64
CA LYS B 591 -2.59 -42.31 -82.13
C LYS B 591 -2.78 -41.12 -83.08
N SER B 592 -3.50 -40.10 -82.60
CA SER B 592 -3.71 -38.88 -83.36
C SER B 592 -2.82 -37.76 -82.81
N SER B 593 -2.91 -37.52 -81.50
CA SER B 593 -2.06 -36.54 -80.83
C SER B 593 -0.79 -37.24 -80.33
N SER B 594 0.13 -36.46 -79.74
CA SER B 594 1.35 -37.01 -79.17
C SER B 594 1.02 -37.87 -77.96
N ARG B 595 1.37 -39.16 -78.04
CA ARG B 595 1.08 -40.12 -76.97
C ARG B 595 1.82 -39.71 -75.71
N GLU B 596 3.06 -39.23 -75.85
CA GLU B 596 3.86 -38.78 -74.72
C GLU B 596 3.23 -37.53 -74.09
N LEU B 597 2.65 -36.67 -74.92
CA LEU B 597 1.91 -35.52 -74.42
C LEU B 597 0.74 -35.99 -73.57
N CYS B 598 0.03 -37.02 -74.05
CA CYS B 598 -1.09 -37.60 -73.32
C CYS B 598 -0.61 -38.52 -72.19
N TYR B 599 0.70 -38.52 -71.91
CA TYR B 599 1.27 -39.25 -70.79
C TYR B 599 1.67 -38.26 -69.69
N ILE B 600 2.48 -37.26 -70.05
CA ILE B 600 2.96 -36.29 -69.08
C ILE B 600 1.78 -35.71 -68.31
N ILE B 601 0.60 -35.59 -68.95
CA ILE B 601 -0.60 -35.15 -68.26
C ILE B 601 -0.88 -36.09 -67.09
N LEU B 602 -1.04 -37.38 -67.36
CA LEU B 602 -1.51 -38.32 -66.35
C LEU B 602 -0.44 -38.51 -65.27
N ALA B 603 0.84 -38.44 -65.64
CA ALA B 603 1.92 -38.53 -64.66
C ALA B 603 1.82 -37.37 -63.67
N GLY B 604 1.61 -36.15 -64.19
CA GLY B 604 1.42 -34.97 -63.36
C GLY B 604 0.18 -35.07 -62.49
N ILE B 605 -0.89 -35.66 -63.05
CA ILE B 605 -2.11 -35.88 -62.29
C ILE B 605 -1.82 -36.78 -61.09
N CYS B 606 -1.07 -37.86 -61.32
CA CYS B 606 -0.70 -38.78 -60.27
C CYS B 606 0.12 -38.08 -59.19
N LEU B 607 1.07 -37.22 -59.62
CA LEU B 607 1.93 -36.52 -58.65
C LEU B 607 1.10 -35.54 -57.83
N GLY B 608 0.17 -34.84 -58.49
CA GLY B 608 -0.73 -33.92 -57.82
C GLY B 608 -1.66 -34.65 -56.85
N TYR B 609 -1.97 -35.91 -57.15
CA TYR B 609 -2.78 -36.72 -56.25
C TYR B 609 -1.99 -37.06 -54.99
N LEU B 610 -0.73 -37.47 -55.16
CA LEU B 610 0.11 -37.77 -54.00
C LEU B 610 0.45 -36.48 -53.25
N CYS B 611 0.33 -35.32 -53.92
CA CYS B 611 0.47 -34.02 -53.28
C CYS B 611 -0.54 -33.85 -52.15
N THR B 612 -1.78 -34.30 -52.38
CA THR B 612 -2.81 -34.22 -51.37
C THR B 612 -2.40 -35.04 -50.15
N PHE B 613 -1.91 -36.26 -50.39
CA PHE B 613 -1.49 -37.13 -49.30
C PHE B 613 -0.34 -36.50 -48.51
N CYS B 614 0.64 -35.93 -49.22
CA CYS B 614 1.79 -35.33 -48.55
C CYS B 614 1.42 -33.98 -47.93
N LEU B 615 0.21 -33.46 -48.21
CA LEU B 615 -0.25 -32.21 -47.65
C LEU B 615 -0.97 -32.45 -46.33
N ILE B 616 -1.98 -33.32 -46.33
CA ILE B 616 -2.69 -33.67 -45.10
C ILE B 616 -1.88 -34.75 -44.37
N ALA B 617 -1.03 -34.29 -43.45
CA ALA B 617 -0.19 -35.18 -42.66
C ALA B 617 0.34 -34.39 -41.47
N LYS B 618 1.03 -35.10 -40.56
CA LYS B 618 1.65 -34.44 -39.43
C LYS B 618 2.74 -33.50 -39.94
N PRO B 619 2.64 -32.18 -39.67
CA PRO B 619 3.63 -31.23 -40.17
C PRO B 619 5.05 -31.61 -39.77
N LYS B 620 5.96 -31.59 -40.76
CA LYS B 620 7.33 -31.97 -40.53
C LYS B 620 8.22 -31.21 -41.52
N GLN B 621 9.52 -31.18 -41.20
CA GLN B 621 10.51 -30.54 -42.06
C GLN B 621 10.53 -31.21 -43.43
N ILE B 622 10.51 -32.54 -43.45
CA ILE B 622 10.72 -33.32 -44.65
C ILE B 622 9.50 -33.25 -45.57
N TYR B 623 8.33 -32.84 -45.05
CA TYR B 623 7.07 -33.03 -45.77
C TYR B 623 6.64 -31.80 -46.56
N CYS B 624 6.79 -30.59 -45.99
CA CYS B 624 6.06 -29.45 -46.54
C CYS B 624 6.74 -28.89 -47.78
N TYR B 625 8.06 -29.08 -47.96
CA TYR B 625 8.69 -28.67 -49.21
C TYR B 625 8.22 -29.56 -50.36
N LEU B 626 8.04 -30.86 -50.08
CA LEU B 626 7.49 -31.78 -51.06
C LEU B 626 6.04 -31.40 -51.34
N GLN B 627 5.30 -30.97 -50.30
CA GLN B 627 3.95 -30.49 -50.47
C GLN B 627 3.90 -29.27 -51.40
N ARG B 628 4.82 -28.32 -51.21
CA ARG B 628 4.90 -27.14 -52.05
C ARG B 628 5.21 -27.55 -53.50
N ILE B 629 6.14 -28.48 -53.68
CA ILE B 629 6.47 -28.97 -55.02
C ILE B 629 5.24 -29.57 -55.68
N GLY B 630 4.49 -30.37 -54.93
CA GLY B 630 3.29 -31.01 -55.43
C GLY B 630 2.23 -30.00 -55.88
N ILE B 631 1.91 -29.03 -55.02
CA ILE B 631 0.90 -28.04 -55.36
C ILE B 631 1.37 -27.19 -56.54
N GLY B 632 2.69 -26.96 -56.64
CA GLY B 632 3.25 -26.15 -57.70
C GLY B 632 3.20 -26.82 -59.07
N LEU B 633 3.99 -27.90 -59.26
CA LEU B 633 4.36 -28.31 -60.61
C LEU B 633 3.20 -28.97 -61.36
N SER B 634 2.45 -29.85 -60.69
CA SER B 634 1.45 -30.68 -61.36
C SER B 634 0.43 -29.83 -62.12
N PRO B 635 -0.32 -28.90 -61.47
CA PRO B 635 -1.31 -28.12 -62.18
C PRO B 635 -0.68 -27.07 -63.08
N ALA B 636 0.66 -27.03 -63.15
CA ALA B 636 1.34 -26.23 -64.15
C ALA B 636 1.71 -27.09 -65.36
N MET B 637 2.38 -28.21 -65.12
CA MET B 637 2.94 -29.02 -66.20
C MET B 637 1.84 -29.71 -66.99
N SER B 638 0.81 -30.22 -66.30
CA SER B 638 -0.29 -30.90 -66.97
C SER B 638 -1.07 -29.92 -67.83
N TYR B 639 -1.34 -28.73 -67.27
CA TYR B 639 -2.08 -27.71 -67.99
C TYR B 639 -1.24 -27.13 -69.12
N SER B 640 0.08 -27.10 -68.96
CA SER B 640 0.97 -26.62 -70.01
C SER B 640 1.01 -27.60 -71.17
N ALA B 641 0.97 -28.91 -70.87
CA ALA B 641 0.86 -29.92 -71.91
C ALA B 641 -0.46 -29.74 -72.66
N LEU B 642 -1.54 -29.45 -71.92
CA LEU B 642 -2.83 -29.16 -72.54
C LEU B 642 -2.71 -27.92 -73.43
N VAL B 643 -2.00 -26.89 -72.96
CA VAL B 643 -1.79 -25.66 -73.72
C VAL B 643 -1.06 -25.96 -75.03
N THR B 644 -0.03 -26.80 -74.97
CA THR B 644 0.74 -27.14 -76.15
C THR B 644 -0.12 -27.91 -77.13
N LYS B 645 -0.96 -28.83 -76.62
CA LYS B 645 -1.85 -29.61 -77.46
C LYS B 645 -2.82 -28.68 -78.18
N THR B 646 -3.39 -27.72 -77.45
CA THR B 646 -4.32 -26.75 -78.03
C THR B 646 -3.59 -25.87 -79.05
N ASN B 647 -2.35 -25.50 -78.73
CA ASN B 647 -1.50 -24.77 -79.66
C ASN B 647 -1.38 -25.50 -81.00
N ARG B 648 -1.02 -26.78 -80.93
CA ARG B 648 -0.82 -27.58 -82.13
C ARG B 648 -2.11 -27.65 -82.92
N ILE B 649 -3.24 -27.94 -82.25
CA ILE B 649 -4.51 -28.11 -82.93
C ILE B 649 -4.91 -26.81 -83.62
N ALA B 650 -4.81 -25.69 -82.90
CA ALA B 650 -5.24 -24.40 -83.43
C ALA B 650 -4.36 -23.99 -84.60
N ARG B 651 -3.04 -24.24 -84.50
CA ARG B 651 -2.11 -23.82 -85.53
C ARG B 651 -2.31 -24.67 -86.80
N ILE B 652 -2.62 -25.96 -86.63
CA ILE B 652 -2.85 -26.81 -87.78
C ILE B 652 -4.25 -26.55 -88.34
N LEU B 653 -5.13 -25.91 -87.57
CA LEU B 653 -6.47 -25.58 -88.04
C LEU B 653 -6.67 -24.06 -87.97
N SER B 669 6.38 -27.25 -84.43
CA SER B 669 5.59 -28.50 -84.55
C SER B 669 6.51 -29.71 -84.44
N ALA B 670 6.19 -30.78 -85.17
CA ALA B 670 6.96 -32.02 -85.15
C ALA B 670 7.06 -32.53 -83.72
N CYS B 671 8.21 -33.07 -83.33
CA CYS B 671 8.42 -33.63 -82.01
C CYS B 671 8.90 -32.56 -81.02
N ALA B 672 9.07 -31.32 -81.48
CA ALA B 672 9.59 -30.24 -80.64
C ALA B 672 8.55 -29.80 -79.61
N GLN B 673 7.29 -30.21 -79.80
CA GLN B 673 6.19 -29.79 -78.95
C GLN B 673 6.31 -30.45 -77.57
N LEU B 674 6.67 -31.74 -77.54
CA LEU B 674 7.02 -32.39 -76.29
C LEU B 674 8.15 -31.61 -75.61
N VAL B 675 9.10 -31.11 -76.41
CA VAL B 675 10.21 -30.32 -75.92
C VAL B 675 9.68 -28.98 -75.38
N ILE B 676 8.89 -28.27 -76.17
CA ILE B 676 8.41 -26.96 -75.73
C ILE B 676 7.67 -27.15 -74.41
N ALA B 677 6.95 -28.26 -74.26
CA ALA B 677 6.28 -28.58 -73.00
C ALA B 677 7.30 -28.56 -71.87
N PHE B 678 8.36 -29.38 -71.99
CA PHE B 678 9.38 -29.47 -70.97
C PHE B 678 9.91 -28.07 -70.60
N ILE B 679 10.22 -27.26 -71.61
CA ILE B 679 10.77 -25.92 -71.36
C ILE B 679 9.72 -25.06 -70.64
N LEU B 680 8.45 -25.19 -71.05
CA LEU B 680 7.37 -24.43 -70.46
C LEU B 680 7.20 -24.81 -68.99
N ILE B 681 7.15 -26.13 -68.72
CA ILE B 681 7.15 -26.64 -67.36
C ILE B 681 8.24 -25.94 -66.56
N CYS B 682 9.48 -25.98 -67.09
CA CYS B 682 10.67 -25.59 -66.35
C CYS B 682 10.62 -24.13 -65.94
N ILE B 683 10.07 -23.26 -66.79
CA ILE B 683 9.88 -21.86 -66.46
C ILE B 683 9.47 -21.76 -64.97
N GLN B 684 8.61 -22.69 -64.56
CA GLN B 684 8.01 -22.70 -63.25
C GLN B 684 8.94 -23.32 -62.22
N LEU B 685 9.68 -24.37 -62.60
CA LEU B 685 10.62 -25.01 -61.69
C LEU B 685 11.66 -24.00 -61.21
N GLY B 686 12.19 -23.18 -62.13
CA GLY B 686 13.10 -22.11 -61.79
C GLY B 686 12.49 -21.10 -60.81
N ILE B 687 11.25 -20.70 -61.09
CA ILE B 687 10.53 -19.74 -60.26
C ILE B 687 10.40 -20.28 -58.83
N ILE B 688 9.97 -21.54 -58.71
CA ILE B 688 9.69 -22.11 -57.40
C ILE B 688 11.00 -22.38 -56.66
N VAL B 689 12.08 -22.72 -57.39
CA VAL B 689 13.37 -22.92 -56.76
C VAL B 689 13.90 -21.59 -56.24
N ALA B 690 13.68 -20.50 -56.98
CA ALA B 690 14.04 -19.17 -56.52
C ALA B 690 13.28 -18.82 -55.26
N LEU B 691 11.97 -19.11 -55.24
CA LEU B 691 11.13 -18.86 -54.07
C LEU B 691 11.56 -19.73 -52.89
N PHE B 692 12.14 -20.90 -53.17
CA PHE B 692 12.58 -21.83 -52.14
C PHE B 692 13.65 -21.21 -51.23
N ILE B 693 14.40 -20.21 -51.72
CA ILE B 693 15.54 -19.68 -50.98
C ILE B 693 15.03 -18.82 -49.83
N MET B 694 14.27 -17.76 -50.13
CA MET B 694 13.82 -16.82 -49.13
C MET B 694 12.74 -17.48 -48.25
N GLU B 695 12.16 -18.59 -48.71
CA GLU B 695 11.11 -19.28 -47.96
C GLU B 695 11.49 -20.75 -47.81
N PRO B 696 12.45 -21.07 -46.91
CA PRO B 696 12.88 -22.45 -46.73
C PRO B 696 11.85 -23.18 -45.87
N PRO B 697 11.70 -24.52 -46.03
CA PRO B 697 10.68 -25.26 -45.28
C PRO B 697 11.03 -25.42 -43.81
N ASP B 698 10.32 -24.69 -42.95
CA ASP B 698 10.54 -24.78 -41.50
C ASP B 698 9.25 -24.41 -40.78
N ILE B 699 8.88 -25.22 -39.78
CA ILE B 699 7.58 -25.11 -39.13
C ILE B 699 7.60 -23.94 -38.16
N MET B 700 6.55 -23.12 -38.21
CA MET B 700 6.33 -22.10 -37.19
C MET B 700 4.95 -22.28 -36.56
N HIS B 701 4.81 -21.87 -35.31
CA HIS B 701 3.55 -21.96 -34.60
C HIS B 701 2.67 -20.76 -34.91
N ASP B 702 1.37 -21.02 -35.12
CA ASP B 702 0.41 -19.98 -35.43
C ASP B 702 -0.54 -19.80 -34.24
N TYR B 703 -0.89 -18.54 -33.96
CA TYR B 703 -1.76 -18.21 -32.84
C TYR B 703 -2.87 -17.30 -33.32
N PRO B 704 -3.94 -17.83 -33.93
CA PRO B 704 -5.07 -17.01 -34.38
C PRO B 704 -5.77 -16.34 -33.20
N SER B 705 -5.94 -17.09 -32.10
CA SER B 705 -6.48 -16.57 -30.85
C SER B 705 -5.58 -16.98 -29.69
N ILE B 706 -5.86 -16.43 -28.51
CA ILE B 706 -5.04 -16.64 -27.33
C ILE B 706 -5.12 -18.10 -26.86
N ARG B 707 -6.12 -18.87 -27.34
CA ARG B 707 -6.43 -20.14 -26.71
C ARG B 707 -5.92 -21.33 -27.52
N GLU B 708 -5.79 -21.16 -28.84
CA GLU B 708 -5.40 -22.26 -29.71
C GLU B 708 -4.07 -21.94 -30.41
N VAL B 709 -3.33 -23.01 -30.73
CA VAL B 709 -2.05 -22.90 -31.41
C VAL B 709 -1.99 -23.98 -32.48
N TYR B 710 -1.56 -23.59 -33.70
CA TYR B 710 -1.40 -24.53 -34.80
C TYR B 710 0.03 -24.42 -35.33
N LEU B 711 0.55 -25.53 -35.87
CA LEU B 711 1.90 -25.54 -36.43
C LEU B 711 1.82 -25.73 -37.94
N ILE B 712 2.48 -24.84 -38.66
CA ILE B 712 2.62 -24.93 -40.11
C ILE B 712 4.01 -24.43 -40.47
N CYS B 713 4.48 -24.79 -41.67
CA CYS B 713 5.82 -24.40 -42.08
C CYS B 713 5.75 -23.06 -42.82
N ASN B 714 6.86 -22.67 -43.46
CA ASN B 714 7.12 -21.29 -43.85
C ASN B 714 6.28 -20.85 -45.05
N THR B 715 5.20 -21.58 -45.36
CA THR B 715 4.30 -21.19 -46.45
C THR B 715 3.74 -19.82 -46.16
N THR B 716 3.80 -18.93 -47.16
CA THR B 716 3.37 -17.54 -47.02
C THR B 716 2.51 -17.17 -48.23
N ASN B 717 1.77 -16.05 -48.10
CA ASN B 717 0.88 -15.56 -49.14
C ASN B 717 1.68 -15.26 -50.41
N LEU B 718 2.81 -14.58 -50.26
CA LEU B 718 3.66 -14.20 -51.39
C LEU B 718 4.26 -15.44 -52.05
N GLY B 719 4.59 -16.45 -51.24
CA GLY B 719 5.22 -17.67 -51.74
C GLY B 719 4.26 -18.62 -52.43
N VAL B 720 2.95 -18.36 -52.31
CA VAL B 720 1.92 -19.22 -52.88
C VAL B 720 1.24 -18.51 -54.06
N VAL B 721 1.10 -17.19 -54.00
CA VAL B 721 0.38 -16.44 -55.01
C VAL B 721 1.14 -16.48 -56.33
N ALA B 722 2.48 -16.43 -56.27
CA ALA B 722 3.30 -16.34 -57.48
C ALA B 722 3.14 -17.60 -58.35
N PRO B 723 3.32 -18.84 -57.83
CA PRO B 723 3.09 -20.02 -58.66
C PRO B 723 1.63 -20.13 -59.09
N LEU B 724 0.71 -19.77 -58.18
CA LEU B 724 -0.71 -19.77 -58.52
C LEU B 724 -0.99 -18.71 -59.58
N GLY B 725 -0.30 -17.58 -59.50
CA GLY B 725 -0.40 -16.53 -60.50
C GLY B 725 0.03 -17.02 -61.88
N TYR B 726 1.15 -17.76 -61.93
CA TYR B 726 1.67 -18.29 -63.18
C TYR B 726 0.69 -19.32 -63.75
N ASN B 727 0.14 -20.18 -62.88
CA ASN B 727 -0.83 -21.17 -63.31
C ASN B 727 -2.06 -20.47 -63.88
N GLY B 728 -2.50 -19.39 -63.22
CA GLY B 728 -3.63 -18.59 -63.67
C GLY B 728 -3.37 -17.96 -65.04
N LEU B 729 -2.14 -17.48 -65.25
CA LEU B 729 -1.73 -16.90 -66.53
C LEU B 729 -1.78 -17.96 -67.62
N LEU B 730 -1.34 -19.18 -67.32
CA LEU B 730 -1.40 -20.28 -68.27
C LEU B 730 -2.86 -20.60 -68.60
N ILE B 731 -3.72 -20.58 -67.58
CA ILE B 731 -5.14 -20.86 -67.78
C ILE B 731 -5.75 -19.80 -68.70
N LEU B 732 -5.41 -18.52 -68.46
CA LEU B 732 -5.94 -17.44 -69.27
C LEU B 732 -5.42 -17.55 -70.70
N ALA B 733 -4.17 -18.00 -70.87
CA ALA B 733 -3.59 -18.19 -72.19
C ALA B 733 -4.37 -19.26 -72.94
N CYS B 734 -4.71 -20.38 -72.26
CA CYS B 734 -5.37 -21.47 -72.95
C CYS B 734 -6.87 -21.19 -73.11
N THR B 735 -7.42 -20.22 -72.37
CA THR B 735 -8.79 -19.78 -72.60
C THR B 735 -8.95 -19.26 -74.03
N PHE B 736 -7.94 -18.54 -74.53
CA PHE B 736 -7.99 -18.01 -75.89
C PHE B 736 -8.11 -19.15 -76.90
N TYR B 737 -7.33 -20.22 -76.71
CA TYR B 737 -7.35 -21.35 -77.63
C TYR B 737 -8.64 -22.15 -77.49
N ALA B 738 -9.21 -22.18 -76.28
CA ALA B 738 -10.52 -22.79 -76.07
C ALA B 738 -11.58 -22.01 -76.84
N PHE B 739 -11.49 -20.68 -76.76
CA PHE B 739 -12.39 -19.79 -77.49
C PHE B 739 -12.14 -19.86 -79.00
N LYS B 740 -10.98 -20.39 -79.42
CA LYS B 740 -10.68 -20.53 -80.83
C LYS B 740 -11.27 -21.83 -81.39
N THR B 741 -11.14 -22.93 -80.64
CA THR B 741 -11.54 -24.24 -81.13
C THR B 741 -13.07 -24.36 -81.20
N ARG B 742 -13.75 -23.86 -80.16
CA ARG B 742 -15.19 -24.01 -80.02
C ARG B 742 -15.58 -25.49 -80.15
N ASN B 743 -16.19 -25.83 -81.30
CA ASN B 743 -16.61 -27.20 -81.59
C ASN B 743 -16.02 -27.56 -82.96
N VAL B 744 -14.78 -28.03 -82.96
CA VAL B 744 -14.11 -28.49 -84.16
C VAL B 744 -14.33 -29.99 -84.28
N PRO B 745 -14.80 -30.51 -85.44
CA PRO B 745 -14.93 -31.95 -85.64
C PRO B 745 -13.57 -32.65 -85.59
N ALA B 746 -13.35 -33.42 -84.51
CA ALA B 746 -12.10 -34.12 -84.26
C ALA B 746 -12.40 -35.58 -83.93
N ASN B 747 -11.36 -36.31 -83.51
CA ASN B 747 -11.53 -37.69 -83.10
C ASN B 747 -12.46 -37.74 -81.89
N PHE B 748 -13.71 -38.18 -82.12
CA PHE B 748 -14.71 -38.37 -81.08
C PHE B 748 -15.06 -37.06 -80.38
N ASN B 749 -14.79 -35.93 -81.04
CA ASN B 749 -15.15 -34.61 -80.53
C ASN B 749 -14.49 -34.37 -79.17
N GLU B 750 -13.16 -34.46 -79.13
CA GLU B 750 -12.41 -34.31 -77.89
C GLU B 750 -12.44 -32.85 -77.44
N ALA B 751 -12.16 -31.93 -78.38
CA ALA B 751 -12.00 -30.52 -78.07
C ALA B 751 -13.27 -29.95 -77.41
N LYS B 752 -14.43 -30.46 -77.83
CA LYS B 752 -15.70 -29.97 -77.31
C LYS B 752 -15.81 -30.29 -75.82
N TYR B 753 -15.35 -31.47 -75.42
CA TYR B 753 -15.39 -31.84 -74.01
C TYR B 753 -14.30 -31.11 -73.21
N ILE B 754 -13.11 -30.96 -73.81
CA ILE B 754 -11.99 -30.38 -73.07
C ILE B 754 -12.24 -28.90 -72.80
N ALA B 755 -12.90 -28.20 -73.74
CA ALA B 755 -13.20 -26.79 -73.56
C ALA B 755 -14.12 -26.60 -72.35
N PHE B 756 -15.18 -27.42 -72.27
CA PHE B 756 -16.12 -27.35 -71.16
C PHE B 756 -15.41 -27.71 -69.86
N ALA B 757 -14.52 -28.72 -69.91
CA ALA B 757 -13.78 -29.15 -68.74
C ALA B 757 -12.94 -28.00 -68.20
N MET B 758 -12.21 -27.32 -69.08
CA MET B 758 -11.33 -26.23 -68.67
C MET B 758 -12.15 -25.04 -68.14
N TYR B 759 -13.32 -24.79 -68.76
CA TYR B 759 -14.20 -23.74 -68.29
C TYR B 759 -14.66 -24.04 -66.86
N THR B 760 -15.02 -25.30 -66.59
CA THR B 760 -15.46 -25.69 -65.27
C THR B 760 -14.31 -25.56 -64.26
N THR B 761 -13.10 -25.94 -64.69
CA THR B 761 -11.94 -25.85 -63.82
C THR B 761 -11.67 -24.39 -63.43
N CYS B 762 -11.88 -23.46 -64.38
CA CYS B 762 -11.67 -22.05 -64.11
C CYS B 762 -12.55 -21.58 -62.94
N ILE B 763 -13.85 -21.87 -63.03
CA ILE B 763 -14.80 -21.39 -62.03
C ILE B 763 -14.56 -22.10 -60.69
N ILE B 764 -14.24 -23.40 -60.74
CA ILE B 764 -13.96 -24.15 -59.52
C ILE B 764 -12.74 -23.55 -58.83
N ALA B 765 -11.72 -23.17 -59.62
CA ALA B 765 -10.51 -22.60 -59.07
C ALA B 765 -10.79 -21.25 -58.41
N LEU B 766 -11.53 -20.38 -59.10
CA LEU B 766 -11.75 -19.02 -58.60
C LEU B 766 -12.80 -19.00 -57.49
N ALA B 767 -13.54 -20.11 -57.28
CA ALA B 767 -14.61 -20.12 -56.31
C ALA B 767 -14.10 -20.16 -54.87
N PHE B 768 -12.93 -20.78 -54.66
CA PHE B 768 -12.50 -21.16 -53.32
C PHE B 768 -11.58 -20.11 -52.68
N VAL B 769 -11.33 -18.99 -53.37
CA VAL B 769 -10.34 -18.03 -52.92
C VAL B 769 -10.76 -17.32 -51.63
N PRO B 770 -12.05 -16.95 -51.41
CA PRO B 770 -12.42 -16.23 -50.19
C PRO B 770 -12.12 -17.03 -48.92
N ILE B 771 -12.29 -18.35 -49.00
CA ILE B 771 -12.04 -19.22 -47.84
C ILE B 771 -10.54 -19.24 -47.59
N TYR B 772 -9.75 -19.42 -48.66
CA TYR B 772 -8.32 -19.62 -48.51
C TYR B 772 -7.64 -18.35 -48.01
N PHE B 773 -8.16 -17.17 -48.39
CA PHE B 773 -7.56 -15.92 -47.96
C PHE B 773 -7.68 -15.79 -46.44
N GLY B 774 -8.89 -15.98 -45.92
CA GLY B 774 -9.13 -15.92 -44.48
C GLY B 774 -9.80 -17.18 -43.95
N SER B 775 -9.01 -18.01 -43.24
CA SER B 775 -9.51 -19.21 -42.58
C SER B 775 -8.37 -19.88 -41.82
N ASN B 776 -8.72 -20.95 -41.11
CA ASN B 776 -7.75 -21.84 -40.49
C ASN B 776 -7.70 -23.18 -41.23
N TYR B 777 -8.46 -23.30 -42.34
CA TYR B 777 -8.54 -24.54 -43.08
C TYR B 777 -7.75 -24.45 -44.38
N LYS B 778 -6.58 -23.78 -44.35
CA LYS B 778 -5.82 -23.52 -45.57
C LYS B 778 -5.41 -24.85 -46.22
N ALA B 779 -4.88 -25.77 -45.42
CA ALA B 779 -4.32 -27.02 -45.95
C ALA B 779 -5.42 -27.85 -46.61
N ILE B 780 -6.52 -28.08 -45.89
CA ILE B 780 -7.59 -28.94 -46.39
C ILE B 780 -8.25 -28.29 -47.61
N THR B 781 -8.36 -26.95 -47.62
CA THR B 781 -8.93 -26.25 -48.75
C THR B 781 -8.04 -26.42 -49.98
N MET B 782 -6.71 -26.32 -49.79
CA MET B 782 -5.77 -26.51 -50.89
C MET B 782 -5.90 -27.93 -51.45
N CYS B 783 -5.99 -28.91 -50.54
CA CYS B 783 -6.09 -30.31 -50.94
C CYS B 783 -7.35 -30.53 -51.76
N PHE B 784 -8.49 -30.03 -51.25
CA PHE B 784 -9.77 -30.17 -51.93
C PHE B 784 -9.73 -29.47 -53.28
N SER B 785 -9.14 -28.27 -53.34
CA SER B 785 -9.11 -27.50 -54.58
C SER B 785 -8.32 -28.24 -55.64
N VAL B 786 -7.15 -28.79 -55.26
CA VAL B 786 -6.33 -29.52 -56.21
C VAL B 786 -7.08 -30.76 -56.69
N SER B 787 -7.71 -31.49 -55.76
CA SER B 787 -8.39 -32.73 -56.10
C SER B 787 -9.54 -32.47 -57.06
N LEU B 788 -10.33 -31.42 -56.79
CA LEU B 788 -11.51 -31.13 -57.60
C LEU B 788 -11.08 -30.50 -58.93
N SER B 789 -9.97 -29.75 -58.96
CA SER B 789 -9.43 -29.25 -60.21
C SER B 789 -9.04 -30.43 -61.09
N ALA B 790 -8.47 -31.47 -60.46
CA ALA B 790 -8.26 -32.73 -61.15
C ALA B 790 -9.56 -33.53 -61.20
N THR B 791 -9.52 -34.72 -61.78
CA THR B 791 -10.69 -35.58 -61.95
C THR B 791 -11.72 -34.94 -62.88
N VAL B 792 -11.38 -33.77 -63.47
CA VAL B 792 -12.28 -33.07 -64.36
C VAL B 792 -11.71 -33.09 -65.77
N LEU B 793 -10.45 -32.67 -65.92
CA LEU B 793 -9.81 -32.67 -67.22
C LEU B 793 -9.65 -34.11 -67.73
N LEU B 794 -9.29 -35.03 -66.84
CA LEU B 794 -9.15 -36.42 -67.24
C LEU B 794 -10.52 -36.99 -67.61
N GLY B 795 -11.56 -36.58 -66.87
CA GLY B 795 -12.92 -37.00 -67.13
C GLY B 795 -13.43 -36.61 -68.52
N CYS B 796 -12.77 -35.63 -69.17
CA CYS B 796 -13.17 -35.16 -70.48
C CYS B 796 -12.06 -35.32 -71.53
N MET B 797 -10.82 -35.54 -71.11
CA MET B 797 -9.70 -35.68 -72.04
C MET B 797 -9.39 -37.16 -72.27
N PHE B 798 -9.69 -38.02 -71.29
CA PHE B 798 -9.30 -39.42 -71.38
C PHE B 798 -10.49 -40.36 -71.23
N VAL B 799 -11.47 -40.00 -70.39
CA VAL B 799 -12.59 -40.89 -70.11
C VAL B 799 -13.40 -41.16 -71.38
N PRO B 800 -13.82 -40.15 -72.18
CA PRO B 800 -14.58 -40.45 -73.40
C PRO B 800 -13.81 -41.34 -74.38
N LYS B 801 -12.49 -41.15 -74.45
CA LYS B 801 -11.65 -41.97 -75.30
C LYS B 801 -11.70 -43.42 -74.81
N VAL B 802 -11.60 -43.61 -73.49
CA VAL B 802 -11.69 -44.95 -72.93
C VAL B 802 -13.14 -45.42 -72.96
N TYR B 803 -14.10 -44.49 -72.88
CA TYR B 803 -15.52 -44.83 -72.92
C TYR B 803 -15.86 -45.49 -74.26
N ILE B 804 -15.30 -44.98 -75.37
CA ILE B 804 -15.61 -45.53 -76.69
C ILE B 804 -14.53 -46.52 -77.13
N ILE B 805 -13.44 -46.68 -76.36
CA ILE B 805 -12.37 -47.59 -76.73
C ILE B 805 -12.83 -49.05 -76.69
N LEU B 806 -13.99 -49.30 -76.08
CA LEU B 806 -14.58 -50.63 -76.03
C LEU B 806 -15.32 -50.96 -77.33
N ALA B 807 -15.50 -49.97 -78.22
CA ALA B 807 -16.26 -50.17 -79.45
C ALA B 807 -15.49 -49.63 -80.66
C1 NAG C . 3.69 22.79 -6.66
C2 NAG C . 2.20 22.79 -6.93
C3 NAG C . 1.62 24.17 -6.63
C4 NAG C . 2.43 25.27 -7.31
C5 NAG C . 3.90 25.14 -6.93
C6 NAG C . 4.46 26.35 -6.20
C7 NAG C . 1.17 21.31 -8.61
C8 NAG C . 1.05 21.03 -10.08
N2 NAG C . 1.91 22.38 -8.29
O3 NAG C . 1.58 24.35 -5.23
O4 NAG C . 2.30 25.12 -8.72
O5 NAG C . 4.07 24.02 -6.04
O6 NAG C . 5.84 26.18 -5.92
O7 NAG C . 0.64 20.60 -7.78
C01 QUS D . 13.69 24.05 23.37
C02 QUS D . 14.82 24.62 22.50
C03 QUS D . 16.09 24.83 23.33
C04 QUS D . 17.69 26.34 22.07
C05 QUS D . 19.07 24.83 21.27
NP3 QUS D . 14.39 25.91 21.90
N14 QUS D . 17.24 25.15 22.50
N15 QUS D . 18.82 26.14 21.32
O16 QUS D . 12.61 24.69 23.39
O17 QUS D . 13.92 22.98 23.97
O18 QUS D . 17.19 27.43 22.31
O19 QUS D . 19.96 24.23 20.71
O20 QUS D . 18.12 24.16 22.00
C1 NAG E . -4.84 -19.45 12.46
C2 NAG E . -3.53 -20.04 11.98
C3 NAG E . -3.16 -21.24 12.85
C4 NAG E . -4.37 -22.13 13.09
C5 NAG E . -5.50 -21.34 13.73
C6 NAG E . -5.80 -21.74 15.16
C7 NAG E . -3.13 -19.68 9.57
C8 NAG E . -3.41 -20.20 8.20
N2 NAG E . -3.60 -20.42 10.58
O3 NAG E . -2.62 -20.77 14.08
O4 NAG E . -4.81 -22.65 11.84
O5 NAG E . -5.15 -19.94 13.76
O6 NAG E . -6.59 -20.73 15.80
O7 NAG E . -2.52 -18.63 9.76
C01 QUS F . 5.16 -0.76 35.53
C02 QUS F . 3.90 -1.49 36.01
C03 QUS F . 3.41 -0.95 37.35
C04 QUS F . 1.85 -2.67 38.37
C05 QUS F . -0.09 -1.66 38.00
NP3 QUS F . 4.18 -2.95 36.12
N14 QUS F . 2.12 -1.51 37.74
N15 QUS F . 0.49 -2.76 38.52
O16 QUS F . 5.08 0.48 35.42
O17 QUS F . 6.17 -1.45 35.32
O18 QUS F . 2.66 -3.49 38.75
O19 QUS F . -1.26 -1.37 37.92
O20 QUS F . 0.89 -0.86 37.49
#